data_5QP4
# 
_entry.id   5QP4 
# 
_audit_conform.dict_name       mmcif_pdbx.dic 
_audit_conform.dict_version    5.387 
_audit_conform.dict_location   http://mmcif.pdb.org/dictionaries/ascii/mmcif_pdbx.dic 
# 
loop_
_database_2.database_id 
_database_2.database_code 
_database_2.pdbx_database_accession 
_database_2.pdbx_DOI 
PDB   5QP4         pdb_00005qp4 10.2210/pdb5qp4/pdb 
WWPDB D_1001402229 ?            ?                   
# 
loop_
_pdbx_audit_revision_history.ordinal 
_pdbx_audit_revision_history.data_content_type 
_pdbx_audit_revision_history.major_revision 
_pdbx_audit_revision_history.minor_revision 
_pdbx_audit_revision_history.revision_date 
1 'Structure model' 1 0 2019-05-08 
2 'Structure model' 1 1 2019-11-20 
3 'Structure model' 1 2 2024-03-06 
# 
_pdbx_audit_revision_details.ordinal             1 
_pdbx_audit_revision_details.revision_ordinal    1 
_pdbx_audit_revision_details.data_content_type   'Structure model' 
_pdbx_audit_revision_details.provider            repository 
_pdbx_audit_revision_details.type                'Initial release' 
_pdbx_audit_revision_details.description         ? 
_pdbx_audit_revision_details.details             ? 
# 
loop_
_pdbx_audit_revision_group.ordinal 
_pdbx_audit_revision_group.revision_ordinal 
_pdbx_audit_revision_group.data_content_type 
_pdbx_audit_revision_group.group 
1 2 'Structure model' 'Data collection'     
2 3 'Structure model' 'Data collection'     
3 3 'Structure model' 'Database references' 
# 
loop_
_pdbx_audit_revision_category.ordinal 
_pdbx_audit_revision_category.revision_ordinal 
_pdbx_audit_revision_category.data_content_type 
_pdbx_audit_revision_category.category 
1 2 'Structure model' diffrn_source  
2 3 'Structure model' chem_comp_atom 
3 3 'Structure model' chem_comp_bond 
4 3 'Structure model' database_2     
# 
loop_
_pdbx_audit_revision_item.ordinal 
_pdbx_audit_revision_item.revision_ordinal 
_pdbx_audit_revision_item.data_content_type 
_pdbx_audit_revision_item.item 
1 2 'Structure model' '_diffrn_source.pdbx_synchrotron_beamline' 
2 2 'Structure model' '_diffrn_source.type'                      
3 3 'Structure model' '_database_2.pdbx_DOI'                     
4 3 'Structure model' '_database_2.pdbx_database_accession'      
# 
_pdbx_database_status.entry_id                        5QP4 
_pdbx_database_status.status_code                     REL 
_pdbx_database_status.status_code_sf                  REL 
_pdbx_database_status.status_code_mr                  ? 
_pdbx_database_status.status_code_cs                  ? 
_pdbx_database_status.recvd_initial_deposition_date   2019-02-22 
_pdbx_database_status.deposit_site                    RCSB 
_pdbx_database_status.process_site                    RCSB 
_pdbx_database_status.SG_entry                        ? 
_pdbx_database_status.pdb_format_compatible           Y 
_pdbx_database_status.methods_development_category    ? 
_pdbx_database_status.status_code_nmr_data            ? 
# 
loop_
_audit_author.name 
_audit_author.pdbx_ordinal 
_audit_author.identifier_ORCID 
'Nelson, E.R.'      1  ? 
'Velupillai, S.'    2  ? 
'Talon, R.'         3  ? 
'Collins, P.M.'     4  ? 
'Krojer, T.'        5  ? 
'Wang, D.'          6  ? 
'Brandao-Neto, J.'  7  ? 
'Douangamath, A.'   8  ? 
'Burgess-Brown, N.' 9  ? 
'Arrowsmith, C.H.'  10 ? 
'Bountra, C.'       11 ? 
'Huber, K.'         12 ? 
'von Delft, F.'     13 ? 
# 
_citation.id                        primary 
_citation.title                     'PanDDA analysis group deposition' 
_citation.journal_abbrev            'To Be Published' 
_citation.journal_volume            ? 
_citation.page_first                ? 
_citation.page_last                 ? 
_citation.year                      ? 
_citation.journal_id_ASTM           ? 
_citation.country                   ? 
_citation.journal_id_ISSN           ? 
_citation.journal_id_CSD            0353 
_citation.book_publisher            ? 
_citation.pdbx_database_id_PubMed   ? 
_citation.pdbx_database_id_DOI      ? 
# 
loop_
_citation_author.citation_id 
_citation_author.name 
_citation_author.identifier_ORCID 
_citation_author.ordinal 
primary 'Nelson, E.R.'      ? 1  
primary 'Velupillai, S.'    ? 2  
primary 'Talon, R.'         ? 3  
primary 'Collins, P.M.'     ? 4  
primary 'Krojer, T.'        ? 5  
primary 'Wang, D.'          ? 6  
primary 'Brandao-Neto, J.'  ? 7  
primary 'Douangamath, A.'   ? 8  
primary 'Burgess-Brown, N.' ? 9  
primary 'Arrowsmith, C.H.'  ? 10 
primary 'Bountra, C.'       ? 11 
primary 'Huber, K.'         ? 12 
primary 'von Delft, F.'     ? 13 
# 
loop_
_entity.id 
_entity.type 
_entity.src_method 
_entity.pdbx_description 
_entity.formula_weight 
_entity.pdbx_number_of_molecules 
_entity.pdbx_ec 
_entity.pdbx_mutation 
_entity.pdbx_fragment 
_entity.details 
1 polymer     man 'DCP2 (NUDT20)'                                                                                            
19073.738 1  3.6.1.62 ? 'UNP residues 95-260' ? 
2 non-polymer syn 1,2-ETHANEDIOL                                                                                             
62.068    2  ?        ? ?                     ? 
3 non-polymer syn 'DIMETHYL SULFOXIDE'                                                                                       
78.133    1  ?        ? ?                     ? 
4 non-polymer syn 'ACETATE ION'                                                                                              
59.044    2  ?        ? ?                     ? 
5 non-polymer syn '1-[(3S)-1,1-dioxo-1lambda~6~-thiolan-3-yl]-N-[(4-fluorophenyl)methyl]-5-methyl-1H-pyrazole-4-carboxamide' 
351.396   1  ?        ? ?                     ? 
6 water       nat water                                                                                                      
18.015    85 ?        ? ?                     ? 
# 
_entity_name_com.entity_id   1 
_entity_name_com.name        
'Nucleoside diphosphate-linked moiety X motif 20, Nudix motif 20, mRNA-decapping enzyme 2, hDpc, m7GpppN-mRNA hydrolase' 
# 
_entity_poly.entity_id                      1 
_entity_poly.type                           'polypeptide(L)' 
_entity_poly.nstd_linkage                   no 
_entity_poly.nstd_monomer                   no 
_entity_poly.pdbx_seq_one_letter_code       
;SMGVPTYGAIILDETLENVLLVQGYLAKSGWGFPKGKVNKEEAPHDCAAREVFEETGFDIKDYICKDDYIELRINDQLAR
LYIIPGIPKDTKFNPKTRREIRNIEWFSIEKLPCHRNDMTPKSKLGLAPNKFFMAIPFIRPLRDWLSRRFGDSSDSDNGF
SSTGSTP
;
_entity_poly.pdbx_seq_one_letter_code_can   
;SMGVPTYGAIILDETLENVLLVQGYLAKSGWGFPKGKVNKEEAPHDCAAREVFEETGFDIKDYICKDDYIELRINDQLAR
LYIIPGIPKDTKFNPKTRREIRNIEWFSIEKLPCHRNDMTPKSKLGLAPNKFFMAIPFIRPLRDWLSRRFGDSSDSDNGF
SSTGSTP
;
_entity_poly.pdbx_strand_id                 A 
_entity_poly.pdbx_target_identifier         ? 
# 
loop_
_pdbx_entity_nonpoly.entity_id 
_pdbx_entity_nonpoly.name 
_pdbx_entity_nonpoly.comp_id 
2 1,2-ETHANEDIOL                                                                                             EDO 
3 'DIMETHYL SULFOXIDE'                                                                                       DMS 
4 'ACETATE ION'                                                                                              ACT 
5 '1-[(3S)-1,1-dioxo-1lambda~6~-thiolan-3-yl]-N-[(4-fluorophenyl)methyl]-5-methyl-1H-pyrazole-4-carboxamide' LH7 
6 water                                                                                                      HOH 
# 
loop_
_entity_poly_seq.entity_id 
_entity_poly_seq.num 
_entity_poly_seq.mon_id 
_entity_poly_seq.hetero 
1 1   SER n 
1 2   MET n 
1 3   GLY n 
1 4   VAL n 
1 5   PRO n 
1 6   THR n 
1 7   TYR n 
1 8   GLY n 
1 9   ALA n 
1 10  ILE n 
1 11  ILE n 
1 12  LEU n 
1 13  ASP n 
1 14  GLU n 
1 15  THR n 
1 16  LEU n 
1 17  GLU n 
1 18  ASN n 
1 19  VAL n 
1 20  LEU n 
1 21  LEU n 
1 22  VAL n 
1 23  GLN n 
1 24  GLY n 
1 25  TYR n 
1 26  LEU n 
1 27  ALA n 
1 28  LYS n 
1 29  SER n 
1 30  GLY n 
1 31  TRP n 
1 32  GLY n 
1 33  PHE n 
1 34  PRO n 
1 35  LYS n 
1 36  GLY n 
1 37  LYS n 
1 38  VAL n 
1 39  ASN n 
1 40  LYS n 
1 41  GLU n 
1 42  GLU n 
1 43  ALA n 
1 44  PRO n 
1 45  HIS n 
1 46  ASP n 
1 47  CYS n 
1 48  ALA n 
1 49  ALA n 
1 50  ARG n 
1 51  GLU n 
1 52  VAL n 
1 53  PHE n 
1 54  GLU n 
1 55  GLU n 
1 56  THR n 
1 57  GLY n 
1 58  PHE n 
1 59  ASP n 
1 60  ILE n 
1 61  LYS n 
1 62  ASP n 
1 63  TYR n 
1 64  ILE n 
1 65  CYS n 
1 66  LYS n 
1 67  ASP n 
1 68  ASP n 
1 69  TYR n 
1 70  ILE n 
1 71  GLU n 
1 72  LEU n 
1 73  ARG n 
1 74  ILE n 
1 75  ASN n 
1 76  ASP n 
1 77  GLN n 
1 78  LEU n 
1 79  ALA n 
1 80  ARG n 
1 81  LEU n 
1 82  TYR n 
1 83  ILE n 
1 84  ILE n 
1 85  PRO n 
1 86  GLY n 
1 87  ILE n 
1 88  PRO n 
1 89  LYS n 
1 90  ASP n 
1 91  THR n 
1 92  LYS n 
1 93  PHE n 
1 94  ASN n 
1 95  PRO n 
1 96  LYS n 
1 97  THR n 
1 98  ARG n 
1 99  ARG n 
1 100 GLU n 
1 101 ILE n 
1 102 ARG n 
1 103 ASN n 
1 104 ILE n 
1 105 GLU n 
1 106 TRP n 
1 107 PHE n 
1 108 SER n 
1 109 ILE n 
1 110 GLU n 
1 111 LYS n 
1 112 LEU n 
1 113 PRO n 
1 114 CYS n 
1 115 HIS n 
1 116 ARG n 
1 117 ASN n 
1 118 ASP n 
1 119 MET n 
1 120 THR n 
1 121 PRO n 
1 122 LYS n 
1 123 SER n 
1 124 LYS n 
1 125 LEU n 
1 126 GLY n 
1 127 LEU n 
1 128 ALA n 
1 129 PRO n 
1 130 ASN n 
1 131 LYS n 
1 132 PHE n 
1 133 PHE n 
1 134 MET n 
1 135 ALA n 
1 136 ILE n 
1 137 PRO n 
1 138 PHE n 
1 139 ILE n 
1 140 ARG n 
1 141 PRO n 
1 142 LEU n 
1 143 ARG n 
1 144 ASP n 
1 145 TRP n 
1 146 LEU n 
1 147 SER n 
1 148 ARG n 
1 149 ARG n 
1 150 PHE n 
1 151 GLY n 
1 152 ASP n 
1 153 SER n 
1 154 SER n 
1 155 ASP n 
1 156 SER n 
1 157 ASP n 
1 158 ASN n 
1 159 GLY n 
1 160 PHE n 
1 161 SER n 
1 162 SER n 
1 163 THR n 
1 164 GLY n 
1 165 SER n 
1 166 THR n 
1 167 PRO n 
# 
_entity_src_gen.entity_id                          1 
_entity_src_gen.pdbx_src_id                        1 
_entity_src_gen.pdbx_alt_source_flag               sample 
_entity_src_gen.pdbx_seq_type                      'Biological sequence' 
_entity_src_gen.pdbx_beg_seq_num                   1 
_entity_src_gen.pdbx_end_seq_num                   167 
_entity_src_gen.gene_src_common_name               Human 
_entity_src_gen.gene_src_genus                     ? 
_entity_src_gen.pdbx_gene_src_gene                 'DCP2, NUDT20' 
_entity_src_gen.gene_src_species                   ? 
_entity_src_gen.gene_src_strain                    ? 
_entity_src_gen.gene_src_tissue                    ? 
_entity_src_gen.gene_src_tissue_fraction           ? 
_entity_src_gen.gene_src_details                   ? 
_entity_src_gen.pdbx_gene_src_fragment             ? 
_entity_src_gen.pdbx_gene_src_scientific_name      'Homo sapiens' 
_entity_src_gen.pdbx_gene_src_ncbi_taxonomy_id     9606 
_entity_src_gen.pdbx_gene_src_variant              ? 
_entity_src_gen.pdbx_gene_src_cell_line            ? 
_entity_src_gen.pdbx_gene_src_atcc                 ? 
_entity_src_gen.pdbx_gene_src_organ                ? 
_entity_src_gen.pdbx_gene_src_organelle            ? 
_entity_src_gen.pdbx_gene_src_cell                 ? 
_entity_src_gen.pdbx_gene_src_cellular_location    ? 
_entity_src_gen.host_org_common_name               ? 
_entity_src_gen.pdbx_host_org_scientific_name      'Escherichia coli' 
_entity_src_gen.pdbx_host_org_ncbi_taxonomy_id     562 
_entity_src_gen.host_org_genus                     ? 
_entity_src_gen.pdbx_host_org_gene                 ? 
_entity_src_gen.pdbx_host_org_organ                ? 
_entity_src_gen.host_org_species                   ? 
_entity_src_gen.pdbx_host_org_tissue               ? 
_entity_src_gen.pdbx_host_org_tissue_fraction      ? 
_entity_src_gen.pdbx_host_org_strain               ? 
_entity_src_gen.pdbx_host_org_variant              ? 
_entity_src_gen.pdbx_host_org_cell_line            ? 
_entity_src_gen.pdbx_host_org_atcc                 ? 
_entity_src_gen.pdbx_host_org_culture_collection   ? 
_entity_src_gen.pdbx_host_org_cell                 ? 
_entity_src_gen.pdbx_host_org_organelle            ? 
_entity_src_gen.pdbx_host_org_cellular_location    ? 
_entity_src_gen.pdbx_host_org_vector_type          ? 
_entity_src_gen.pdbx_host_org_vector               ? 
_entity_src_gen.host_org_details                   ? 
_entity_src_gen.expression_system_id               ? 
_entity_src_gen.plasmid_name                       ? 
_entity_src_gen.plasmid_details                    ? 
_entity_src_gen.pdbx_description                   ? 
# 
loop_
_chem_comp.id 
_chem_comp.type 
_chem_comp.mon_nstd_flag 
_chem_comp.name 
_chem_comp.pdbx_synonyms 
_chem_comp.formula 
_chem_comp.formula_weight 
ACT non-polymer         . 'ACETATE ION' ?                 'C2 H3 O2 -1'       59.044  
ALA 'L-peptide linking' y ALANINE ?                 'C3 H7 N O2'        89.093  
ARG 'L-peptide linking' y ARGININE ?                 'C6 H15 N4 O2 1'    175.209 
ASN 'L-peptide linking' y ASPARAGINE ?                 'C4 H8 N2 O3'       132.118 
ASP 'L-peptide linking' y 'ASPARTIC ACID' ?                 'C4 H7 N O4'        133.103 
CYS 'L-peptide linking' y CYSTEINE ?                 'C3 H7 N O2 S'      121.158 
DMS non-polymer         . 'DIMETHYL SULFOXIDE' ?                 'C2 H6 O S'         78.133  
EDO non-polymer         . 1,2-ETHANEDIOL 'ETHYLENE GLYCOL' 'C2 H6 O2'          62.068  
GLN 'L-peptide linking' y GLUTAMINE ?                 'C5 H10 N2 O3'      146.144 
GLU 'L-peptide linking' y 'GLUTAMIC ACID' ?                 'C5 H9 N O4'        147.129 
GLY 'peptide linking'   y GLYCINE ?                 'C2 H5 N O2'        75.067  
HIS 'L-peptide linking' y HISTIDINE ?                 'C6 H10 N3 O2 1'    156.162 
HOH non-polymer         . WATER ?                 'H2 O'              18.015  
ILE 'L-peptide linking' y ISOLEUCINE ?                 'C6 H13 N O2'       131.173 
LEU 'L-peptide linking' y LEUCINE ?                 'C6 H13 N O2'       131.173 
LH7 non-polymer         . 
'1-[(3S)-1,1-dioxo-1lambda~6~-thiolan-3-yl]-N-[(4-fluorophenyl)methyl]-5-methyl-1H-pyrazole-4-carboxamide' ?                 
'C16 H18 F N3 O3 S' 351.396 
LYS 'L-peptide linking' y LYSINE ?                 'C6 H15 N2 O2 1'    147.195 
MET 'L-peptide linking' y METHIONINE ?                 'C5 H11 N O2 S'     149.211 
PHE 'L-peptide linking' y PHENYLALANINE ?                 'C9 H11 N O2'       165.189 
PRO 'L-peptide linking' y PROLINE ?                 'C5 H9 N O2'        115.130 
SER 'L-peptide linking' y SERINE ?                 'C3 H7 N O3'        105.093 
THR 'L-peptide linking' y THREONINE ?                 'C4 H9 N O3'        119.119 
TRP 'L-peptide linking' y TRYPTOPHAN ?                 'C11 H12 N2 O2'     204.225 
TYR 'L-peptide linking' y TYROSINE ?                 'C9 H11 N O3'       181.189 
VAL 'L-peptide linking' y VALINE ?                 'C5 H11 N O2'       117.146 
# 
loop_
_pdbx_poly_seq_scheme.asym_id 
_pdbx_poly_seq_scheme.entity_id 
_pdbx_poly_seq_scheme.seq_id 
_pdbx_poly_seq_scheme.mon_id 
_pdbx_poly_seq_scheme.ndb_seq_num 
_pdbx_poly_seq_scheme.pdb_seq_num 
_pdbx_poly_seq_scheme.auth_seq_num 
_pdbx_poly_seq_scheme.pdb_mon_id 
_pdbx_poly_seq_scheme.auth_mon_id 
_pdbx_poly_seq_scheme.pdb_strand_id 
_pdbx_poly_seq_scheme.pdb_ins_code 
_pdbx_poly_seq_scheme.hetero 
A 1 1   SER 1   94  ?   ?   ?   A . n 
A 1 2   MET 2   95  ?   ?   ?   A . n 
A 1 3   GLY 3   96  96  GLY GLY A . n 
A 1 4   VAL 4   97  97  VAL VAL A . n 
A 1 5   PRO 5   98  98  PRO PRO A . n 
A 1 6   THR 6   99  99  THR THR A . n 
A 1 7   TYR 7   100 100 TYR TYR A . n 
A 1 8   GLY 8   101 101 GLY GLY A . n 
A 1 9   ALA 9   102 102 ALA ALA A . n 
A 1 10  ILE 10  103 103 ILE ILE A . n 
A 1 11  ILE 11  104 104 ILE ILE A . n 
A 1 12  LEU 12  105 105 LEU LEU A . n 
A 1 13  ASP 13  106 106 ASP ASP A . n 
A 1 14  GLU 14  107 107 GLU GLU A . n 
A 1 15  THR 15  108 108 THR THR A . n 
A 1 16  LEU 16  109 109 LEU LEU A . n 
A 1 17  GLU 17  110 110 GLU GLU A . n 
A 1 18  ASN 18  111 111 ASN ASN A . n 
A 1 19  VAL 19  112 112 VAL VAL A . n 
A 1 20  LEU 20  113 113 LEU LEU A . n 
A 1 21  LEU 21  114 114 LEU LEU A . n 
A 1 22  VAL 22  115 115 VAL VAL A . n 
A 1 23  GLN 23  116 116 GLN GLN A . n 
A 1 24  GLY 24  117 117 GLY GLY A . n 
A 1 25  TYR 25  118 118 TYR TYR A . n 
A 1 26  LEU 26  119 119 LEU LEU A . n 
A 1 27  ALA 27  120 120 ALA ALA A . n 
A 1 28  LYS 28  121 121 LYS LYS A . n 
A 1 29  SER 29  122 122 SER SER A . n 
A 1 30  GLY 30  123 123 GLY GLY A . n 
A 1 31  TRP 31  124 124 TRP TRP A . n 
A 1 32  GLY 32  125 125 GLY GLY A . n 
A 1 33  PHE 33  126 126 PHE PHE A . n 
A 1 34  PRO 34  127 127 PRO PRO A . n 
A 1 35  LYS 35  128 128 LYS LYS A . n 
A 1 36  GLY 36  129 129 GLY GLY A . n 
A 1 37  LYS 37  130 130 LYS LYS A . n 
A 1 38  VAL 38  131 131 VAL VAL A . n 
A 1 39  ASN 39  132 132 ASN ASN A . n 
A 1 40  LYS 40  133 133 LYS LYS A . n 
A 1 41  GLU 41  134 134 GLU GLU A . n 
A 1 42  GLU 42  135 135 GLU GLU A . n 
A 1 43  ALA 43  136 136 ALA ALA A . n 
A 1 44  PRO 44  137 137 PRO PRO A . n 
A 1 45  HIS 45  138 138 HIS HIS A . n 
A 1 46  ASP 46  139 139 ASP ASP A . n 
A 1 47  CYS 47  140 140 CYS CYS A . n 
A 1 48  ALA 48  141 141 ALA ALA A . n 
A 1 49  ALA 49  142 142 ALA ALA A . n 
A 1 50  ARG 50  143 143 ARG ARG A . n 
A 1 51  GLU 51  144 144 GLU GLU A . n 
A 1 52  VAL 52  145 145 VAL VAL A . n 
A 1 53  PHE 53  146 146 PHE PHE A . n 
A 1 54  GLU 54  147 147 GLU GLU A . n 
A 1 55  GLU 55  148 148 GLU GLU A . n 
A 1 56  THR 56  149 149 THR THR A . n 
A 1 57  GLY 57  150 150 GLY GLY A . n 
A 1 58  PHE 58  151 151 PHE PHE A . n 
A 1 59  ASP 59  152 152 ASP ASP A . n 
A 1 60  ILE 60  153 153 ILE ILE A . n 
A 1 61  LYS 61  154 154 LYS LYS A . n 
A 1 62  ASP 62  155 155 ASP ASP A . n 
A 1 63  TYR 63  156 156 TYR TYR A . n 
A 1 64  ILE 64  157 157 ILE ILE A . n 
A 1 65  CYS 65  158 158 CYS CYS A . n 
A 1 66  LYS 66  159 159 LYS LYS A . n 
A 1 67  ASP 67  160 160 ASP ASP A . n 
A 1 68  ASP 68  161 161 ASP ASP A . n 
A 1 69  TYR 69  162 162 TYR TYR A . n 
A 1 70  ILE 70  163 163 ILE ILE A . n 
A 1 71  GLU 71  164 164 GLU GLU A . n 
A 1 72  LEU 72  165 165 LEU LEU A . n 
A 1 73  ARG 73  166 166 ARG ARG A . n 
A 1 74  ILE 74  167 167 ILE ILE A . n 
A 1 75  ASN 75  168 168 ASN ASN A . n 
A 1 76  ASP 76  169 169 ASP ASP A . n 
A 1 77  GLN 77  170 170 GLN GLN A . n 
A 1 78  LEU 78  171 171 LEU LEU A . n 
A 1 79  ALA 79  172 172 ALA ALA A . n 
A 1 80  ARG 80  173 173 ARG ARG A . n 
A 1 81  LEU 81  174 174 LEU LEU A . n 
A 1 82  TYR 82  175 175 TYR TYR A . n 
A 1 83  ILE 83  176 176 ILE ILE A . n 
A 1 84  ILE 84  177 177 ILE ILE A . n 
A 1 85  PRO 85  178 178 PRO PRO A . n 
A 1 86  GLY 86  179 179 GLY GLY A . n 
A 1 87  ILE 87  180 180 ILE ILE A . n 
A 1 88  PRO 88  181 181 PRO PRO A . n 
A 1 89  LYS 89  182 182 LYS LYS A . n 
A 1 90  ASP 90  183 183 ASP ASP A . n 
A 1 91  THR 91  184 184 THR THR A . n 
A 1 92  LYS 92  185 185 LYS LYS A . n 
A 1 93  PHE 93  186 186 PHE PHE A . n 
A 1 94  ASN 94  187 187 ASN ASN A . n 
A 1 95  PRO 95  188 188 PRO PRO A . n 
A 1 96  LYS 96  189 189 LYS LYS A . n 
A 1 97  THR 97  190 190 THR THR A . n 
A 1 98  ARG 98  191 191 ARG ARG A . n 
A 1 99  ARG 99  192 192 ARG ARG A . n 
A 1 100 GLU 100 193 193 GLU GLU A . n 
A 1 101 ILE 101 194 194 ILE ILE A . n 
A 1 102 ARG 102 195 195 ARG ARG A . n 
A 1 103 ASN 103 196 196 ASN ASN A . n 
A 1 104 ILE 104 197 197 ILE ILE A . n 
A 1 105 GLU 105 198 198 GLU GLU A . n 
A 1 106 TRP 106 199 199 TRP TRP A . n 
A 1 107 PHE 107 200 200 PHE PHE A . n 
A 1 108 SER 108 201 201 SER SER A . n 
A 1 109 ILE 109 202 202 ILE ILE A . n 
A 1 110 GLU 110 203 203 GLU GLU A . n 
A 1 111 LYS 111 204 204 LYS LYS A . n 
A 1 112 LEU 112 205 205 LEU LEU A . n 
A 1 113 PRO 113 206 206 PRO PRO A . n 
A 1 114 CYS 114 207 207 CYS CYS A . n 
A 1 115 HIS 115 208 208 HIS HIS A . n 
A 1 116 ARG 116 209 209 ARG ARG A . n 
A 1 117 ASN 117 210 210 ASN ASN A . n 
A 1 118 ASP 118 211 211 ASP ASP A . n 
A 1 119 MET 119 212 212 MET MET A . n 
A 1 120 THR 120 213 213 THR THR A . n 
A 1 121 PRO 121 214 214 PRO PRO A . n 
A 1 122 LYS 122 215 215 LYS LYS A . n 
A 1 123 SER 123 216 216 SER SER A . n 
A 1 124 LYS 124 217 217 LYS LYS A . n 
A 1 125 LEU 125 218 218 LEU LEU A . n 
A 1 126 GLY 126 219 219 GLY GLY A . n 
A 1 127 LEU 127 220 220 LEU LEU A . n 
A 1 128 ALA 128 221 221 ALA ALA A . n 
A 1 129 PRO 129 222 222 PRO PRO A . n 
A 1 130 ASN 130 223 223 ASN ASN A . n 
A 1 131 LYS 131 224 224 LYS LYS A . n 
A 1 132 PHE 132 225 225 PHE PHE A . n 
A 1 133 PHE 133 226 226 PHE PHE A . n 
A 1 134 MET 134 227 227 MET MET A . n 
A 1 135 ALA 135 228 228 ALA ALA A . n 
A 1 136 ILE 136 229 229 ILE ILE A . n 
A 1 137 PRO 137 230 230 PRO PRO A . n 
A 1 138 PHE 138 231 231 PHE PHE A . n 
A 1 139 ILE 139 232 232 ILE ILE A . n 
A 1 140 ARG 140 233 233 ARG ARG A . n 
A 1 141 PRO 141 234 234 PRO PRO A . n 
A 1 142 LEU 142 235 235 LEU LEU A . n 
A 1 143 ARG 143 236 236 ARG ARG A . n 
A 1 144 ASP 144 237 237 ASP ASP A . n 
A 1 145 TRP 145 238 238 TRP TRP A . n 
A 1 146 LEU 146 239 239 LEU LEU A . n 
A 1 147 SER 147 240 240 SER SER A . n 
A 1 148 ARG 148 241 241 ARG ARG A . n 
A 1 149 ARG 149 242 242 ARG ARG A . n 
A 1 150 PHE 150 243 243 PHE PHE A . n 
A 1 151 GLY 151 244 244 GLY GLY A . n 
A 1 152 ASP 152 245 ?   ?   ?   A . n 
A 1 153 SER 153 246 ?   ?   ?   A . n 
A 1 154 SER 154 247 ?   ?   ?   A . n 
A 1 155 ASP 155 248 ?   ?   ?   A . n 
A 1 156 SER 156 249 ?   ?   ?   A . n 
A 1 157 ASP 157 250 ?   ?   ?   A . n 
A 1 158 ASN 158 251 ?   ?   ?   A . n 
A 1 159 GLY 159 252 ?   ?   ?   A . n 
A 1 160 PHE 160 253 ?   ?   ?   A . n 
A 1 161 SER 161 254 ?   ?   ?   A . n 
A 1 162 SER 162 255 ?   ?   ?   A . n 
A 1 163 THR 163 256 ?   ?   ?   A . n 
A 1 164 GLY 164 257 ?   ?   ?   A . n 
A 1 165 SER 165 258 ?   ?   ?   A . n 
A 1 166 THR 166 259 ?   ?   ?   A . n 
A 1 167 PRO 167 260 ?   ?   ?   A . n 
# 
loop_
_pdbx_nonpoly_scheme.asym_id 
_pdbx_nonpoly_scheme.entity_id 
_pdbx_nonpoly_scheme.mon_id 
_pdbx_nonpoly_scheme.ndb_seq_num 
_pdbx_nonpoly_scheme.pdb_seq_num 
_pdbx_nonpoly_scheme.auth_seq_num 
_pdbx_nonpoly_scheme.pdb_mon_id 
_pdbx_nonpoly_scheme.auth_mon_id 
_pdbx_nonpoly_scheme.pdb_strand_id 
_pdbx_nonpoly_scheme.pdb_ins_code 
B 2 EDO 1  301 2   EDO EDO A . 
C 2 EDO 1  302 3   EDO EDO A . 
D 3 DMS 1  303 1   DMS DMS A . 
E 4 ACT 1  304 1   ACT ACT A . 
F 4 ACT 1  305 2   ACT ACT A . 
G 5 LH7 1  306 1   LH7 LIG A . 
H 6 HOH 1  401 8   HOH HOH A . 
H 6 HOH 2  402 12  HOH HOH A . 
H 6 HOH 3  403 83  HOH HOH A . 
H 6 HOH 4  404 66  HOH HOH A . 
H 6 HOH 5  405 19  HOH HOH A . 
H 6 HOH 6  406 60  HOH HOH A . 
H 6 HOH 7  407 67  HOH HOH A . 
H 6 HOH 8  408 70  HOH HOH A . 
H 6 HOH 9  409 96  HOH HOH A . 
H 6 HOH 10 410 17  HOH HOH A . 
H 6 HOH 11 411 68  HOH HOH A . 
H 6 HOH 12 412 95  HOH HOH A . 
H 6 HOH 13 413 90  HOH HOH A . 
H 6 HOH 14 414 39  HOH HOH A . 
H 6 HOH 15 415 38  HOH HOH A . 
H 6 HOH 16 416 23  HOH HOH A . 
H 6 HOH 17 417 32  HOH HOH A . 
H 6 HOH 18 418 78  HOH HOH A . 
H 6 HOH 19 419 10  HOH HOH A . 
H 6 HOH 20 420 107 HOH HOH A . 
H 6 HOH 21 421 13  HOH HOH A . 
H 6 HOH 22 422 88  HOH HOH A . 
H 6 HOH 23 423 35  HOH HOH A . 
H 6 HOH 24 424 16  HOH HOH A . 
H 6 HOH 25 425 18  HOH HOH A . 
H 6 HOH 26 426 102 HOH HOH A . 
H 6 HOH 27 427 1   HOH HOH A . 
H 6 HOH 28 428 76  HOH HOH A . 
H 6 HOH 29 429 14  HOH HOH A . 
H 6 HOH 30 430 71  HOH HOH A . 
H 6 HOH 31 431 5   HOH HOH A . 
H 6 HOH 32 432 46  HOH HOH A . 
H 6 HOH 33 433 31  HOH HOH A . 
H 6 HOH 34 434 29  HOH HOH A . 
H 6 HOH 35 435 2   HOH HOH A . 
H 6 HOH 36 436 50  HOH HOH A . 
H 6 HOH 37 437 106 HOH HOH A . 
H 6 HOH 38 438 100 HOH HOH A . 
H 6 HOH 39 439 79  HOH HOH A . 
H 6 HOH 40 440 81  HOH HOH A . 
H 6 HOH 41 441 3   HOH HOH A . 
H 6 HOH 42 442 11  HOH HOH A . 
H 6 HOH 43 443 9   HOH HOH A . 
H 6 HOH 44 444 4   HOH HOH A . 
H 6 HOH 45 445 74  HOH HOH A . 
H 6 HOH 46 446 43  HOH HOH A . 
H 6 HOH 47 447 15  HOH HOH A . 
H 6 HOH 48 448 24  HOH HOH A . 
H 6 HOH 49 449 36  HOH HOH A . 
H 6 HOH 50 450 27  HOH HOH A . 
H 6 HOH 51 451 30  HOH HOH A . 
H 6 HOH 52 452 6   HOH HOH A . 
H 6 HOH 53 453 85  HOH HOH A . 
H 6 HOH 54 454 62  HOH HOH A . 
H 6 HOH 55 455 7   HOH HOH A . 
H 6 HOH 56 456 33  HOH HOH A . 
H 6 HOH 57 457 65  HOH HOH A . 
H 6 HOH 58 458 55  HOH HOH A . 
H 6 HOH 59 459 59  HOH HOH A . 
H 6 HOH 60 460 28  HOH HOH A . 
H 6 HOH 61 461 105 HOH HOH A . 
H 6 HOH 62 462 57  HOH HOH A . 
H 6 HOH 63 463 75  HOH HOH A . 
H 6 HOH 64 464 101 HOH HOH A . 
H 6 HOH 65 465 92  HOH HOH A . 
H 6 HOH 66 466 47  HOH HOH A . 
H 6 HOH 67 467 84  HOH HOH A . 
H 6 HOH 68 468 22  HOH HOH A . 
H 6 HOH 69 469 42  HOH HOH A . 
H 6 HOH 70 470 72  HOH HOH A . 
H 6 HOH 71 471 69  HOH HOH A . 
H 6 HOH 72 472 25  HOH HOH A . 
H 6 HOH 73 473 94  HOH HOH A . 
H 6 HOH 74 474 21  HOH HOH A . 
H 6 HOH 75 475 40  HOH HOH A . 
H 6 HOH 76 476 97  HOH HOH A . 
H 6 HOH 77 477 52  HOH HOH A . 
H 6 HOH 78 478 26  HOH HOH A . 
H 6 HOH 79 479 86  HOH HOH A . 
H 6 HOH 80 480 98  HOH HOH A . 
H 6 HOH 81 481 51  HOH HOH A . 
H 6 HOH 82 482 20  HOH HOH A . 
H 6 HOH 83 483 56  HOH HOH A . 
H 6 HOH 84 484 93  HOH HOH A . 
H 6 HOH 85 485 41  HOH HOH A . 
# 
loop_
_pdbx_unobs_or_zero_occ_atoms.id 
_pdbx_unobs_or_zero_occ_atoms.PDB_model_num 
_pdbx_unobs_or_zero_occ_atoms.polymer_flag 
_pdbx_unobs_or_zero_occ_atoms.occupancy_flag 
_pdbx_unobs_or_zero_occ_atoms.auth_asym_id 
_pdbx_unobs_or_zero_occ_atoms.auth_comp_id 
_pdbx_unobs_or_zero_occ_atoms.auth_seq_id 
_pdbx_unobs_or_zero_occ_atoms.PDB_ins_code 
_pdbx_unobs_or_zero_occ_atoms.auth_atom_id 
_pdbx_unobs_or_zero_occ_atoms.label_alt_id 
_pdbx_unobs_or_zero_occ_atoms.label_asym_id 
_pdbx_unobs_or_zero_occ_atoms.label_comp_id 
_pdbx_unobs_or_zero_occ_atoms.label_seq_id 
_pdbx_unobs_or_zero_occ_atoms.label_atom_id 
1  1 Y 1 A LYS 130 ? CE  ? A LYS 37  CE  
2  1 Y 1 A LYS 130 ? NZ  ? A LYS 37  NZ  
3  1 Y 1 A LYS 133 ? CG  ? A LYS 40  CG  
4  1 Y 1 A LYS 133 ? CD  ? A LYS 40  CD  
5  1 Y 1 A LYS 133 ? CE  ? A LYS 40  CE  
6  1 Y 1 A LYS 133 ? NZ  ? A LYS 40  NZ  
7  1 Y 1 A GLU 134 ? CG  ? A GLU 41  CG  
8  1 Y 1 A GLU 134 ? CD  ? A GLU 41  CD  
9  1 Y 1 A GLU 134 ? OE1 ? A GLU 41  OE1 
10 1 Y 1 A GLU 134 ? OE2 ? A GLU 41  OE2 
11 1 Y 1 A LYS 159 ? CD  ? A LYS 66  CD  
12 1 Y 1 A LYS 159 ? CE  ? A LYS 66  CE  
13 1 Y 1 A LYS 159 ? NZ  ? A LYS 66  NZ  
14 1 Y 1 A LYS 185 ? CE  ? A LYS 92  CE  
15 1 Y 1 A LYS 185 ? NZ  ? A LYS 92  NZ  
16 1 Y 1 A LYS 215 ? CD  ? A LYS 122 CD  
17 1 Y 1 A LYS 215 ? CE  ? A LYS 122 CE  
18 1 Y 1 A LYS 215 ? NZ  ? A LYS 122 NZ  
19 1 Y 1 A LYS 217 ? CE  ? A LYS 124 CE  
20 1 Y 1 A LYS 217 ? NZ  ? A LYS 124 NZ  
21 1 Y 1 A ARG 241 ? CD  ? A ARG 148 CD  
22 1 Y 1 A ARG 241 ? NE  ? A ARG 148 NE  
23 1 Y 1 A ARG 241 ? CZ  ? A ARG 148 CZ  
24 1 Y 1 A ARG 241 ? NH1 ? A ARG 148 NH1 
25 1 Y 1 A ARG 241 ? NH2 ? A ARG 148 NH2 
# 
loop_
_software.pdbx_ordinal 
_software.name 
_software.version 
_software.date 
_software.type 
_software.contact_author 
_software.contact_author_email 
_software.classification 
_software.location 
_software.language 
_software.citation_id 
1 REFMAC      5.8.0189 ?               program 'Garib N. Murshudov' garib@ysbl.york.ac.uk    refinement        
http://www.ccp4.ac.uk/dist/html/refmac5.html        Fortran_77 ? 
2 Aimless     0.5.32   29/03/17        program 'Phil Evans'         ?                        'data scaling'    
http://www.mrc-lmb.cam.ac.uk/harry/pre/aimless.html ?          ? 
3 PDB_EXTRACT 3.23     'SEP. 23, 2016' package PDB                  deposit@deposit.rcsb.org 'data extraction' 
http://sw-tools.pdb.org/apps/PDB_EXTRACT/           C++        ? 
4 XDS         .        ?               program ?                    ?                        'data reduction'  ? ?          ? 
5 REFMAC      .        ?               program ?                    ?                        phasing           ? ?          ? 
# 
_cell.entry_id           5QP4 
_cell.length_a           48.010 
_cell.length_b           60.470 
_cell.length_c           65.380 
_cell.angle_alpha        90.000 
_cell.angle_beta         90.000 
_cell.angle_gamma        90.000 
_cell.Z_PDB              4 
_cell.pdbx_unique_axis   ? 
# 
_symmetry.entry_id                         5QP4 
_symmetry.Int_Tables_number                19 
_symmetry.space_group_name_H-M             'P 21 21 21' 
_symmetry.pdbx_full_space_group_name_H-M   ? 
_symmetry.cell_setting                     ? 
# 
_exptl.crystals_number   1 
_exptl.entry_id          5QP4 
_exptl.method            'X-RAY DIFFRACTION' 
# 
_exptl_crystal.id                    1 
_exptl_crystal.pdbx_mosaicity        0.000 
_exptl_crystal.pdbx_mosaicity_esd    ? 
_exptl_crystal.density_Matthews      2.49 
_exptl_crystal.density_diffrn        ? 
_exptl_crystal.density_meas          ? 
_exptl_crystal.density_meas_temp     ? 
_exptl_crystal.density_percent_sol   50.56 
_exptl_crystal.size_max              ? 
_exptl_crystal.size_mid              ? 
_exptl_crystal.size_min              ? 
_exptl_crystal.size_rad              ? 
_exptl_crystal.description           ? 
# 
_exptl_crystal_grow.crystal_id      1 
_exptl_crystal_grow.method          'VAPOR DIFFUSION, SITTING DROP' 
_exptl_crystal_grow.pH              4.5 
_exptl_crystal_grow.temp            277 
_exptl_crystal_grow.pdbx_details    '0.1 M acetate, pH 4.5, 5-25% PEG3350' 
_exptl_crystal_grow.temp_details    ? 
_exptl_crystal_grow.pdbx_pH_range   ? 
# 
_diffrn.id                     1 
_diffrn.ambient_temp           ? 
_diffrn.crystal_id             1 
_diffrn.ambient_temp_details   ? 
# 
_diffrn_detector.detector               PIXEL 
_diffrn_detector.type                   'DECTRIS PILATUS 2M' 
_diffrn_detector.pdbx_collection_date   2017-07-27 
_diffrn_detector.diffrn_id              1 
_diffrn_detector.details                ? 
# 
_diffrn_radiation.diffrn_id                        1 
_diffrn_radiation.wavelength_id                    1 
_diffrn_radiation.pdbx_diffrn_protocol             'SINGLE WAVELENGTH' 
_diffrn_radiation.pdbx_monochromatic_or_laue_m_l   ? 
_diffrn_radiation.monochromator                    ? 
_diffrn_radiation.pdbx_scattering_type             x-ray 
# 
_diffrn_radiation_wavelength.id           1 
_diffrn_radiation_wavelength.wavelength   0.91587 
_diffrn_radiation_wavelength.wt           1.0 
# 
_diffrn_source.diffrn_id                   1 
_diffrn_source.source                      SYNCHROTRON 
_diffrn_source.type                        'DIAMOND BEAMLINE I04-1' 
_diffrn_source.pdbx_wavelength_list        0.91587 
_diffrn_source.pdbx_synchrotron_site       Diamond 
_diffrn_source.pdbx_synchrotron_beamline   I04-1 
_diffrn_source.pdbx_wavelength             ? 
# 
_reflns.entry_id                     5QP4 
_reflns.pdbx_diffrn_id               1 
_reflns.pdbx_ordinal                 1 
_reflns.observed_criterion_sigma_I   ? 
_reflns.observed_criterion_sigma_F   ? 
_reflns.d_resolution_low             32.590 
_reflns.d_resolution_high            1.710 
_reflns.number_obs                   21116 
_reflns.number_all                   ? 
_reflns.percent_possible_obs         99.500 
_reflns.pdbx_Rmerge_I_obs            0.054 
_reflns.pdbx_Rsym_value              ? 
_reflns.pdbx_netI_over_sigmaI        15.200 
_reflns.B_iso_Wilson_estimate        ? 
_reflns.pdbx_redundancy              6.400 
_reflns.pdbx_Rrim_I_all              0.059 
_reflns.pdbx_Rpim_I_all              0.023 
_reflns.pdbx_CC_half                 0.999 
_reflns.pdbx_netI_over_av_sigmaI     ? 
_reflns.pdbx_number_measured_all     135108 
_reflns.pdbx_scaling_rejects         0 
_reflns.pdbx_chi_squared             ? 
_reflns.Rmerge_F_all                 ? 
_reflns.Rmerge_F_obs                 ? 
_reflns.observed_criterion_F_max     ? 
_reflns.observed_criterion_F_min     ? 
_reflns.observed_criterion_I_max     ? 
_reflns.observed_criterion_I_min     ? 
_reflns.pdbx_d_res_high_opt          ? 
_reflns.pdbx_d_res_low_opt           ? 
_reflns.details                      ? 
# 
loop_
_reflns_shell.pdbx_diffrn_id 
_reflns_shell.pdbx_ordinal 
_reflns_shell.d_res_high 
_reflns_shell.d_res_low 
_reflns_shell.number_measured_obs 
_reflns_shell.number_measured_all 
_reflns_shell.number_unique_obs 
_reflns_shell.pdbx_rejects 
_reflns_shell.Rmerge_I_obs 
_reflns_shell.meanI_over_sigI_obs 
_reflns_shell.pdbx_Rsym_value 
_reflns_shell.pdbx_chi_squared 
_reflns_shell.pdbx_redundancy 
_reflns_shell.percent_possible_obs 
_reflns_shell.pdbx_netI_over_sigmaI_obs 
_reflns_shell.number_possible 
_reflns_shell.number_unique_all 
_reflns_shell.Rmerge_F_all 
_reflns_shell.Rmerge_F_obs 
_reflns_shell.Rmerge_I_all 
_reflns_shell.meanI_over_sigI_all 
_reflns_shell.percent_possible_all 
_reflns_shell.pdbx_Rrim_I_all 
_reflns_shell.pdbx_Rpim_I_all 
_reflns_shell.pdbx_CC_half 
1 1 1.710 1.750  ? 8607 ? ? 1.291 ? ? ? 5.700 ? 1.400  ? 1516 ? ? ? ? 99.300 1.424 0.591 0.635 
1 2 7.650 32.590 ? 1544 ? ? 0.027 ? ? ? 5.400 ? 48.100 ? 285  ? ? ? ? 98.400 0.029 0.012 0.999 
# 
_refine.entry_id                                 5QP4 
_refine.pdbx_refine_id                           'X-RAY DIFFRACTION' 
_refine.ls_d_res_high                            1.7100 
_refine.ls_d_res_low                             44.4300 
_refine.pdbx_ls_sigma_F                          0.000 
_refine.pdbx_data_cutoff_high_absF               ? 
_refine.pdbx_data_cutoff_low_absF                ? 
_refine.ls_percent_reflns_obs                    99.3900 
_refine.ls_number_reflns_obs                     20044 
_refine.ls_number_reflns_all                     ? 
_refine.pdbx_ls_cross_valid_method               THROUGHOUT 
_refine.ls_matrix_type                           ? 
_refine.pdbx_R_Free_selection_details            RANDOM 
_refine.details                                  
'HYDROGENS HAVE BEEN ADDED IN THE RIDING POSITIONS U VALUES : REFINED INDIVIDUALLY' 
_refine.ls_R_factor_all                          ? 
_refine.ls_R_factor_obs                          0.2063 
_refine.ls_R_factor_R_work                       0.2038 
_refine.ls_wR_factor_R_work                      ? 
_refine.ls_R_factor_R_free                       0.2593 
_refine.ls_wR_factor_R_free                      ? 
_refine.ls_percent_reflns_R_free                 4.9000 
_refine.ls_number_reflns_R_free                  1025 
_refine.ls_number_reflns_R_work                  ? 
_refine.ls_R_factor_R_free_error                 ? 
_refine.B_iso_mean                               39.9970 
_refine.solvent_model_param_bsol                 ? 
_refine.solvent_model_param_ksol                 ? 
_refine.pdbx_isotropic_thermal_model             ? 
_refine.aniso_B[1][1]                            2.4600 
_refine.aniso_B[2][2]                            -2.9100 
_refine.aniso_B[3][3]                            0.4400 
_refine.aniso_B[1][2]                            0.0000 
_refine.aniso_B[1][3]                            -0.0000 
_refine.aniso_B[2][3]                            0.0000 
_refine.correlation_coeff_Fo_to_Fc               0.9580 
_refine.correlation_coeff_Fo_to_Fc_free          0.9240 
_refine.overall_SU_R_Cruickshank_DPI             ? 
_refine.pdbx_overall_SU_R_free_Cruickshank_DPI   ? 
_refine.pdbx_overall_SU_R_Blow_DPI               ? 
_refine.pdbx_overall_SU_R_free_Blow_DPI          ? 
_refine.overall_SU_R_free                        ? 
_refine.pdbx_overall_ESU_R                       0.1350 
_refine.pdbx_overall_ESU_R_Free                  0.1370 
_refine.overall_SU_ML                            0.1150 
_refine.overall_SU_B                             3.7120 
_refine.solvent_model_details                    MASK 
_refine.pdbx_solvent_vdw_probe_radii             1.2000 
_refine.pdbx_solvent_ion_probe_radii             0.8000 
_refine.pdbx_solvent_shrinkage_radii             0.8000 
_refine.ls_number_parameters                     ? 
_refine.ls_number_restraints                     ? 
_refine.pdbx_starting_model                      'PDB entry 5MP0' 
_refine.pdbx_method_to_determine_struct          'FOURIER SYNTHESIS' 
_refine.pdbx_stereochemistry_target_values       'MAXIMUM LIKELIHOOD' 
_refine.pdbx_stereochem_target_val_spec_case     ? 
_refine.overall_FOM_work_R_set                   ? 
_refine.B_iso_max                                98.710 
_refine.B_iso_min                                21.600 
_refine.pdbx_overall_phase_error                 ? 
_refine.occupancy_max                            ? 
_refine.occupancy_min                            ? 
_refine.pdbx_diffrn_id                           1 
_refine.pdbx_TLS_residual_ADP_flag               ? 
_refine.pdbx_ls_sigma_I                          ? 
_refine.pdbx_data_cutoff_high_rms_absF           ? 
_refine.ls_R_factor_R_free_error_details         ? 
# 
_refine_hist.cycle_id                         final 
_refine_hist.pdbx_refine_id                   'X-RAY DIFFRACTION' 
_refine_hist.d_res_high                       1.7100 
_refine_hist.d_res_low                        44.4300 
_refine_hist.pdbx_number_atoms_ligand         44 
_refine_hist.number_atoms_solvent             85 
_refine_hist.number_atoms_total               1324 
_refine_hist.pdbx_number_residues_total       149 
_refine_hist.pdbx_B_iso_mean_ligand           65.27 
_refine_hist.pdbx_B_iso_mean_solvent          45.73 
_refine_hist.pdbx_number_atoms_protein        1195 
_refine_hist.pdbx_number_atoms_nucleic_acid   0 
# 
loop_
_refine_ls_restr.pdbx_refine_id 
_refine_ls_restr.type 
_refine_ls_restr.number 
_refine_ls_restr.dev_ideal 
_refine_ls_restr.dev_ideal_target 
_refine_ls_restr.weight 
_refine_ls_restr.pdbx_restraint_function 
'X-RAY DIFFRACTION' r_bond_refined_d       2126 0.017  0.019  ? ? 
'X-RAY DIFFRACTION' r_bond_other_d         1683 0.003  0.020  ? ? 
'X-RAY DIFFRACTION' r_angle_refined_deg    2447 1.876  1.971  ? ? 
'X-RAY DIFFRACTION' r_angle_other_deg      3900 1.129  2.971  ? ? 
'X-RAY DIFFRACTION' r_dihedral_angle_1_deg 223  6.522  5.000  ? ? 
'X-RAY DIFFRACTION' r_dihedral_angle_2_deg 84   31.474 21.310 ? ? 
'X-RAY DIFFRACTION' r_dihedral_angle_3_deg 307  16.301 15.000 ? ? 
'X-RAY DIFFRACTION' r_dihedral_angle_4_deg 22   19.480 15.000 ? ? 
'X-RAY DIFFRACTION' r_chiral_restr         237  0.116  0.200  ? ? 
'X-RAY DIFFRACTION' r_gen_planes_refined   2069 0.010  0.021  ? ? 
'X-RAY DIFFRACTION' r_gen_planes_other     423  0.003  0.020  ? ? 
'X-RAY DIFFRACTION' r_mcbond_it            977  3.125  3.726  ? ? 
'X-RAY DIFFRACTION' r_mcbond_other         967  3.128  3.705  ? ? 
'X-RAY DIFFRACTION' r_mcangle_it           1075 4.708  5.482  ? ? 
# 
_refine_ls_shell.d_res_high                       1.7100 
_refine_ls_shell.d_res_low                        1.7540 
_refine_ls_shell.pdbx_total_number_of_bins_used   20 
_refine_ls_shell.percent_reflns_obs               98.9500 
_refine_ls_shell.number_reflns_R_work             1442 
_refine_ls_shell.R_factor_all                     ? 
_refine_ls_shell.R_factor_R_work                  0.3410 
_refine_ls_shell.R_factor_R_free                  0.3520 
_refine_ls_shell.percent_reflns_R_free            ? 
_refine_ls_shell.number_reflns_R_free             68 
_refine_ls_shell.R_factor_R_free_error            ? 
_refine_ls_shell.number_reflns_all                1510 
_refine_ls_shell.number_reflns_obs                ? 
_refine_ls_shell.pdbx_refine_id                   'X-RAY DIFFRACTION' 
# 
_struct.entry_id                  5QP4 
_struct.title                     
'PanDDA analysis group deposition -- Crystal Structure of DCP2 (NUDT20) in complex with Z450133538' 
_struct.pdbx_model_details        ? 
_struct.pdbx_CASP_flag            ? 
_struct.pdbx_model_type_details   ? 
# 
_struct_keywords.entry_id        5QP4 
_struct_keywords.text            'SGC - Diamond I04-1 fragment screening, PanDDA, XChemExplorer, HYDROLASE' 
_struct_keywords.pdbx_keywords   HYDROLASE 
# 
loop_
_struct_asym.id 
_struct_asym.pdbx_blank_PDB_chainid_flag 
_struct_asym.pdbx_modified 
_struct_asym.entity_id 
_struct_asym.details 
A N N 1 ? 
B N N 2 ? 
C N N 2 ? 
D N N 3 ? 
E N N 4 ? 
F N N 4 ? 
G N N 5 ? 
H N N 6 ? 
# 
_struct_ref.id                         1 
_struct_ref.db_name                    UNP 
_struct_ref.db_code                    DCP2_HUMAN 
_struct_ref.pdbx_db_accession          Q8IU60 
_struct_ref.pdbx_db_isoform            ? 
_struct_ref.entity_id                  1 
_struct_ref.pdbx_seq_one_letter_code   
;MGVPTYGAIILDETLENVLLVQGYLAKSGWGFPKGKVNKEEAPHDCAAREVFEETGFDIKDYICKDDYIELRINDQLARL
YIIPGIPKDTKFNPKTRREIRNIEWFSIEKLPCHRNDMTPKSKLGLAPNKFFMAIPFIRPLRDWLSRRFGDSSDSDNGFS
STGSTP
;
_struct_ref.pdbx_align_begin           95 
# 
_struct_ref_seq.align_id                      1 
_struct_ref_seq.ref_id                        1 
_struct_ref_seq.pdbx_PDB_id_code              5QP4 
_struct_ref_seq.pdbx_strand_id                A 
_struct_ref_seq.seq_align_beg                 2 
_struct_ref_seq.pdbx_seq_align_beg_ins_code   ? 
_struct_ref_seq.seq_align_end                 167 
_struct_ref_seq.pdbx_seq_align_end_ins_code   ? 
_struct_ref_seq.pdbx_db_accession             Q8IU60 
_struct_ref_seq.db_align_beg                  95 
_struct_ref_seq.pdbx_db_align_beg_ins_code    ? 
_struct_ref_seq.db_align_end                  260 
_struct_ref_seq.pdbx_db_align_end_ins_code    ? 
_struct_ref_seq.pdbx_auth_seq_align_beg       95 
_struct_ref_seq.pdbx_auth_seq_align_end       260 
# 
_struct_ref_seq_dif.align_id                     1 
_struct_ref_seq_dif.pdbx_pdb_id_code             5QP4 
_struct_ref_seq_dif.mon_id                       SER 
_struct_ref_seq_dif.pdbx_pdb_strand_id           A 
_struct_ref_seq_dif.seq_num                      1 
_struct_ref_seq_dif.pdbx_pdb_ins_code            ? 
_struct_ref_seq_dif.pdbx_seq_db_name             UNP 
_struct_ref_seq_dif.pdbx_seq_db_accession_code   Q8IU60 
_struct_ref_seq_dif.db_mon_id                    ? 
_struct_ref_seq_dif.pdbx_seq_db_seq_num          ? 
_struct_ref_seq_dif.details                      'expression tag' 
_struct_ref_seq_dif.pdbx_auth_seq_num            94 
_struct_ref_seq_dif.pdbx_ordinal                 1 
# 
_pdbx_struct_assembly.id                   1 
_pdbx_struct_assembly.details              author_and_software_defined_assembly 
_pdbx_struct_assembly.method_details       PISA 
_pdbx_struct_assembly.oligomeric_details   monomeric 
_pdbx_struct_assembly.oligomeric_count     1 
# 
loop_
_pdbx_struct_assembly_prop.biol_id 
_pdbx_struct_assembly_prop.type 
_pdbx_struct_assembly_prop.value 
_pdbx_struct_assembly_prop.details 
1 'ABSA (A^2)' 860  ? 
1 MORE         5    ? 
1 'SSA (A^2)'  8650 ? 
# 
_pdbx_struct_assembly_gen.assembly_id       1 
_pdbx_struct_assembly_gen.oper_expression   1 
_pdbx_struct_assembly_gen.asym_id_list      A,B,C,D,E,F,G,H 
# 
_pdbx_struct_oper_list.id                   1 
_pdbx_struct_oper_list.type                 'identity operation' 
_pdbx_struct_oper_list.name                 1_555 
_pdbx_struct_oper_list.symmetry_operation   x,y,z 
_pdbx_struct_oper_list.matrix[1][1]         1.0000000000 
_pdbx_struct_oper_list.matrix[1][2]         0.0000000000 
_pdbx_struct_oper_list.matrix[1][3]         0.0000000000 
_pdbx_struct_oper_list.vector[1]            0.0000000000 
_pdbx_struct_oper_list.matrix[2][1]         0.0000000000 
_pdbx_struct_oper_list.matrix[2][2]         1.0000000000 
_pdbx_struct_oper_list.matrix[2][3]         0.0000000000 
_pdbx_struct_oper_list.vector[2]            0.0000000000 
_pdbx_struct_oper_list.matrix[3][1]         0.0000000000 
_pdbx_struct_oper_list.matrix[3][2]         0.0000000000 
_pdbx_struct_oper_list.matrix[3][3]         1.0000000000 
_pdbx_struct_oper_list.vector[3]            0.0000000000 
# 
loop_
_struct_conf.conf_type_id 
_struct_conf.id 
_struct_conf.pdbx_PDB_helix_id 
_struct_conf.beg_label_comp_id 
_struct_conf.beg_label_asym_id 
_struct_conf.beg_label_seq_id 
_struct_conf.pdbx_beg_PDB_ins_code 
_struct_conf.end_label_comp_id 
_struct_conf.end_label_asym_id 
_struct_conf.end_label_seq_id 
_struct_conf.pdbx_end_PDB_ins_code 
_struct_conf.beg_auth_comp_id 
_struct_conf.beg_auth_asym_id 
_struct_conf.beg_auth_seq_id 
_struct_conf.end_auth_comp_id 
_struct_conf.end_auth_asym_id 
_struct_conf.end_auth_seq_id 
_struct_conf.pdbx_PDB_helix_class 
_struct_conf.details 
_struct_conf.pdbx_PDB_helix_length 
HELX_P HELX_P1 AA1 LEU A 26  ? SER A 29  ? LEU A 119 SER A 122 5 ? 4  
HELX_P HELX_P2 AA2 ALA A 43  ? GLY A 57  ? ALA A 136 GLY A 150 1 ? 15 
HELX_P HELX_P3 AA3 GLU A 110 ? LEU A 112 ? GLU A 203 LEU A 205 5 ? 3  
HELX_P HELX_P4 AA4 MET A 119 ? SER A 123 ? MET A 212 SER A 216 5 ? 5  
HELX_P HELX_P5 AA5 ALA A 135 ? PHE A 150 ? ALA A 228 PHE A 243 1 ? 16 
# 
_struct_conf_type.id          HELX_P 
_struct_conf_type.criteria    ? 
_struct_conf_type.reference   ? 
# 
loop_
_struct_sheet.id 
_struct_sheet.type 
_struct_sheet.number_strands 
_struct_sheet.details 
AA1 ? 4 ? 
AA2 ? 3 ? 
# 
loop_
_struct_sheet_order.sheet_id 
_struct_sheet_order.range_id_1 
_struct_sheet_order.range_id_2 
_struct_sheet_order.offset 
_struct_sheet_order.sense 
AA1 1 2 ? anti-parallel 
AA1 2 3 ? parallel      
AA1 3 4 ? anti-parallel 
AA2 1 2 ? anti-parallel 
AA2 2 3 ? anti-parallel 
# 
loop_
_struct_sheet_range.sheet_id 
_struct_sheet_range.id 
_struct_sheet_range.beg_label_comp_id 
_struct_sheet_range.beg_label_asym_id 
_struct_sheet_range.beg_label_seq_id 
_struct_sheet_range.pdbx_beg_PDB_ins_code 
_struct_sheet_range.end_label_comp_id 
_struct_sheet_range.end_label_asym_id 
_struct_sheet_range.end_label_seq_id 
_struct_sheet_range.pdbx_end_PDB_ins_code 
_struct_sheet_range.beg_auth_comp_id 
_struct_sheet_range.beg_auth_asym_id 
_struct_sheet_range.beg_auth_seq_id 
_struct_sheet_range.end_auth_comp_id 
_struct_sheet_range.end_auth_asym_id 
_struct_sheet_range.end_auth_seq_id 
AA1 1 LYS A 35  ? LYS A 37  ? LYS A 128 LYS A 130 
AA1 2 THR A 6   ? ILE A 11  ? THR A 99  ILE A 104 
AA1 3 GLN A 77  ? ILE A 84  ? GLN A 170 ILE A 177 
AA1 4 TYR A 69  ? ILE A 74  ? TYR A 162 ILE A 167 
AA2 1 TRP A 31  ? GLY A 32  ? TRP A 124 GLY A 125 
AA2 2 ASN A 18  ? GLY A 24  ? ASN A 111 GLY A 117 
AA2 3 ILE A 101 ? SER A 108 ? ILE A 194 SER A 201 
# 
loop_
_pdbx_struct_sheet_hbond.sheet_id 
_pdbx_struct_sheet_hbond.range_id_1 
_pdbx_struct_sheet_hbond.range_id_2 
_pdbx_struct_sheet_hbond.range_1_label_atom_id 
_pdbx_struct_sheet_hbond.range_1_label_comp_id 
_pdbx_struct_sheet_hbond.range_1_label_asym_id 
_pdbx_struct_sheet_hbond.range_1_label_seq_id 
_pdbx_struct_sheet_hbond.range_1_PDB_ins_code 
_pdbx_struct_sheet_hbond.range_1_auth_atom_id 
_pdbx_struct_sheet_hbond.range_1_auth_comp_id 
_pdbx_struct_sheet_hbond.range_1_auth_asym_id 
_pdbx_struct_sheet_hbond.range_1_auth_seq_id 
_pdbx_struct_sheet_hbond.range_2_label_atom_id 
_pdbx_struct_sheet_hbond.range_2_label_comp_id 
_pdbx_struct_sheet_hbond.range_2_label_asym_id 
_pdbx_struct_sheet_hbond.range_2_label_seq_id 
_pdbx_struct_sheet_hbond.range_2_PDB_ins_code 
_pdbx_struct_sheet_hbond.range_2_auth_atom_id 
_pdbx_struct_sheet_hbond.range_2_auth_comp_id 
_pdbx_struct_sheet_hbond.range_2_auth_asym_id 
_pdbx_struct_sheet_hbond.range_2_auth_seq_id 
AA1 1 2 O GLY A 36 ? O GLY A 129 N TYR A 7   ? N TYR A 100 
AA1 2 3 N ILE A 10 ? N ILE A 103 O ILE A 84  ? O ILE A 177 
AA1 3 4 O ALA A 79 ? O ALA A 172 N LEU A 72  ? N LEU A 165 
AA2 1 2 O GLY A 32 ? O GLY A 125 N VAL A 22  ? N VAL A 115 
AA2 2 3 N LEU A 21 ? N LEU A 114 O GLU A 105 ? O GLU A 198 
# 
loop_
_struct_site.id 
_struct_site.pdbx_evidence_code 
_struct_site.pdbx_auth_asym_id 
_struct_site.pdbx_auth_comp_id 
_struct_site.pdbx_auth_seq_id 
_struct_site.pdbx_auth_ins_code 
_struct_site.pdbx_num_residues 
_struct_site.details 
AC1 Software A EDO 301 ? 3  'binding site for residue EDO A 301' 
AC2 Software A EDO 302 ? 6  'binding site for residue EDO A 302' 
AC3 Software A DMS 303 ? 2  'binding site for residue DMS A 303' 
AC4 Software A ACT 304 ? 3  'binding site for residue ACT A 304' 
AC5 Software A ACT 305 ? 6  'binding site for residue ACT A 305' 
AC6 Software A LH7 306 ? 11 'binding site for residue LH7 A 306' 
# 
loop_
_struct_site_gen.id 
_struct_site_gen.site_id 
_struct_site_gen.pdbx_num_res 
_struct_site_gen.label_comp_id 
_struct_site_gen.label_asym_id 
_struct_site_gen.label_seq_id 
_struct_site_gen.pdbx_auth_ins_code 
_struct_site_gen.auth_comp_id 
_struct_site_gen.auth_asym_id 
_struct_site_gen.auth_seq_id 
_struct_site_gen.label_atom_id 
_struct_site_gen.label_alt_id 
_struct_site_gen.symmetry 
_struct_site_gen.details 
1  AC1 3  PHE A 53  ? PHE A 146 . ? 1_555 ? 
2  AC1 3  ASP A 59  ? ASP A 152 . ? 1_555 ? 
3  AC1 3  LYS A 61  ? LYS A 154 . ? 1_555 ? 
4  AC2 6  PRO A 129 ? PRO A 222 . ? 1_555 ? 
5  AC2 6  ASN A 130 ? ASN A 223 . ? 1_555 ? 
6  AC2 6  LYS A 131 ? LYS A 224 . ? 1_555 ? 
7  AC2 6  ACT F .   ? ACT A 305 . ? 1_555 ? 
8  AC2 6  HOH H .   ? HOH A 405 . ? 1_555 ? 
9  AC2 6  HOH H .   ? HOH A 424 . ? 3_357 ? 
10 AC3 2  ASN A 18  ? ASN A 111 . ? 1_555 ? 
11 AC3 2  TRP A 106 ? TRP A 199 . ? 1_555 ? 
12 AC4 3  SER A 29  ? SER A 122 . ? 1_555 ? 
13 AC4 3  TYR A 63  ? TYR A 156 . ? 3_357 ? 
14 AC4 3  HOH H .   ? HOH A 411 . ? 1_555 ? 
15 AC5 6  ARG A 116 ? ARG A 209 . ? 1_555 ? 
16 AC5 6  PRO A 129 ? PRO A 222 . ? 1_555 ? 
17 AC5 6  ASN A 130 ? ASN A 223 . ? 1_555 ? 
18 AC5 6  PHE A 133 ? PHE A 226 . ? 1_555 ? 
19 AC5 6  EDO C .   ? EDO A 302 . ? 1_555 ? 
20 AC5 6  LH7 G .   ? LH7 A 306 . ? 1_555 ? 
21 AC6 11 GLY A 24  ? GLY A 117 . ? 1_555 ? 
22 AC6 11 ALA A 27  ? ALA A 120 . ? 1_555 ? 
23 AC6 11 LYS A 28  ? LYS A 121 . ? 1_555 ? 
24 AC6 11 LYS A 35  ? LYS A 128 . ? 1_555 ? 
25 AC6 11 GLU A 55  ? GLU A 148 . ? 1_555 ? 
26 AC6 11 ILE A 101 ? ILE A 194 . ? 1_555 ? 
27 AC6 11 PHE A 133 ? PHE A 226 . ? 1_555 ? 
28 AC6 11 MET A 134 ? MET A 227 . ? 1_555 ? 
29 AC6 11 ACT F .   ? ACT A 305 . ? 1_555 ? 
30 AC6 11 HOH H .   ? HOH A 417 . ? 1_555 ? 
31 AC6 11 HOH H .   ? HOH A 449 . ? 1_555 ? 
# 
_pdbx_validate_rmsd_bond.id                        1 
_pdbx_validate_rmsd_bond.PDB_model_num             1 
_pdbx_validate_rmsd_bond.auth_atom_id_1            CB 
_pdbx_validate_rmsd_bond.auth_asym_id_1            A 
_pdbx_validate_rmsd_bond.auth_comp_id_1            TYR 
_pdbx_validate_rmsd_bond.auth_seq_id_1             156 
_pdbx_validate_rmsd_bond.PDB_ins_code_1            ? 
_pdbx_validate_rmsd_bond.label_alt_id_1            ? 
_pdbx_validate_rmsd_bond.auth_atom_id_2            CG 
_pdbx_validate_rmsd_bond.auth_asym_id_2            A 
_pdbx_validate_rmsd_bond.auth_comp_id_2            TYR 
_pdbx_validate_rmsd_bond.auth_seq_id_2             156 
_pdbx_validate_rmsd_bond.PDB_ins_code_2            ? 
_pdbx_validate_rmsd_bond.label_alt_id_2            ? 
_pdbx_validate_rmsd_bond.bond_value                1.394 
_pdbx_validate_rmsd_bond.bond_target_value         1.512 
_pdbx_validate_rmsd_bond.bond_deviation            -0.118 
_pdbx_validate_rmsd_bond.bond_standard_deviation   0.015 
_pdbx_validate_rmsd_bond.linker_flag               N 
# 
loop_
_pdbx_validate_rmsd_angle.id 
_pdbx_validate_rmsd_angle.PDB_model_num 
_pdbx_validate_rmsd_angle.auth_atom_id_1 
_pdbx_validate_rmsd_angle.auth_asym_id_1 
_pdbx_validate_rmsd_angle.auth_comp_id_1 
_pdbx_validate_rmsd_angle.auth_seq_id_1 
_pdbx_validate_rmsd_angle.PDB_ins_code_1 
_pdbx_validate_rmsd_angle.label_alt_id_1 
_pdbx_validate_rmsd_angle.auth_atom_id_2 
_pdbx_validate_rmsd_angle.auth_asym_id_2 
_pdbx_validate_rmsd_angle.auth_comp_id_2 
_pdbx_validate_rmsd_angle.auth_seq_id_2 
_pdbx_validate_rmsd_angle.PDB_ins_code_2 
_pdbx_validate_rmsd_angle.label_alt_id_2 
_pdbx_validate_rmsd_angle.auth_atom_id_3 
_pdbx_validate_rmsd_angle.auth_asym_id_3 
_pdbx_validate_rmsd_angle.auth_comp_id_3 
_pdbx_validate_rmsd_angle.auth_seq_id_3 
_pdbx_validate_rmsd_angle.PDB_ins_code_3 
_pdbx_validate_rmsd_angle.label_alt_id_3 
_pdbx_validate_rmsd_angle.angle_value 
_pdbx_validate_rmsd_angle.angle_target_value 
_pdbx_validate_rmsd_angle.angle_deviation 
_pdbx_validate_rmsd_angle.angle_standard_deviation 
_pdbx_validate_rmsd_angle.linker_flag 
1 1 CB A ASP 152 ? ? CG A ASP 152 ? ? OD1 A ASP 152 ? ? 124.54 118.30 6.24  0.90 N 
2 1 CB A ASP 169 ? ? CG A ASP 169 ? ? OD2 A ASP 169 ? ? 110.42 118.30 -7.88 0.90 N 
# 
loop_
_pdbx_validate_torsion.id 
_pdbx_validate_torsion.PDB_model_num 
_pdbx_validate_torsion.auth_comp_id 
_pdbx_validate_torsion.auth_asym_id 
_pdbx_validate_torsion.auth_seq_id 
_pdbx_validate_torsion.PDB_ins_code 
_pdbx_validate_torsion.label_alt_id 
_pdbx_validate_torsion.phi 
_pdbx_validate_torsion.psi 
1 1 LEU A 119 ? ? 58.63  -120.30 
2 1 ASP A 211 ? ? -77.68 -165.55 
# 
_phasing.method   MR 
# 
loop_
_pdbx_unobs_or_zero_occ_residues.id 
_pdbx_unobs_or_zero_occ_residues.PDB_model_num 
_pdbx_unobs_or_zero_occ_residues.polymer_flag 
_pdbx_unobs_or_zero_occ_residues.occupancy_flag 
_pdbx_unobs_or_zero_occ_residues.auth_asym_id 
_pdbx_unobs_or_zero_occ_residues.auth_comp_id 
_pdbx_unobs_or_zero_occ_residues.auth_seq_id 
_pdbx_unobs_or_zero_occ_residues.PDB_ins_code 
_pdbx_unobs_or_zero_occ_residues.label_asym_id 
_pdbx_unobs_or_zero_occ_residues.label_comp_id 
_pdbx_unobs_or_zero_occ_residues.label_seq_id 
1  1 Y 1 A SER 94  ? A SER 1   
2  1 Y 1 A MET 95  ? A MET 2   
3  1 Y 1 A ASP 245 ? A ASP 152 
4  1 Y 1 A SER 246 ? A SER 153 
5  1 Y 1 A SER 247 ? A SER 154 
6  1 Y 1 A ASP 248 ? A ASP 155 
7  1 Y 1 A SER 249 ? A SER 156 
8  1 Y 1 A ASP 250 ? A ASP 157 
9  1 Y 1 A ASN 251 ? A ASN 158 
10 1 Y 1 A GLY 252 ? A GLY 159 
11 1 Y 1 A PHE 253 ? A PHE 160 
12 1 Y 1 A SER 254 ? A SER 161 
13 1 Y 1 A SER 255 ? A SER 162 
14 1 Y 1 A THR 256 ? A THR 163 
15 1 Y 1 A GLY 257 ? A GLY 164 
16 1 Y 1 A SER 258 ? A SER 165 
17 1 Y 1 A THR 259 ? A THR 166 
18 1 Y 1 A PRO 260 ? A PRO 167 
# 
loop_
_chem_comp_atom.comp_id 
_chem_comp_atom.atom_id 
_chem_comp_atom.type_symbol 
_chem_comp_atom.pdbx_aromatic_flag 
_chem_comp_atom.pdbx_stereo_config 
_chem_comp_atom.pdbx_ordinal 
ACT C    C N N 1   
ACT O    O N N 2   
ACT OXT  O N N 3   
ACT CH3  C N N 4   
ACT H1   H N N 5   
ACT H2   H N N 6   
ACT H3   H N N 7   
ALA N    N N N 8   
ALA CA   C N S 9   
ALA C    C N N 10  
ALA O    O N N 11  
ALA CB   C N N 12  
ALA OXT  O N N 13  
ALA H    H N N 14  
ALA H2   H N N 15  
ALA HA   H N N 16  
ALA HB1  H N N 17  
ALA HB2  H N N 18  
ALA HB3  H N N 19  
ALA HXT  H N N 20  
ARG N    N N N 21  
ARG CA   C N S 22  
ARG C    C N N 23  
ARG O    O N N 24  
ARG CB   C N N 25  
ARG CG   C N N 26  
ARG CD   C N N 27  
ARG NE   N N N 28  
ARG CZ   C N N 29  
ARG NH1  N N N 30  
ARG NH2  N N N 31  
ARG OXT  O N N 32  
ARG H    H N N 33  
ARG H2   H N N 34  
ARG HA   H N N 35  
ARG HB2  H N N 36  
ARG HB3  H N N 37  
ARG HG2  H N N 38  
ARG HG3  H N N 39  
ARG HD2  H N N 40  
ARG HD3  H N N 41  
ARG HE   H N N 42  
ARG HH11 H N N 43  
ARG HH12 H N N 44  
ARG HH21 H N N 45  
ARG HH22 H N N 46  
ARG HXT  H N N 47  
ASN N    N N N 48  
ASN CA   C N S 49  
ASN C    C N N 50  
ASN O    O N N 51  
ASN CB   C N N 52  
ASN CG   C N N 53  
ASN OD1  O N N 54  
ASN ND2  N N N 55  
ASN OXT  O N N 56  
ASN H    H N N 57  
ASN H2   H N N 58  
ASN HA   H N N 59  
ASN HB2  H N N 60  
ASN HB3  H N N 61  
ASN HD21 H N N 62  
ASN HD22 H N N 63  
ASN HXT  H N N 64  
ASP N    N N N 65  
ASP CA   C N S 66  
ASP C    C N N 67  
ASP O    O N N 68  
ASP CB   C N N 69  
ASP CG   C N N 70  
ASP OD1  O N N 71  
ASP OD2  O N N 72  
ASP OXT  O N N 73  
ASP H    H N N 74  
ASP H2   H N N 75  
ASP HA   H N N 76  
ASP HB2  H N N 77  
ASP HB3  H N N 78  
ASP HD2  H N N 79  
ASP HXT  H N N 80  
CYS N    N N N 81  
CYS CA   C N R 82  
CYS C    C N N 83  
CYS O    O N N 84  
CYS CB   C N N 85  
CYS SG   S N N 86  
CYS OXT  O N N 87  
CYS H    H N N 88  
CYS H2   H N N 89  
CYS HA   H N N 90  
CYS HB2  H N N 91  
CYS HB3  H N N 92  
CYS HG   H N N 93  
CYS HXT  H N N 94  
DMS S    S N N 95  
DMS O    O N N 96  
DMS C1   C N N 97  
DMS C2   C N N 98  
DMS H11  H N N 99  
DMS H12  H N N 100 
DMS H13  H N N 101 
DMS H21  H N N 102 
DMS H22  H N N 103 
DMS H23  H N N 104 
EDO C1   C N N 105 
EDO O1   O N N 106 
EDO C2   C N N 107 
EDO O2   O N N 108 
EDO H11  H N N 109 
EDO H12  H N N 110 
EDO HO1  H N N 111 
EDO H21  H N N 112 
EDO H22  H N N 113 
EDO HO2  H N N 114 
GLN N    N N N 115 
GLN CA   C N S 116 
GLN C    C N N 117 
GLN O    O N N 118 
GLN CB   C N N 119 
GLN CG   C N N 120 
GLN CD   C N N 121 
GLN OE1  O N N 122 
GLN NE2  N N N 123 
GLN OXT  O N N 124 
GLN H    H N N 125 
GLN H2   H N N 126 
GLN HA   H N N 127 
GLN HB2  H N N 128 
GLN HB3  H N N 129 
GLN HG2  H N N 130 
GLN HG3  H N N 131 
GLN HE21 H N N 132 
GLN HE22 H N N 133 
GLN HXT  H N N 134 
GLU N    N N N 135 
GLU CA   C N S 136 
GLU C    C N N 137 
GLU O    O N N 138 
GLU CB   C N N 139 
GLU CG   C N N 140 
GLU CD   C N N 141 
GLU OE1  O N N 142 
GLU OE2  O N N 143 
GLU OXT  O N N 144 
GLU H    H N N 145 
GLU H2   H N N 146 
GLU HA   H N N 147 
GLU HB2  H N N 148 
GLU HB3  H N N 149 
GLU HG2  H N N 150 
GLU HG3  H N N 151 
GLU HE2  H N N 152 
GLU HXT  H N N 153 
GLY N    N N N 154 
GLY CA   C N N 155 
GLY C    C N N 156 
GLY O    O N N 157 
GLY OXT  O N N 158 
GLY H    H N N 159 
GLY H2   H N N 160 
GLY HA2  H N N 161 
GLY HA3  H N N 162 
GLY HXT  H N N 163 
HIS N    N N N 164 
HIS CA   C N S 165 
HIS C    C N N 166 
HIS O    O N N 167 
HIS CB   C N N 168 
HIS CG   C Y N 169 
HIS ND1  N Y N 170 
HIS CD2  C Y N 171 
HIS CE1  C Y N 172 
HIS NE2  N Y N 173 
HIS OXT  O N N 174 
HIS H    H N N 175 
HIS H2   H N N 176 
HIS HA   H N N 177 
HIS HB2  H N N 178 
HIS HB3  H N N 179 
HIS HD1  H N N 180 
HIS HD2  H N N 181 
HIS HE1  H N N 182 
HIS HE2  H N N 183 
HIS HXT  H N N 184 
HOH O    O N N 185 
HOH H1   H N N 186 
HOH H2   H N N 187 
ILE N    N N N 188 
ILE CA   C N S 189 
ILE C    C N N 190 
ILE O    O N N 191 
ILE CB   C N S 192 
ILE CG1  C N N 193 
ILE CG2  C N N 194 
ILE CD1  C N N 195 
ILE OXT  O N N 196 
ILE H    H N N 197 
ILE H2   H N N 198 
ILE HA   H N N 199 
ILE HB   H N N 200 
ILE HG12 H N N 201 
ILE HG13 H N N 202 
ILE HG21 H N N 203 
ILE HG22 H N N 204 
ILE HG23 H N N 205 
ILE HD11 H N N 206 
ILE HD12 H N N 207 
ILE HD13 H N N 208 
ILE HXT  H N N 209 
LEU N    N N N 210 
LEU CA   C N S 211 
LEU C    C N N 212 
LEU O    O N N 213 
LEU CB   C N N 214 
LEU CG   C N N 215 
LEU CD1  C N N 216 
LEU CD2  C N N 217 
LEU OXT  O N N 218 
LEU H    H N N 219 
LEU H2   H N N 220 
LEU HA   H N N 221 
LEU HB2  H N N 222 
LEU HB3  H N N 223 
LEU HG   H N N 224 
LEU HD11 H N N 225 
LEU HD12 H N N 226 
LEU HD13 H N N 227 
LEU HD21 H N N 228 
LEU HD22 H N N 229 
LEU HD23 H N N 230 
LEU HXT  H N N 231 
LH7 N1   N Y N 232 
LH7 N3   N N N 233 
LH7 C4   C Y N 234 
LH7 C5   C N S 235 
LH7 C6   C N N 236 
LH7 C7   C N N 237 
LH7 C8   C N N 238 
LH7 C10  C N N 239 
LH7 C13  C Y N 240 
LH7 C15  C Y N 241 
LH7 C1   C N N 242 
LH7 C11  C Y N 243 
LH7 C12  C Y N 244 
LH7 C14  C Y N 245 
LH7 C16  C Y N 246 
LH7 C2   C Y N 247 
LH7 C3   C Y N 248 
LH7 C9   C N N 249 
LH7 F1   F N N 250 
LH7 N2   N Y N 251 
LH7 O1   O N N 252 
LH7 O2   O N N 253 
LH7 O3   O N N 254 
LH7 S1   S N N 255 
LH7 H1   H N N 256 
LH7 H2   H N N 257 
LH7 H3   H N N 258 
LH7 H4   H N N 259 
LH7 H5   H N N 260 
LH7 H6   H N N 261 
LH7 H7   H N N 262 
LH7 H8   H N N 263 
LH7 H9   H N N 264 
LH7 H10  H N N 265 
LH7 H11  H N N 266 
LH7 H12  H N N 267 
LH7 H13  H N N 268 
LH7 H14  H N N 269 
LH7 H15  H N N 270 
LH7 H16  H N N 271 
LH7 H17  H N N 272 
LH7 H18  H N N 273 
LYS N    N N N 274 
LYS CA   C N S 275 
LYS C    C N N 276 
LYS O    O N N 277 
LYS CB   C N N 278 
LYS CG   C N N 279 
LYS CD   C N N 280 
LYS CE   C N N 281 
LYS NZ   N N N 282 
LYS OXT  O N N 283 
LYS H    H N N 284 
LYS H2   H N N 285 
LYS HA   H N N 286 
LYS HB2  H N N 287 
LYS HB3  H N N 288 
LYS HG2  H N N 289 
LYS HG3  H N N 290 
LYS HD2  H N N 291 
LYS HD3  H N N 292 
LYS HE2  H N N 293 
LYS HE3  H N N 294 
LYS HZ1  H N N 295 
LYS HZ2  H N N 296 
LYS HZ3  H N N 297 
LYS HXT  H N N 298 
MET N    N N N 299 
MET CA   C N S 300 
MET C    C N N 301 
MET O    O N N 302 
MET CB   C N N 303 
MET CG   C N N 304 
MET SD   S N N 305 
MET CE   C N N 306 
MET OXT  O N N 307 
MET H    H N N 308 
MET H2   H N N 309 
MET HA   H N N 310 
MET HB2  H N N 311 
MET HB3  H N N 312 
MET HG2  H N N 313 
MET HG3  H N N 314 
MET HE1  H N N 315 
MET HE2  H N N 316 
MET HE3  H N N 317 
MET HXT  H N N 318 
PHE N    N N N 319 
PHE CA   C N S 320 
PHE C    C N N 321 
PHE O    O N N 322 
PHE CB   C N N 323 
PHE CG   C Y N 324 
PHE CD1  C Y N 325 
PHE CD2  C Y N 326 
PHE CE1  C Y N 327 
PHE CE2  C Y N 328 
PHE CZ   C Y N 329 
PHE OXT  O N N 330 
PHE H    H N N 331 
PHE H2   H N N 332 
PHE HA   H N N 333 
PHE HB2  H N N 334 
PHE HB3  H N N 335 
PHE HD1  H N N 336 
PHE HD2  H N N 337 
PHE HE1  H N N 338 
PHE HE2  H N N 339 
PHE HZ   H N N 340 
PHE HXT  H N N 341 
PRO N    N N N 342 
PRO CA   C N S 343 
PRO C    C N N 344 
PRO O    O N N 345 
PRO CB   C N N 346 
PRO CG   C N N 347 
PRO CD   C N N 348 
PRO OXT  O N N 349 
PRO H    H N N 350 
PRO HA   H N N 351 
PRO HB2  H N N 352 
PRO HB3  H N N 353 
PRO HG2  H N N 354 
PRO HG3  H N N 355 
PRO HD2  H N N 356 
PRO HD3  H N N 357 
PRO HXT  H N N 358 
SER N    N N N 359 
SER CA   C N S 360 
SER C    C N N 361 
SER O    O N N 362 
SER CB   C N N 363 
SER OG   O N N 364 
SER OXT  O N N 365 
SER H    H N N 366 
SER H2   H N N 367 
SER HA   H N N 368 
SER HB2  H N N 369 
SER HB3  H N N 370 
SER HG   H N N 371 
SER HXT  H N N 372 
THR N    N N N 373 
THR CA   C N S 374 
THR C    C N N 375 
THR O    O N N 376 
THR CB   C N R 377 
THR OG1  O N N 378 
THR CG2  C N N 379 
THR OXT  O N N 380 
THR H    H N N 381 
THR H2   H N N 382 
THR HA   H N N 383 
THR HB   H N N 384 
THR HG1  H N N 385 
THR HG21 H N N 386 
THR HG22 H N N 387 
THR HG23 H N N 388 
THR HXT  H N N 389 
TRP N    N N N 390 
TRP CA   C N S 391 
TRP C    C N N 392 
TRP O    O N N 393 
TRP CB   C N N 394 
TRP CG   C Y N 395 
TRP CD1  C Y N 396 
TRP CD2  C Y N 397 
TRP NE1  N Y N 398 
TRP CE2  C Y N 399 
TRP CE3  C Y N 400 
TRP CZ2  C Y N 401 
TRP CZ3  C Y N 402 
TRP CH2  C Y N 403 
TRP OXT  O N N 404 
TRP H    H N N 405 
TRP H2   H N N 406 
TRP HA   H N N 407 
TRP HB2  H N N 408 
TRP HB3  H N N 409 
TRP HD1  H N N 410 
TRP HE1  H N N 411 
TRP HE3  H N N 412 
TRP HZ2  H N N 413 
TRP HZ3  H N N 414 
TRP HH2  H N N 415 
TRP HXT  H N N 416 
TYR N    N N N 417 
TYR CA   C N S 418 
TYR C    C N N 419 
TYR O    O N N 420 
TYR CB   C N N 421 
TYR CG   C Y N 422 
TYR CD1  C Y N 423 
TYR CD2  C Y N 424 
TYR CE1  C Y N 425 
TYR CE2  C Y N 426 
TYR CZ   C Y N 427 
TYR OH   O N N 428 
TYR OXT  O N N 429 
TYR H    H N N 430 
TYR H2   H N N 431 
TYR HA   H N N 432 
TYR HB2  H N N 433 
TYR HB3  H N N 434 
TYR HD1  H N N 435 
TYR HD2  H N N 436 
TYR HE1  H N N 437 
TYR HE2  H N N 438 
TYR HH   H N N 439 
TYR HXT  H N N 440 
VAL N    N N N 441 
VAL CA   C N S 442 
VAL C    C N N 443 
VAL O    O N N 444 
VAL CB   C N N 445 
VAL CG1  C N N 446 
VAL CG2  C N N 447 
VAL OXT  O N N 448 
VAL H    H N N 449 
VAL H2   H N N 450 
VAL HA   H N N 451 
VAL HB   H N N 452 
VAL HG11 H N N 453 
VAL HG12 H N N 454 
VAL HG13 H N N 455 
VAL HG21 H N N 456 
VAL HG22 H N N 457 
VAL HG23 H N N 458 
VAL HXT  H N N 459 
# 
loop_
_chem_comp_bond.comp_id 
_chem_comp_bond.atom_id_1 
_chem_comp_bond.atom_id_2 
_chem_comp_bond.value_order 
_chem_comp_bond.pdbx_aromatic_flag 
_chem_comp_bond.pdbx_stereo_config 
_chem_comp_bond.pdbx_ordinal 
ACT C   O    doub N N 1   
ACT C   OXT  sing N N 2   
ACT C   CH3  sing N N 3   
ACT CH3 H1   sing N N 4   
ACT CH3 H2   sing N N 5   
ACT CH3 H3   sing N N 6   
ALA N   CA   sing N N 7   
ALA N   H    sing N N 8   
ALA N   H2   sing N N 9   
ALA CA  C    sing N N 10  
ALA CA  CB   sing N N 11  
ALA CA  HA   sing N N 12  
ALA C   O    doub N N 13  
ALA C   OXT  sing N N 14  
ALA CB  HB1  sing N N 15  
ALA CB  HB2  sing N N 16  
ALA CB  HB3  sing N N 17  
ALA OXT HXT  sing N N 18  
ARG N   CA   sing N N 19  
ARG N   H    sing N N 20  
ARG N   H2   sing N N 21  
ARG CA  C    sing N N 22  
ARG CA  CB   sing N N 23  
ARG CA  HA   sing N N 24  
ARG C   O    doub N N 25  
ARG C   OXT  sing N N 26  
ARG CB  CG   sing N N 27  
ARG CB  HB2  sing N N 28  
ARG CB  HB3  sing N N 29  
ARG CG  CD   sing N N 30  
ARG CG  HG2  sing N N 31  
ARG CG  HG3  sing N N 32  
ARG CD  NE   sing N N 33  
ARG CD  HD2  sing N N 34  
ARG CD  HD3  sing N N 35  
ARG NE  CZ   sing N N 36  
ARG NE  HE   sing N N 37  
ARG CZ  NH1  sing N N 38  
ARG CZ  NH2  doub N N 39  
ARG NH1 HH11 sing N N 40  
ARG NH1 HH12 sing N N 41  
ARG NH2 HH21 sing N N 42  
ARG NH2 HH22 sing N N 43  
ARG OXT HXT  sing N N 44  
ASN N   CA   sing N N 45  
ASN N   H    sing N N 46  
ASN N   H2   sing N N 47  
ASN CA  C    sing N N 48  
ASN CA  CB   sing N N 49  
ASN CA  HA   sing N N 50  
ASN C   O    doub N N 51  
ASN C   OXT  sing N N 52  
ASN CB  CG   sing N N 53  
ASN CB  HB2  sing N N 54  
ASN CB  HB3  sing N N 55  
ASN CG  OD1  doub N N 56  
ASN CG  ND2  sing N N 57  
ASN ND2 HD21 sing N N 58  
ASN ND2 HD22 sing N N 59  
ASN OXT HXT  sing N N 60  
ASP N   CA   sing N N 61  
ASP N   H    sing N N 62  
ASP N   H2   sing N N 63  
ASP CA  C    sing N N 64  
ASP CA  CB   sing N N 65  
ASP CA  HA   sing N N 66  
ASP C   O    doub N N 67  
ASP C   OXT  sing N N 68  
ASP CB  CG   sing N N 69  
ASP CB  HB2  sing N N 70  
ASP CB  HB3  sing N N 71  
ASP CG  OD1  doub N N 72  
ASP CG  OD2  sing N N 73  
ASP OD2 HD2  sing N N 74  
ASP OXT HXT  sing N N 75  
CYS N   CA   sing N N 76  
CYS N   H    sing N N 77  
CYS N   H2   sing N N 78  
CYS CA  C    sing N N 79  
CYS CA  CB   sing N N 80  
CYS CA  HA   sing N N 81  
CYS C   O    doub N N 82  
CYS C   OXT  sing N N 83  
CYS CB  SG   sing N N 84  
CYS CB  HB2  sing N N 85  
CYS CB  HB3  sing N N 86  
CYS SG  HG   sing N N 87  
CYS OXT HXT  sing N N 88  
DMS S   O    doub N N 89  
DMS S   C1   sing N N 90  
DMS S   C2   sing N N 91  
DMS C1  H11  sing N N 92  
DMS C1  H12  sing N N 93  
DMS C1  H13  sing N N 94  
DMS C2  H21  sing N N 95  
DMS C2  H22  sing N N 96  
DMS C2  H23  sing N N 97  
EDO C1  O1   sing N N 98  
EDO C1  C2   sing N N 99  
EDO C1  H11  sing N N 100 
EDO C1  H12  sing N N 101 
EDO O1  HO1  sing N N 102 
EDO C2  O2   sing N N 103 
EDO C2  H21  sing N N 104 
EDO C2  H22  sing N N 105 
EDO O2  HO2  sing N N 106 
GLN N   CA   sing N N 107 
GLN N   H    sing N N 108 
GLN N   H2   sing N N 109 
GLN CA  C    sing N N 110 
GLN CA  CB   sing N N 111 
GLN CA  HA   sing N N 112 
GLN C   O    doub N N 113 
GLN C   OXT  sing N N 114 
GLN CB  CG   sing N N 115 
GLN CB  HB2  sing N N 116 
GLN CB  HB3  sing N N 117 
GLN CG  CD   sing N N 118 
GLN CG  HG2  sing N N 119 
GLN CG  HG3  sing N N 120 
GLN CD  OE1  doub N N 121 
GLN CD  NE2  sing N N 122 
GLN NE2 HE21 sing N N 123 
GLN NE2 HE22 sing N N 124 
GLN OXT HXT  sing N N 125 
GLU N   CA   sing N N 126 
GLU N   H    sing N N 127 
GLU N   H2   sing N N 128 
GLU CA  C    sing N N 129 
GLU CA  CB   sing N N 130 
GLU CA  HA   sing N N 131 
GLU C   O    doub N N 132 
GLU C   OXT  sing N N 133 
GLU CB  CG   sing N N 134 
GLU CB  HB2  sing N N 135 
GLU CB  HB3  sing N N 136 
GLU CG  CD   sing N N 137 
GLU CG  HG2  sing N N 138 
GLU CG  HG3  sing N N 139 
GLU CD  OE1  doub N N 140 
GLU CD  OE2  sing N N 141 
GLU OE2 HE2  sing N N 142 
GLU OXT HXT  sing N N 143 
GLY N   CA   sing N N 144 
GLY N   H    sing N N 145 
GLY N   H2   sing N N 146 
GLY CA  C    sing N N 147 
GLY CA  HA2  sing N N 148 
GLY CA  HA3  sing N N 149 
GLY C   O    doub N N 150 
GLY C   OXT  sing N N 151 
GLY OXT HXT  sing N N 152 
HIS N   CA   sing N N 153 
HIS N   H    sing N N 154 
HIS N   H2   sing N N 155 
HIS CA  C    sing N N 156 
HIS CA  CB   sing N N 157 
HIS CA  HA   sing N N 158 
HIS C   O    doub N N 159 
HIS C   OXT  sing N N 160 
HIS CB  CG   sing N N 161 
HIS CB  HB2  sing N N 162 
HIS CB  HB3  sing N N 163 
HIS CG  ND1  sing Y N 164 
HIS CG  CD2  doub Y N 165 
HIS ND1 CE1  doub Y N 166 
HIS ND1 HD1  sing N N 167 
HIS CD2 NE2  sing Y N 168 
HIS CD2 HD2  sing N N 169 
HIS CE1 NE2  sing Y N 170 
HIS CE1 HE1  sing N N 171 
HIS NE2 HE2  sing N N 172 
HIS OXT HXT  sing N N 173 
HOH O   H1   sing N N 174 
HOH O   H2   sing N N 175 
ILE N   CA   sing N N 176 
ILE N   H    sing N N 177 
ILE N   H2   sing N N 178 
ILE CA  C    sing N N 179 
ILE CA  CB   sing N N 180 
ILE CA  HA   sing N N 181 
ILE C   O    doub N N 182 
ILE C   OXT  sing N N 183 
ILE CB  CG1  sing N N 184 
ILE CB  CG2  sing N N 185 
ILE CB  HB   sing N N 186 
ILE CG1 CD1  sing N N 187 
ILE CG1 HG12 sing N N 188 
ILE CG1 HG13 sing N N 189 
ILE CG2 HG21 sing N N 190 
ILE CG2 HG22 sing N N 191 
ILE CG2 HG23 sing N N 192 
ILE CD1 HD11 sing N N 193 
ILE CD1 HD12 sing N N 194 
ILE CD1 HD13 sing N N 195 
ILE OXT HXT  sing N N 196 
LEU N   CA   sing N N 197 
LEU N   H    sing N N 198 
LEU N   H2   sing N N 199 
LEU CA  C    sing N N 200 
LEU CA  CB   sing N N 201 
LEU CA  HA   sing N N 202 
LEU C   O    doub N N 203 
LEU C   OXT  sing N N 204 
LEU CB  CG   sing N N 205 
LEU CB  HB2  sing N N 206 
LEU CB  HB3  sing N N 207 
LEU CG  CD1  sing N N 208 
LEU CG  CD2  sing N N 209 
LEU CG  HG   sing N N 210 
LEU CD1 HD11 sing N N 211 
LEU CD1 HD12 sing N N 212 
LEU CD1 HD13 sing N N 213 
LEU CD2 HD21 sing N N 214 
LEU CD2 HD22 sing N N 215 
LEU CD2 HD23 sing N N 216 
LEU OXT HXT  sing N N 217 
LH7 O1  S1   doub N N 218 
LH7 S1  O2   doub N N 219 
LH7 S1  C7   sing N N 220 
LH7 S1  C8   sing N N 221 
LH7 C7  C6   sing N N 222 
LH7 C8  C5   sing N N 223 
LH7 C6  C5   sing N N 224 
LH7 C5  N2   sing N N 225 
LH7 N1  N2   sing Y N 226 
LH7 N1  C4   doub Y N 227 
LH7 N2  C2   sing Y N 228 
LH7 C4  C3   sing Y N 229 
LH7 C2  C1   sing N N 230 
LH7 C2  C3   doub Y N 231 
LH7 C3  C9   sing N N 232 
LH7 N3  C9   sing N N 233 
LH7 N3  C10  sing N N 234 
LH7 C9  O3   doub N N 235 
LH7 C10 C11  sing N N 236 
LH7 C11 C12  doub Y N 237 
LH7 C11 C16  sing Y N 238 
LH7 C12 C13  sing Y N 239 
LH7 C16 C15  doub Y N 240 
LH7 C13 C14  doub Y N 241 
LH7 C15 C14  sing Y N 242 
LH7 C14 F1   sing N N 243 
LH7 N3  H1   sing N N 244 
LH7 C4  H2   sing N N 245 
LH7 C5  H3   sing N N 246 
LH7 C6  H4   sing N N 247 
LH7 C6  H5   sing N N 248 
LH7 C7  H6   sing N N 249 
LH7 C7  H7   sing N N 250 
LH7 C8  H8   sing N N 251 
LH7 C8  H9   sing N N 252 
LH7 C10 H10  sing N N 253 
LH7 C10 H11  sing N N 254 
LH7 C13 H12  sing N N 255 
LH7 C15 H13  sing N N 256 
LH7 C1  H14  sing N N 257 
LH7 C1  H15  sing N N 258 
LH7 C1  H16  sing N N 259 
LH7 C12 H17  sing N N 260 
LH7 C16 H18  sing N N 261 
LYS N   CA   sing N N 262 
LYS N   H    sing N N 263 
LYS N   H2   sing N N 264 
LYS CA  C    sing N N 265 
LYS CA  CB   sing N N 266 
LYS CA  HA   sing N N 267 
LYS C   O    doub N N 268 
LYS C   OXT  sing N N 269 
LYS CB  CG   sing N N 270 
LYS CB  HB2  sing N N 271 
LYS CB  HB3  sing N N 272 
LYS CG  CD   sing N N 273 
LYS CG  HG2  sing N N 274 
LYS CG  HG3  sing N N 275 
LYS CD  CE   sing N N 276 
LYS CD  HD2  sing N N 277 
LYS CD  HD3  sing N N 278 
LYS CE  NZ   sing N N 279 
LYS CE  HE2  sing N N 280 
LYS CE  HE3  sing N N 281 
LYS NZ  HZ1  sing N N 282 
LYS NZ  HZ2  sing N N 283 
LYS NZ  HZ3  sing N N 284 
LYS OXT HXT  sing N N 285 
MET N   CA   sing N N 286 
MET N   H    sing N N 287 
MET N   H2   sing N N 288 
MET CA  C    sing N N 289 
MET CA  CB   sing N N 290 
MET CA  HA   sing N N 291 
MET C   O    doub N N 292 
MET C   OXT  sing N N 293 
MET CB  CG   sing N N 294 
MET CB  HB2  sing N N 295 
MET CB  HB3  sing N N 296 
MET CG  SD   sing N N 297 
MET CG  HG2  sing N N 298 
MET CG  HG3  sing N N 299 
MET SD  CE   sing N N 300 
MET CE  HE1  sing N N 301 
MET CE  HE2  sing N N 302 
MET CE  HE3  sing N N 303 
MET OXT HXT  sing N N 304 
PHE N   CA   sing N N 305 
PHE N   H    sing N N 306 
PHE N   H2   sing N N 307 
PHE CA  C    sing N N 308 
PHE CA  CB   sing N N 309 
PHE CA  HA   sing N N 310 
PHE C   O    doub N N 311 
PHE C   OXT  sing N N 312 
PHE CB  CG   sing N N 313 
PHE CB  HB2  sing N N 314 
PHE CB  HB3  sing N N 315 
PHE CG  CD1  doub Y N 316 
PHE CG  CD2  sing Y N 317 
PHE CD1 CE1  sing Y N 318 
PHE CD1 HD1  sing N N 319 
PHE CD2 CE2  doub Y N 320 
PHE CD2 HD2  sing N N 321 
PHE CE1 CZ   doub Y N 322 
PHE CE1 HE1  sing N N 323 
PHE CE2 CZ   sing Y N 324 
PHE CE2 HE2  sing N N 325 
PHE CZ  HZ   sing N N 326 
PHE OXT HXT  sing N N 327 
PRO N   CA   sing N N 328 
PRO N   CD   sing N N 329 
PRO N   H    sing N N 330 
PRO CA  C    sing N N 331 
PRO CA  CB   sing N N 332 
PRO CA  HA   sing N N 333 
PRO C   O    doub N N 334 
PRO C   OXT  sing N N 335 
PRO CB  CG   sing N N 336 
PRO CB  HB2  sing N N 337 
PRO CB  HB3  sing N N 338 
PRO CG  CD   sing N N 339 
PRO CG  HG2  sing N N 340 
PRO CG  HG3  sing N N 341 
PRO CD  HD2  sing N N 342 
PRO CD  HD3  sing N N 343 
PRO OXT HXT  sing N N 344 
SER N   CA   sing N N 345 
SER N   H    sing N N 346 
SER N   H2   sing N N 347 
SER CA  C    sing N N 348 
SER CA  CB   sing N N 349 
SER CA  HA   sing N N 350 
SER C   O    doub N N 351 
SER C   OXT  sing N N 352 
SER CB  OG   sing N N 353 
SER CB  HB2  sing N N 354 
SER CB  HB3  sing N N 355 
SER OG  HG   sing N N 356 
SER OXT HXT  sing N N 357 
THR N   CA   sing N N 358 
THR N   H    sing N N 359 
THR N   H2   sing N N 360 
THR CA  C    sing N N 361 
THR CA  CB   sing N N 362 
THR CA  HA   sing N N 363 
THR C   O    doub N N 364 
THR C   OXT  sing N N 365 
THR CB  OG1  sing N N 366 
THR CB  CG2  sing N N 367 
THR CB  HB   sing N N 368 
THR OG1 HG1  sing N N 369 
THR CG2 HG21 sing N N 370 
THR CG2 HG22 sing N N 371 
THR CG2 HG23 sing N N 372 
THR OXT HXT  sing N N 373 
TRP N   CA   sing N N 374 
TRP N   H    sing N N 375 
TRP N   H2   sing N N 376 
TRP CA  C    sing N N 377 
TRP CA  CB   sing N N 378 
TRP CA  HA   sing N N 379 
TRP C   O    doub N N 380 
TRP C   OXT  sing N N 381 
TRP CB  CG   sing N N 382 
TRP CB  HB2  sing N N 383 
TRP CB  HB3  sing N N 384 
TRP CG  CD1  doub Y N 385 
TRP CG  CD2  sing Y N 386 
TRP CD1 NE1  sing Y N 387 
TRP CD1 HD1  sing N N 388 
TRP CD2 CE2  doub Y N 389 
TRP CD2 CE3  sing Y N 390 
TRP NE1 CE2  sing Y N 391 
TRP NE1 HE1  sing N N 392 
TRP CE2 CZ2  sing Y N 393 
TRP CE3 CZ3  doub Y N 394 
TRP CE3 HE3  sing N N 395 
TRP CZ2 CH2  doub Y N 396 
TRP CZ2 HZ2  sing N N 397 
TRP CZ3 CH2  sing Y N 398 
TRP CZ3 HZ3  sing N N 399 
TRP CH2 HH2  sing N N 400 
TRP OXT HXT  sing N N 401 
TYR N   CA   sing N N 402 
TYR N   H    sing N N 403 
TYR N   H2   sing N N 404 
TYR CA  C    sing N N 405 
TYR CA  CB   sing N N 406 
TYR CA  HA   sing N N 407 
TYR C   O    doub N N 408 
TYR C   OXT  sing N N 409 
TYR CB  CG   sing N N 410 
TYR CB  HB2  sing N N 411 
TYR CB  HB3  sing N N 412 
TYR CG  CD1  doub Y N 413 
TYR CG  CD2  sing Y N 414 
TYR CD1 CE1  sing Y N 415 
TYR CD1 HD1  sing N N 416 
TYR CD2 CE2  doub Y N 417 
TYR CD2 HD2  sing N N 418 
TYR CE1 CZ   doub Y N 419 
TYR CE1 HE1  sing N N 420 
TYR CE2 CZ   sing Y N 421 
TYR CE2 HE2  sing N N 422 
TYR CZ  OH   sing N N 423 
TYR OH  HH   sing N N 424 
TYR OXT HXT  sing N N 425 
VAL N   CA   sing N N 426 
VAL N   H    sing N N 427 
VAL N   H2   sing N N 428 
VAL CA  C    sing N N 429 
VAL CA  CB   sing N N 430 
VAL CA  HA   sing N N 431 
VAL C   O    doub N N 432 
VAL C   OXT  sing N N 433 
VAL CB  CG1  sing N N 434 
VAL CB  CG2  sing N N 435 
VAL CB  HB   sing N N 436 
VAL CG1 HG11 sing N N 437 
VAL CG1 HG12 sing N N 438 
VAL CG1 HG13 sing N N 439 
VAL CG2 HG21 sing N N 440 
VAL CG2 HG22 sing N N 441 
VAL CG2 HG23 sing N N 442 
VAL OXT HXT  sing N N 443 
# 
_pdbx_deposit_group.group_id            G_1002061 
_pdbx_deposit_group.group_description   
;XDomainX of XOrganismX DCP2 (NUDT20) screened against the XXX Fragment Library by X-ray Crystallography at the XChem facility of Diamond Light Source beamline I04-1
;
_pdbx_deposit_group.group_title         'PanDDA analysis group deposition' 
_pdbx_deposit_group.group_type          'changed state' 
# 
_pdbx_related_exp_data_set.ordinal              1 
_pdbx_related_exp_data_set.data_reference       10.5281/zenodo.1437589 
_pdbx_related_exp_data_set.metadata_reference   10.5281/zenodo.1437589 
_pdbx_related_exp_data_set.data_set_type        'other data' 
_pdbx_related_exp_data_set.details              'Complete PanDDA analysis' 
# 
_atom_sites.entry_id                    5QP4 
_atom_sites.fract_transf_matrix[1][1]   -0.00815754 
_atom_sites.fract_transf_matrix[1][2]   0.00921183 
_atom_sites.fract_transf_matrix[1][3]   -0.01680607 
_atom_sites.fract_transf_matrix[2][1]   0.01481391 
_atom_sites.fract_transf_matrix[2][2]   -0.00028081 
_atom_sites.fract_transf_matrix[2][3]   -0.00734449 
_atom_sites.fract_transf_matrix[3][1]   -0.00321378 
_atom_sites.fract_transf_matrix[3][2]   -0.01371543 
_atom_sites.fract_transf_matrix[3][3]   -0.00595783 
_atom_sites.fract_transf_vector[1]      -0.881896 
_atom_sites.fract_transf_vector[2]      0.224283 
_atom_sites.fract_transf_vector[3]      1.165562 
# 
loop_
_atom_type.symbol 
C 
F 
N 
O 
S 
# 
loop_
_atom_site.group_PDB 
_atom_site.id 
_atom_site.type_symbol 
_atom_site.label_atom_id 
_atom_site.label_alt_id 
_atom_site.label_comp_id 
_atom_site.label_asym_id 
_atom_site.label_entity_id 
_atom_site.label_seq_id 
_atom_site.pdbx_PDB_ins_code 
_atom_site.Cartn_x 
_atom_site.Cartn_y 
_atom_site.Cartn_z 
_atom_site.occupancy 
_atom_site.B_iso_or_equiv 
_atom_site.pdbx_formal_charge 
_atom_site.auth_seq_id 
_atom_site.auth_comp_id 
_atom_site.auth_asym_id 
_atom_site.auth_atom_id 
_atom_site.pdbx_PDB_model_num 
ATOM   1    N N   . GLY A 1 3   ? -6.884  7.462   -16.450 1.00 61.96 ? 96  GLY A N   1 
ATOM   2    C CA  . GLY A 1 3   ? -6.092  6.291   -15.938 1.00 61.20 ? 96  GLY A CA  1 
ATOM   3    C C   . GLY A 1 3   ? -7.012  5.186   -15.421 1.00 54.11 ? 96  GLY A C   1 
ATOM   4    O O   . GLY A 1 3   ? -8.095  5.463   -14.878 1.00 54.64 ? 96  GLY A O   1 
ATOM   5    N N   . VAL A 1 4   ? -6.633  3.922   -15.606 1.00 52.96 ? 97  VAL A N   1 
ATOM   6    C CA  . VAL A 1 4   ? -7.500  2.840   -15.092 1.00 50.83 ? 97  VAL A CA  1 
ATOM   7    C C   . VAL A 1 4   ? -7.353  2.817   -13.534 1.00 41.64 ? 97  VAL A C   1 
ATOM   8    O O   . VAL A 1 4   ? -6.218  2.788   -13.102 1.00 42.71 ? 97  VAL A O   1 
ATOM   9    C CB  . VAL A 1 4   ? -7.064  1.462   -15.601 1.00 56.77 ? 97  VAL A CB  1 
ATOM   10   C CG1 . VAL A 1 4   ? -8.014  0.421   -15.044 1.00 50.65 ? 97  VAL A CG1 1 
ATOM   11   C CG2 . VAL A 1 4   ? -7.006  1.424   -17.137 1.00 61.17 ? 97  VAL A CG2 1 
ATOM   12   N N   . PRO A 1 5   ? -8.472  2.804   -12.758 1.00 43.55 ? 98  PRO A N   1 
ATOM   13   C CA  . PRO A 1 5   ? -8.356  2.854   -11.285 1.00 39.60 ? 98  PRO A CA  1 
ATOM   14   C C   . PRO A 1 5   ? -7.638  1.635   -10.743 1.00 40.66 ? 98  PRO A C   1 
ATOM   15   O O   . PRO A 1 5   ? -7.709  0.574   -11.359 1.00 35.20 ? 98  PRO A O   1 
ATOM   16   C CB  . PRO A 1 5   ? -9.785  2.925   -10.780 1.00 45.37 ? 98  PRO A CB  1 
ATOM   17   C CG  . PRO A 1 5   ? -10.638 3.249   -12.003 1.00 46.73 ? 98  PRO A CG  1 
ATOM   18   C CD  . PRO A 1 5   ? -9.853  2.999   -13.221 1.00 43.11 ? 98  PRO A CD  1 
ATOM   19   N N   . THR A 1 6   ? -6.922  1.810   -9.615  1.00 32.90 ? 99  THR A N   1 
ATOM   20   C CA  . THR A 1 6   ? -6.220  0.692   -8.930  1.00 33.88 ? 99  THR A CA  1 
ATOM   21   C C   . THR A 1 6   ? -6.834  0.487   -7.551  1.00 29.68 ? 99  THR A C   1 
ATOM   22   O O   . THR A 1 6   ? -7.370  1.392   -6.930  1.00 30.98 ? 99  THR A O   1 
ATOM   23   C CB  . THR A 1 6   ? -4.698  0.934   -8.846  1.00 37.19 ? 99  THR A CB  1 
ATOM   24   O OG1 . THR A 1 6   ? -4.462  2.176   -8.169  1.00 31.89 ? 99  THR A OG1 1 
ATOM   25   C CG2 . THR A 1 6   ? -4.114  0.997   -10.243 1.00 37.59 ? 99  THR A CG2 1 
ATOM   26   N N   . TYR A 1 7   ? -6.785  -0.775  -7.093  1.00 29.70 ? 100 TYR A N   1 
ATOM   27   C CA  . TYR A 1 7   ? -7.373  -1.164  -5.862  1.00 29.75 ? 100 TYR A CA  1 
ATOM   28   C C   . TYR A 1 7   ? -6.406  -2.090  -5.202  1.00 26.37 ? 100 TYR A C   1 
ATOM   29   O O   . TYR A 1 7   ? -5.736  -2.868  -5.850  1.00 28.12 ? 100 TYR A O   1 
ATOM   30   C CB  . TYR A 1 7   ? -8.761  -1.895  -6.067  1.00 33.89 ? 100 TYR A CB  1 
ATOM   31   C CG  . TYR A 1 7   ? -9.801  -0.992  -6.672  1.00 31.38 ? 100 TYR A CG  1 
ATOM   32   C CD1 . TYR A 1 7   ? -10.412 -0.035  -5.920  1.00 35.43 ? 100 TYR A CD1 1 
ATOM   33   C CD2 . TYR A 1 7   ? -10.082 -1.063  -8.023  1.00 37.14 ? 100 TYR A CD2 1 
ATOM   34   C CE1 . TYR A 1 7   ? -11.303 0.900   -6.492  1.00 37.98 ? 100 TYR A CE1 1 
ATOM   35   C CE2 . TYR A 1 7   ? -10.956 -0.166  -8.636  1.00 37.50 ? 100 TYR A CE2 1 
ATOM   36   C CZ  . TYR A 1 7   ? -11.603 0.766   -7.862  1.00 41.37 ? 100 TYR A CZ  1 
ATOM   37   O OH  . TYR A 1 7   ? -12.476 1.629   -8.502  1.00 44.11 ? 100 TYR A OH  1 
ATOM   38   N N   . GLY A 1 8   ? -6.359  -2.006  -3.883  1.00 27.08 ? 101 GLY A N   1 
ATOM   39   C CA  . GLY A 1 8   ? -5.512  -2.893  -3.128  1.00 24.74 ? 101 GLY A CA  1 
ATOM   40   C C   . GLY A 1 8   ? -5.776  -2.729  -1.649  1.00 24.64 ? 101 GLY A C   1 
ATOM   41   O O   . GLY A 1 8   ? -6.919  -2.450  -1.208  1.00 24.75 ? 101 GLY A O   1 
ATOM   42   N N   . ALA A 1 9   ? -4.765  -2.990  -0.839  1.00 25.55 ? 102 ALA A N   1 
ATOM   43   C CA  . ALA A 1 9   ? -4.950  -2.954  0.636   1.00 23.19 ? 102 ALA A CA  1 
ATOM   44   C C   . ALA A 1 9   ? -3.762  -2.405  1.387   1.00 24.75 ? 102 ALA A C   1 
ATOM   45   O O   . ALA A 1 9   ? -2.627  -2.559  0.997   1.00 23.39 ? 102 ALA A O   1 
ATOM   46   C CB  . ALA A 1 9   ? -5.289  -4.322  1.244   1.00 25.65 ? 102 ALA A CB  1 
ATOM   47   N N   . ILE A 1 10  ? -4.111  -1.804  2.492   1.00 23.20 ? 103 ILE A N   1 
ATOM   48   C CA  . ILE A 1 10  ? -3.173  -1.514  3.602   1.00 22.48 ? 103 ILE A CA  1 
ATOM   49   C C   . ILE A 1 10  ? -3.456  -2.484  4.680   1.00 21.60 ? 103 ILE A C   1 
ATOM   50   O O   . ILE A 1 10  ? -4.477  -2.329  5.430   1.00 24.52 ? 103 ILE A O   1 
ATOM   51   C CB  . ILE A 1 10  ? -3.412  -0.095  4.149   1.00 24.56 ? 103 ILE A CB  1 
ATOM   52   C CG1 . ILE A 1 10  ? -3.066  0.923   3.083   1.00 26.42 ? 103 ILE A CG1 1 
ATOM   53   C CG2 . ILE A 1 10  ? -2.546  0.132   5.385   1.00 27.84 ? 103 ILE A CG2 1 
ATOM   54   C CD1 . ILE A 1 10  ? -3.552  2.385   3.351   1.00 28.57 ? 103 ILE A CD1 1 
ATOM   55   N N   . ILE A 1 11  ? -2.579  -3.452  4.844   1.00 22.39 ? 104 ILE A N   1 
ATOM   56   C CA  . ILE A 1 11  ? -2.688  -4.478  5.801   1.00 23.25 ? 104 ILE A CA  1 
ATOM   57   C C   . ILE A 1 11  ? -1.863  -4.054  6.971   1.00 23.33 ? 104 ILE A C   1 
ATOM   58   O O   . ILE A 1 11  ? -0.677  -3.767  6.825   1.00 23.21 ? 104 ILE A O   1 
ATOM   59   C CB  . ILE A 1 11  ? -2.171  -5.845  5.260   1.00 22.81 ? 104 ILE A CB  1 
ATOM   60   C CG1 . ILE A 1 11  ? -3.106  -6.315  4.162   1.00 24.73 ? 104 ILE A CG1 1 
ATOM   61   C CG2 . ILE A 1 11  ? -2.090  -6.904  6.335   1.00 26.30 ? 104 ILE A CG2 1 
ATOM   62   C CD1 . ILE A 1 11  ? -2.487  -7.362  3.254   1.00 27.84 ? 104 ILE A CD1 1 
ATOM   63   N N   . LEU A 1 12  ? -2.461  -4.068  8.150   1.00 23.87 ? 105 LEU A N   1 
ATOM   64   C CA  . LEU A 1 12  ? -1.750  -3.835  9.396   1.00 23.70 ? 105 LEU A CA  1 
ATOM   65   C C   . LEU A 1 12  ? -1.789  -5.068  10.313  1.00 25.18 ? 105 LEU A C   1 
ATOM   66   O O   . LEU A 1 12  ? -2.686  -5.907  10.263  1.00 25.64 ? 105 LEU A O   1 
ATOM   67   C CB  . LEU A 1 12  ? -2.415  -2.720  10.173  1.00 28.23 ? 105 LEU A CB  1 
ATOM   68   C CG  . LEU A 1 12  ? -2.457  -1.356  9.439   1.00 30.86 ? 105 LEU A CG  1 
ATOM   69   C CD1 . LEU A 1 12  ? -3.782  -1.072  8.793   1.00 38.11 ? 105 LEU A CD1 1 
ATOM   70   C CD2 . LEU A 1 12  ? -2.069  -0.217  10.353  1.00 37.73 ? 105 LEU A CD2 1 
ATOM   71   N N   . ASP A 1 13  ? -0.837  -5.104  11.229  1.00 26.25 ? 106 ASP A N   1 
ATOM   72   C CA  . ASP A 1 13  ? -0.773  -6.180  12.169  1.00 29.67 ? 106 ASP A CA  1 
ATOM   73   C C   . ASP A 1 13  ? -1.687  -5.897  13.353  1.00 28.25 ? 106 ASP A C   1 
ATOM   74   O O   . ASP A 1 13  ? -2.469  -4.981  13.353  1.00 28.12 ? 106 ASP A O   1 
ATOM   75   C CB  . ASP A 1 13  ? 0.667   -6.419  12.634  1.00 32.46 ? 106 ASP A CB  1 
ATOM   76   C CG  . ASP A 1 13  ? 1.255   -5.243  13.412  1.00 35.62 ? 106 ASP A CG  1 
ATOM   77   O OD1 . ASP A 1 13  ? 0.740   -4.106  13.373  1.00 34.44 ? 106 ASP A OD1 1 
ATOM   78   O OD2 . ASP A 1 13  ? 2.333   -5.465  13.929  1.00 43.61 ? 106 ASP A OD2 1 
ATOM   79   N N   . GLU A 1 14  ? -1.515  -6.708  14.370  1.00 30.84 ? 107 GLU A N   1 
ATOM   80   C CA  . GLU A 1 14  ? -2.400  -6.657  15.528  1.00 32.95 ? 107 GLU A CA  1 
ATOM   81   C C   . GLU A 1 14  ? -2.125  -5.494  16.425  1.00 32.65 ? 107 GLU A C   1 
ATOM   82   O O   . GLU A 1 14  ? -3.021  -5.021  17.062  1.00 30.70 ? 107 GLU A O   1 
ATOM   83   C CB  . GLU A 1 14  ? -2.347  -7.979  16.348  1.00 41.05 ? 107 GLU A CB  1 
ATOM   84   C CG  . GLU A 1 14  ? -0.978  -8.425  16.831  1.00 46.06 ? 107 GLU A CG  1 
ATOM   85   C CD  . GLU A 1 14  ? -0.332  -9.496  15.936  1.00 57.79 ? 107 GLU A CD  1 
ATOM   86   O OE1 . GLU A 1 14  ? 0.424   -9.138  15.005  1.00 50.22 ? 107 GLU A OE1 1 
ATOM   87   O OE2 . GLU A 1 14  ? -0.576  -10.717 16.157  1.00 72.09 ? 107 GLU A OE2 1 
ATOM   88   N N   . THR A 1 15  ? -0.889  -4.956  16.393  1.00 31.73 ? 108 THR A N   1 
ATOM   89   C CA  . THR A 1 15  ? -0.521  -3.874  17.212  1.00 29.65 ? 108 THR A CA  1 
ATOM   90   C C   . THR A 1 15  ? -0.853  -2.544  16.583  1.00 31.95 ? 108 THR A C   1 
ATOM   91   O O   . THR A 1 15  ? -0.808  -1.524  17.221  1.00 33.27 ? 108 THR A O   1 
ATOM   92   C CB  . THR A 1 15  ? 1.016   -3.841  17.424  1.00 36.72 ? 108 THR A CB  1 
ATOM   93   O OG1 . THR A 1 15  ? 1.630   -3.371  16.234  1.00 34.77 ? 108 THR A OG1 1 
ATOM   94   C CG2 . THR A 1 15  ? 1.548   -5.128  17.811  1.00 42.06 ? 108 THR A CG2 1 
ATOM   95   N N   . LEU A 1 16  ? -1.228  -2.558  15.304  1.00 29.52 ? 109 LEU A N   1 
ATOM   96   C CA  . LEU A 1 16  ? -1.470  -1.355  14.519  1.00 29.64 ? 109 LEU A CA  1 
ATOM   97   C C   . LEU A 1 16  ? -0.190  -0.470  14.261  1.00 30.34 ? 109 LEU A C   1 
ATOM   98   O O   . LEU A 1 16  ? -0.338  0.678   13.760  1.00 37.24 ? 109 LEU A O   1 
ATOM   99   C CB  . LEU A 1 16  ? -2.581  -0.446  15.044  1.00 33.15 ? 109 LEU A CB  1 
ATOM   100  C CG  . LEU A 1 16  ? -3.862  -1.134  15.478  1.00 33.47 ? 109 LEU A CG  1 
ATOM   101  C CD1 . LEU A 1 16  ? -4.818  -0.179  16.166  1.00 42.16 ? 109 LEU A CD1 1 
ATOM   102  C CD2 . LEU A 1 16  ? -4.442  -1.697  14.148  1.00 39.02 ? 109 LEU A CD2 1 
ATOM   103  N N   . GLU A 1 17  ? 0.976   -1.024  14.580  0.50 31.26 ? 110 GLU A N   1 
ATOM   104  C CA  . GLU A 1 17  ? 2.277   -0.363  14.453  0.50 33.35 ? 110 GLU A CA  1 
ATOM   105  C C   . GLU A 1 17  ? 2.856   -0.525  13.054  0.50 31.90 ? 110 GLU A C   1 
ATOM   106  O O   . GLU A 1 17  ? 3.588   0.373   12.602  0.50 29.21 ? 110 GLU A O   1 
ATOM   107  C CB  . GLU A 1 17  ? 3.335   -1.021  15.349  0.50 36.48 ? 110 GLU A CB  1 
ATOM   108  C CG  . GLU A 1 17  ? 3.235   -0.761  16.843  0.50 41.70 ? 110 GLU A CG  1 
ATOM   109  C CD  . GLU A 1 17  ? 4.210   -1.631  17.636  0.50 45.35 ? 110 GLU A CD  1 
ATOM   110  O OE1 . GLU A 1 17  ? 4.079   -2.883  17.601  0.50 47.21 ? 110 GLU A OE1 1 
ATOM   111  O OE2 . GLU A 1 17  ? 5.102   -1.062  18.308  0.50 44.07 ? 110 GLU A OE2 1 
ATOM   112  N N   . ASN A 1 18  ? 2.555   -1.671  12.420  1.00 30.01 ? 111 ASN A N   1 
ATOM   113  C CA  . ASN A 1 18  ? 3.234   -2.153  11.220  1.00 27.33 ? 111 ASN A CA  1 
ATOM   114  C C   . ASN A 1 18  ? 2.280   -2.326  10.068  1.00 29.65 ? 111 ASN A C   1 
ATOM   115  O O   . ASN A 1 18  ? 1.112   -2.662  10.264  1.00 26.09 ? 111 ASN A O   1 
ATOM   116  C CB  . ASN A 1 18  ? 3.976   -3.437  11.460  1.00 30.97 ? 111 ASN A CB  1 
ATOM   117  C CG  . ASN A 1 18  ? 4.980   -3.296  12.615  1.00 43.22 ? 111 ASN A CG  1 
ATOM   118  O OD1 . ASN A 1 18  ? 5.961   -2.549  12.520  1.00 39.88 ? 111 ASN A OD1 1 
ATOM   119  N ND2 . ASN A 1 18  ? 4.684   -3.913  13.696  1.00 39.73 ? 111 ASN A ND2 1 
ATOM   120  N N   . VAL A 1 19  ? 2.796   -2.024  8.888   1.00 27.13 ? 112 VAL A N   1 
ATOM   121  C CA  . VAL A 1 19  ? 2.073   -2.182  7.623   1.00 23.61 ? 112 VAL A CA  1 
ATOM   122  C C   . VAL A 1 19  ? 2.840   -3.106  6.701   1.00 23.03 ? 112 VAL A C   1 
ATOM   123  O O   . VAL A 1 19  ? 4.071   -3.191  6.708   1.00 24.33 ? 112 VAL A O   1 
ATOM   124  C CB  . VAL A 1 19  ? 1.829   -0.849  6.875   1.00 24.77 ? 112 VAL A CB  1 
ATOM   125  C CG1 . VAL A 1 19  ? 0.834   0.019   7.599   1.00 30.45 ? 112 VAL A CG1 1 
ATOM   126  C CG2 . VAL A 1 19  ? 3.150   -0.080  6.509   1.00 24.88 ? 112 VAL A CG2 1 
ATOM   127  N N   . LEU A 1 20  ? 2.117   -3.785  5.820   1.00 23.01 ? 113 LEU A N   1 
ATOM   128  C CA  . LEU A 1 20  ? 2.746   -4.753  4.905   1.00 25.60 ? 113 LEU A CA  1 
ATOM   129  C C   . LEU A 1 20  ? 2.981   -4.095  3.543   1.00 25.57 ? 113 LEU A C   1 
ATOM   130  O O   . LEU A 1 20  ? 2.063   -3.611  2.915   1.00 24.72 ? 113 LEU A O   1 
ATOM   131  C CB  . LEU A 1 20  ? 1.829   -5.960  4.656   1.00 24.78 ? 113 LEU A CB  1 
ATOM   132  C CG  . LEU A 1 20  ? 2.507   -7.193  3.992   1.00 25.74 ? 113 LEU A CG  1 
ATOM   133  C CD1 . LEU A 1 20  ? 3.436   -7.897  5.038   1.00 27.18 ? 113 LEU A CD1 1 
ATOM   134  C CD2 . LEU A 1 20  ? 1.408   -8.082  3.440   1.00 27.82 ? 113 LEU A CD2 1 
ATOM   135  N N   . LEU A 1 21  ? 4.221   -4.018  3.131   1.00 24.33 ? 114 LEU A N   1 
ATOM   136  C CA  . LEU A 1 21  ? 4.554   -3.480  1.831   1.00 22.47 ? 114 LEU A CA  1 
ATOM   137  C C   . LEU A 1 21  ? 5.159   -4.599  0.963   1.00 23.65 ? 114 LEU A C   1 
ATOM   138  O O   . LEU A 1 21  ? 5.690   -5.612  1.481   1.00 24.86 ? 114 LEU A O   1 
ATOM   139  C CB  . LEU A 1 21  ? 5.559   -2.342  1.920   1.00 22.35 ? 114 LEU A CB  1 
ATOM   140  C CG  . LEU A 1 21  ? 5.158   -1.173  2.785   1.00 25.15 ? 114 LEU A CG  1 
ATOM   141  C CD1 . LEU A 1 21  ? 6.188   -0.073  2.711   1.00 27.30 ? 114 LEU A CD1 1 
ATOM   142  C CD2 . LEU A 1 21  ? 3.836   -0.618  2.351   1.00 28.55 ? 114 LEU A CD2 1 
ATOM   143  N N   . VAL A 1 22  ? 5.076   -4.387  -0.324  1.00 23.57 ? 115 VAL A N   1 
ATOM   144  C CA  . VAL A 1 22  ? 5.670   -5.306  -1.309  1.00 23.72 ? 115 VAL A CA  1 
ATOM   145  C C   . VAL A 1 22  ? 6.622   -4.555  -2.211  1.00 27.01 ? 115 VAL A C   1 
ATOM   146  O O   . VAL A 1 22  ? 6.467   -3.354  -2.421  1.00 24.43 ? 115 VAL A O   1 
ATOM   147  C CB  . VAL A 1 22  ? 4.615   -6.051  -2.168  1.00 25.34 ? 115 VAL A CB  1 
ATOM   148  C CG1 . VAL A 1 22  ? 3.717   -6.866  -1.264  1.00 29.90 ? 115 VAL A CG1 1 
ATOM   149  C CG2 . VAL A 1 22  ? 3.785   -5.088  -3.003  1.00 28.25 ? 115 VAL A CG2 1 
ATOM   150  N N   . GLN A 1 23  ? 7.639   -5.287  -2.688  1.00 24.43 ? 116 GLN A N   1 
ATOM   151  C CA  . GLN A 1 23  ? 8.670   -4.696  -3.499  1.00 23.83 ? 116 GLN A CA  1 
ATOM   152  C C   . GLN A 1 23  ? 8.615   -5.333  -4.851  1.00 24.66 ? 116 GLN A C   1 
ATOM   153  O O   . GLN A 1 23  ? 8.606   -6.535  -4.963  1.00 25.87 ? 116 GLN A O   1 
ATOM   154  C CB  . GLN A 1 23  ? 10.034  -4.902  -2.852  1.00 23.91 ? 116 GLN A CB  1 
ATOM   155  C CG  . GLN A 1 23  ? 11.204  -4.306  -3.589  1.00 24.79 ? 116 GLN A CG  1 
ATOM   156  C CD  . GLN A 1 23  ? 12.501  -4.635  -2.908  1.00 27.56 ? 116 GLN A CD  1 
ATOM   157  O OE1 . GLN A 1 23  ? 12.688  -5.729  -2.415  1.00 30.36 ? 116 GLN A OE1 1 
ATOM   158  N NE2 . GLN A 1 23  ? 13.392  -3.735  -2.956  1.00 26.96 ? 116 GLN A NE2 1 
ATOM   159  N N   . GLY A 1 24  ? 8.466   -4.515  -5.859  1.00 26.73 ? 117 GLY A N   1 
ATOM   160  C CA  . GLY A 1 24  ? 8.430   -5.114  -7.207  1.00 29.00 ? 117 GLY A CA  1 
ATOM   161  C C   . GLY A 1 24  ? 9.763   -5.061  -7.912  1.00 29.83 ? 117 GLY A C   1 
ATOM   162  O O   . GLY A 1 24  ? 10.797  -4.957  -7.275  1.00 27.96 ? 117 GLY A O   1 
ATOM   163  N N   . TYR A 1 25  ? 9.686   -5.193  -9.231  0.41 30.74 ? 118 TYR A N   1 
ATOM   164  C CA  . TYR A 1 25  ? 10.821  -5.215  -10.146 0.41 31.81 ? 118 TYR A CA  1 
ATOM   165  C C   . TYR A 1 25  ? 10.724  -4.097  -11.167 0.41 33.64 ? 118 TYR A C   1 
ATOM   166  O O   . TYR A 1 25  ? 9.643   -3.538  -11.396 0.41 32.96 ? 118 TYR A O   1 
ATOM   167  C CB  . TYR A 1 25  ? 10.833  -6.539  -10.902 0.41 30.99 ? 118 TYR A CB  1 
ATOM   168  C CG  . TYR A 1 25  ? 11.330  -7.694  -10.073 0.41 28.98 ? 118 TYR A CG  1 
ATOM   169  C CD1 . TYR A 1 25  ? 12.660  -7.757  -9.672  0.41 29.08 ? 118 TYR A CD1 1 
ATOM   170  C CD2 . TYR A 1 25  ? 10.485  -8.714  -9.689  0.41 29.18 ? 118 TYR A CD2 1 
ATOM   171  C CE1 . TYR A 1 25  ? 13.125  -8.812  -8.913  0.41 29.33 ? 118 TYR A CE1 1 
ATOM   172  C CE2 . TYR A 1 25  ? 10.941  -9.768  -8.915  0.41 28.69 ? 118 TYR A CE2 1 
ATOM   173  C CZ  . TYR A 1 25  ? 12.268  -9.803  -8.533  0.41 27.66 ? 118 TYR A CZ  1 
ATOM   174  O OH  . TYR A 1 25  ? 12.726  -10.846 -7.791  0.41 29.22 ? 118 TYR A OH  1 
ATOM   175  N N   . LEU A 1 26  ? 11.871  -3.797  -11.779 0.41 36.26 ? 119 LEU A N   1 
ATOM   176  C CA  . LEU A 1 26  ? 11.973  -2.856  -12.903 0.41 39.12 ? 119 LEU A CA  1 
ATOM   177  C C   . LEU A 1 26  ? 11.451  -1.469  -12.499 0.41 39.27 ? 119 LEU A C   1 
ATOM   178  O O   . LEU A 1 26  ? 11.986  -0.876  -11.557 0.41 36.72 ? 119 LEU A O   1 
ATOM   179  C CB  . LEU A 1 26  ? 11.294  -3.440  -14.160 0.41 40.28 ? 119 LEU A CB  1 
ATOM   180  C CG  . LEU A 1 26  ? 11.905  -4.754  -14.681 0.41 40.95 ? 119 LEU A CG  1 
ATOM   181  C CD1 . LEU A 1 26  ? 10.947  -5.440  -15.640 0.41 40.19 ? 119 LEU A CD1 1 
ATOM   182  C CD2 . LEU A 1 26  ? 13.254  -4.505  -15.338 0.41 43.01 ? 119 LEU A CD2 1 
ATOM   183  N N   . ALA A 1 27  ? 10.428  -0.954  -13.176 0.41 39.61 ? 120 ALA A N   1 
ATOM   184  C CA  . ALA A 1 27  ? 9.865   0.346   -12.818 0.41 42.56 ? 120 ALA A CA  1 
ATOM   185  C C   . ALA A 1 27  ? 9.295   0.283   -11.396 0.41 43.28 ? 120 ALA A C   1 
ATOM   186  O O   . ALA A 1 27  ? 9.492   1.209   -10.611 0.41 44.68 ? 120 ALA A O   1 
ATOM   187  C CB  . ALA A 1 27  ? 8.785   0.758   -13.813 0.41 45.06 ? 120 ALA A CB  1 
ATOM   188  N N   . LYS A 1 28  ? 8.665   -0.849  -11.060 0.41 40.59 ? 121 LYS A N   1 
ATOM   189  C CA  . LYS A 1 28  ? 8.084   -1.076  -9.738  0.41 37.79 ? 121 LYS A CA  1 
ATOM   190  C C   . LYS A 1 28  ? 9.080   -1.507  -8.643  0.41 36.41 ? 121 LYS A C   1 
ATOM   191  O O   . LYS A 1 28  ? 8.672   -2.125  -7.656  0.41 35.44 ? 121 LYS A O   1 
ATOM   192  C CB  . LYS A 1 28  ? 6.957   -2.111  -9.832  0.41 38.67 ? 121 LYS A CB  1 
ATOM   193  C CG  . LYS A 1 28  ? 5.764   -1.678  -10.667 0.41 38.96 ? 121 LYS A CG  1 
ATOM   194  C CD  . LYS A 1 28  ? 4.519   -2.453  -10.254 0.41 40.03 ? 121 LYS A CD  1 
ATOM   195  C CE  . LYS A 1 28  ? 3.287   -2.042  -11.041 0.41 40.76 ? 121 LYS A CE  1 
ATOM   196  N NZ  . LYS A 1 28  ? 2.118   -2.902  -10.747 0.41 40.90 ? 121 LYS A NZ  1 
ATOM   197  N N   . SER A 1 29  ? 10.356  -1.154  -8.779  0.41 34.02 ? 122 SER A N   1 
ATOM   198  C CA  . SER A 1 29  ? 11.390  -1.599  -7.839  0.41 37.46 ? 122 SER A CA  1 
ATOM   199  C C   . SER A 1 29  ? 11.189  -1.174  -6.378  0.41 38.50 ? 122 SER A C   1 
ATOM   200  O O   . SER A 1 29  ? 11.629  -1.881  -5.468  0.41 44.76 ? 122 SER A O   1 
ATOM   201  C CB  . SER A 1 29  ? 12.784  -1.134  -8.283  0.41 37.25 ? 122 SER A CB  1 
ATOM   202  O OG  . SER A 1 29  ? 13.723  -1.441  -7.261  0.41 39.86 ? 122 SER A OG  1 
ATOM   203  N N   . GLY A 1 30  ? 10.548  -0.040  -6.148  0.41 35.08 ? 123 GLY A N   1 
ATOM   204  C CA  . GLY A 1 30  ? 10.360  0.460   -4.779  0.41 33.16 ? 123 GLY A CA  1 
ATOM   205  C C   . GLY A 1 30  ? 9.409   -0.398  -3.958  0.41 31.97 ? 123 GLY A C   1 
ATOM   206  O O   . GLY A 1 30  ? 8.845   -1.385  -4.468  0.41 31.57 ? 123 GLY A O   1 
ATOM   207  N N   . TRP A 1 31  ? 9.224   -0.003  -2.700  1.00 28.66 ? 124 TRP A N   1 
ATOM   208  C CA  . TRP A 1 31  ? 8.224   -0.607  -1.827  1.00 26.35 ? 124 TRP A CA  1 
ATOM   209  C C   . TRP A 1 31  ? 6.923   0.128   -1.977  1.00 28.56 ? 124 TRP A C   1 
ATOM   210  O O   . TRP A 1 31  ? 6.923   1.350   -1.986  1.00 29.69 ? 124 TRP A O   1 
ATOM   211  C CB  . TRP A 1 31  ? 8.672   -0.517  -0.384  1.00 24.61 ? 124 TRP A CB  1 
ATOM   212  C CG  . TRP A 1 31  ? 9.865   -1.434  -0.084  1.00 23.57 ? 124 TRP A CG  1 
ATOM   213  C CD1 . TRP A 1 31  ? 11.180  -1.116  -0.152  1.00 26.26 ? 124 TRP A CD1 1 
ATOM   214  C CD2 . TRP A 1 31  ? 9.805   -2.829  0.194   1.00 24.51 ? 124 TRP A CD2 1 
ATOM   215  N NE1 . TRP A 1 31  ? 11.946  -2.206  0.156   1.00 27.34 ? 124 TRP A NE1 1 
ATOM   216  C CE2 . TRP A 1 31  ? 11.130  -3.280  0.379   1.00 26.61 ? 124 TRP A CE2 1 
ATOM   217  C CE3 . TRP A 1 31  ? 8.754   -3.728  0.427   1.00 22.51 ? 124 TRP A CE3 1 
ATOM   218  C CZ2 . TRP A 1 31  ? 11.423  -4.591  0.727   1.00 29.66 ? 124 TRP A CZ2 1 
ATOM   219  C CZ3 . TRP A 1 31  ? 9.058   -5.039  0.757   1.00 25.59 ? 124 TRP A CZ3 1 
ATOM   220  C CH2 . TRP A 1 31  ? 10.374  -5.471  0.841   1.00 26.47 ? 124 TRP A CH2 1 
ATOM   221  N N   . GLY A 1 32  ? 5.798   -0.594  -1.965  1.00 26.18 ? 125 GLY A N   1 
ATOM   222  C CA  . GLY A 1 32  ? 4.511   0.033   -2.101  1.00 24.84 ? 125 GLY A CA  1 
ATOM   223  C C   . GLY A 1 32  ? 3.469   -0.936  -1.484  1.00 23.79 ? 125 GLY A C   1 
ATOM   224  O O   . GLY A 1 32  ? 3.748   -2.088  -1.183  1.00 24.10 ? 125 GLY A O   1 
ATOM   225  N N   . PHE A 1 33  ? 2.251   -0.422  -1.283  1.00 25.67 ? 126 PHE A N   1 
ATOM   226  C CA  . PHE A 1 33  ? 1.130   -1.225  -0.905  1.00 23.50 ? 126 PHE A CA  1 
ATOM   227  C C   . PHE A 1 33  ? 0.739   -2.122  -2.076  1.00 26.83 ? 126 PHE A C   1 
ATOM   228  O O   . PHE A 1 33  ? 0.841   -1.744  -3.227  1.00 24.78 ? 126 PHE A O   1 
ATOM   229  C CB  . PHE A 1 33  ? -0.060  -0.325  -0.462  1.00 22.27 ? 126 PHE A CB  1 
ATOM   230  C CG  . PHE A 1 33  ? 0.255   0.452   0.758   1.00 24.77 ? 126 PHE A CG  1 
ATOM   231  C CD1 . PHE A 1 33  ? 0.347   -0.154  1.966   1.00 24.27 ? 126 PHE A CD1 1 
ATOM   232  C CD2 . PHE A 1 33  ? 0.599   1.765   0.666   1.00 26.16 ? 126 PHE A CD2 1 
ATOM   233  C CE1 . PHE A 1 33  ? 0.646   0.528   3.112   1.00 27.74 ? 126 PHE A CE1 1 
ATOM   234  C CE2 . PHE A 1 33  ? 0.958   2.467   1.791   1.00 25.43 ? 126 PHE A CE2 1 
ATOM   235  C CZ  . PHE A 1 33  ? 0.966   1.860   3.013   1.00 26.35 ? 126 PHE A CZ  1 
ATOM   236  N N   . PRO A 1 34  ? 0.322   -3.341  -1.765  1.00 22.97 ? 127 PRO A N   1 
ATOM   237  C CA  . PRO A 1 34  ? -0.177  -4.220  -2.819  1.00 25.41 ? 127 PRO A CA  1 
ATOM   238  C C   . PRO A 1 34  ? -1.445  -3.697  -3.447  1.00 26.03 ? 127 PRO A C   1 
ATOM   239  O O   . PRO A 1 34  ? -2.415  -3.338  -2.756  1.00 25.86 ? 127 PRO A O   1 
ATOM   240  C CB  . PRO A 1 34  ? -0.316  -5.547  -2.106  1.00 24.38 ? 127 PRO A CB  1 
ATOM   241  C CG  . PRO A 1 34  ? -0.592  -5.199  -0.687  1.00 23.26 ? 127 PRO A CG  1 
ATOM   242  C CD  . PRO A 1 34  ? 0.186   -3.931  -0.432  1.00 23.41 ? 127 PRO A CD  1 
ATOM   243  N N   . LYS A 1 35  ? -1.427  -3.578  -4.791  1.00 27.23 ? 128 LYS A N   1 
ATOM   244  C CA  . LYS A 1 35  ? -2.529  -3.038  -5.536  1.00 26.99 ? 128 LYS A CA  1 
ATOM   245  C C   . LYS A 1 35  ? -2.319  -3.307  -7.006  1.00 29.40 ? 128 LYS A C   1 
ATOM   246  O O   . LYS A 1 35  ? -1.212  -3.562  -7.446  1.00 30.82 ? 128 LYS A O   1 
ATOM   247  C CB  . LYS A 1 35  ? -2.742  -1.555  -5.331  1.00 28.44 ? 128 LYS A CB  1 
ATOM   248  C CG  . LYS A 1 35  ? -1.571  -0.684  -5.834  1.00 29.81 ? 128 LYS A CG  1 
ATOM   249  C CD  . LYS A 1 35  ? -1.764  0.769   -5.590  1.00 34.23 ? 128 LYS A CD  1 
ATOM   250  C CE  . LYS A 1 35  ? -0.686  1.624   -6.317  1.00 41.80 ? 128 LYS A CE  1 
ATOM   251  N NZ  . LYS A 1 35  ? -1.059  1.747   -7.763  1.00 52.24 ? 128 LYS A NZ  1 
ATOM   252  N N   . GLY A 1 36  ? -3.373  -3.111  -7.746  1.00 31.19 ? 129 GLY A N   1 
ATOM   253  C CA  . GLY A 1 36  ? -3.279  -3.252  -9.194  1.00 30.65 ? 129 GLY A CA  1 
ATOM   254  C C   . GLY A 1 36  ? -4.544  -2.780  -9.892  1.00 33.51 ? 129 GLY A C   1 
ATOM   255  O O   . GLY A 1 36  ? -5.521  -2.349  -9.320  1.00 31.17 ? 129 GLY A O   1 
ATOM   256  N N   . LYS A 1 37  ? -4.517  -2.910  -11.222 1.00 35.23 ? 130 LYS A N   1 
ATOM   257  C CA  . LYS A 1 37  ? -5.520  -2.288  -12.065 1.00 35.18 ? 130 LYS A CA  1 
ATOM   258  C C   . LYS A 1 37  ? -6.803  -3.102  -12.129 1.00 31.39 ? 130 LYS A C   1 
ATOM   259  O O   . LYS A 1 37  ? -6.750  -4.310  -12.163 1.00 37.57 ? 130 LYS A O   1 
ATOM   260  C CB  . LYS A 1 37  ? -4.906  -2.130  -13.497 1.00 45.29 ? 130 LYS A CB  1 
ATOM   261  C CG  . LYS A 1 37  ? -4.125  -0.839  -13.766 1.00 45.22 ? 130 LYS A CG  1 
ATOM   262  C CD  . LYS A 1 37  ? -3.723  -0.730  -15.241 1.00 53.72 ? 130 LYS A CD  1 
ATOM   263  N N   . VAL A 1 38  ? -7.936  -2.411  -12.107 1.00 34.91 ? 131 VAL A N   1 
ATOM   264  C CA  . VAL A 1 38  ? -9.238  -3.064  -12.147 1.00 42.29 ? 131 VAL A CA  1 
ATOM   265  C C   . VAL A 1 38  ? -9.474  -3.663  -13.548 1.00 44.18 ? 131 VAL A C   1 
ATOM   266  O O   . VAL A 1 38  ? -9.119  -3.012  -14.536 1.00 45.17 ? 131 VAL A O   1 
ATOM   267  C CB  . VAL A 1 38  ? -10.371 -2.118  -11.739 1.00 41.42 ? 131 VAL A CB  1 
ATOM   268  C CG1 . VAL A 1 38  ? -10.518 -0.908  -12.691 1.00 44.73 ? 131 VAL A CG1 1 
ATOM   269  C CG2 . VAL A 1 38  ? -11.690 -2.894  -11.586 1.00 44.77 ? 131 VAL A CG2 1 
ATOM   270  N N   . ASN A 1 39  ? -10.037 -4.879  -13.590 1.00 43.75 ? 132 ASN A N   1 
ATOM   271  C CA  . ASN A 1 39  ? -10.452 -5.517  -14.884 1.00 46.12 ? 132 ASN A CA  1 
ATOM   272  C C   . ASN A 1 39  ? -11.844 -5.005  -15.282 1.00 46.90 ? 132 ASN A C   1 
ATOM   273  O O   . ASN A 1 39  ? -12.618 -4.558  -14.446 1.00 46.56 ? 132 ASN A O   1 
ATOM   274  C CB  . ASN A 1 39  ? -10.491 -7.034  -14.756 1.00 44.31 ? 132 ASN A CB  1 
ATOM   275  C CG  . ASN A 1 39  ? -9.133  -7.660  -14.627 1.00 44.95 ? 132 ASN A CG  1 
ATOM   276  O OD1 . ASN A 1 39  ? -8.141  -7.177  -15.167 1.00 54.41 ? 132 ASN A OD1 1 
ATOM   277  N ND2 . ASN A 1 39  ? -9.075  -8.774  -13.928 1.00 42.86 ? 132 ASN A ND2 1 
ATOM   278  N N   . LYS A 1 40  ? -12.167 -5.038  -16.580 1.00 54.19 ? 133 LYS A N   1 
ATOM   279  C CA  . LYS A 1 40  ? -13.543 -4.732  -17.052 1.00 54.84 ? 133 LYS A CA  1 
ATOM   280  C C   . LYS A 1 40  ? -14.647 -5.440  -16.239 1.00 47.84 ? 133 LYS A C   1 
ATOM   281  O O   . LYS A 1 40  ? -14.546 -6.636  -15.949 1.00 57.41 ? 133 LYS A O   1 
ATOM   282  C CB  . LYS A 1 40  ? -13.699 -5.108  -18.554 1.00 59.85 ? 133 LYS A CB  1 
ATOM   283  N N   . GLU A 1 41  ? -15.664 -4.675  -15.843 1.00 53.89 ? 134 GLU A N   1 
ATOM   284  C CA  . GLU A 1 41  ? -16.818 -5.149  -15.060 1.00 64.02 ? 134 GLU A CA  1 
ATOM   285  C C   . GLU A 1 41  ? -16.487 -5.666  -13.635 1.00 66.54 ? 134 GLU A C   1 
ATOM   286  O O   . GLU A 1 41  ? -17.393 -6.190  -12.983 1.00 70.64 ? 134 GLU A O   1 
ATOM   287  C CB  . GLU A 1 41  ? -17.638 -6.207  -15.850 1.00 64.32 ? 134 GLU A CB  1 
ATOM   288  N N   . GLU A 1 42  ? -15.244 -5.482  -13.128 1.00 55.06 ? 135 GLU A N   1 
ATOM   289  C CA  . GLU A 1 42  ? -14.847 -6.034  -11.805 1.00 44.98 ? 135 GLU A CA  1 
ATOM   290  C C   . GLU A 1 42  ? -15.175 -5.025  -10.717 1.00 44.30 ? 135 GLU A C   1 
ATOM   291  O O   . GLU A 1 42  ? -14.983 -3.833  -10.907 1.00 42.68 ? 135 GLU A O   1 
ATOM   292  C CB  . GLU A 1 42  ? -13.365 -6.423  -11.814 1.00 43.61 ? 135 GLU A CB  1 
ATOM   293  C CG  . GLU A 1 42  ? -12.812 -7.035  -10.526 1.00 41.78 ? 135 GLU A CG  1 
ATOM   294  C CD  . GLU A 1 42  ? -11.327 -7.302  -10.605 1.00 39.79 ? 135 GLU A CD  1 
ATOM   295  O OE1 . GLU A 1 42  ? -10.648 -6.480  -11.239 1.00 41.28 ? 135 GLU A OE1 1 
ATOM   296  O OE2 . GLU A 1 42  ? -10.828 -8.336  -10.046 1.00 39.91 ? 135 GLU A OE2 1 
ATOM   297  N N   . ALA A 1 43  ? -15.722 -5.502  -9.587  1.00 43.66 ? 136 ALA A N   1 
ATOM   298  C CA  . ALA A 1 43  ? -16.138 -4.633  -8.503  1.00 44.03 ? 136 ALA A CA  1 
ATOM   299  C C   . ALA A 1 43  ? -14.835 -4.189  -7.764  1.00 41.76 ? 136 ALA A C   1 
ATOM   300  O O   . ALA A 1 43  ? -13.886 -4.938  -7.765  1.00 38.50 ? 136 ALA A O   1 
ATOM   301  C CB  . ALA A 1 43  ? -17.062 -5.347  -7.543  1.00 44.94 ? 136 ALA A CB  1 
ATOM   302  N N   . PRO A 1 44  ? -14.838 -3.010  -7.162  1.00 45.27 ? 137 PRO A N   1 
ATOM   303  C CA  . PRO A 1 44  ? -13.604 -2.564  -6.447  1.00 42.56 ? 137 PRO A CA  1 
ATOM   304  C C   . PRO A 1 44  ? -13.114 -3.576  -5.392  1.00 41.99 ? 137 PRO A C   1 
ATOM   305  O O   . PRO A 1 44  ? -11.913 -3.867  -5.314  1.00 36.07 ? 137 PRO A O   1 
ATOM   306  C CB  . PRO A 1 44  ? -14.054 -1.252  -5.812  1.00 46.46 ? 137 PRO A CB  1 
ATOM   307  C CG  . PRO A 1 44  ? -15.094 -0.681  -6.797  1.00 43.72 ? 137 PRO A CG  1 
ATOM   308  C CD  . PRO A 1 44  ? -15.831 -1.921  -7.293  1.00 46.58 ? 137 PRO A CD  1 
ATOM   309  N N   . HIS A 1 45  ? -14.019 -4.069  -4.559  1.00 39.02 ? 138 HIS A N   1 
ATOM   310  C CA  . HIS A 1 45  ? -13.622 -5.038  -3.514  1.00 41.82 ? 138 HIS A CA  1 
ATOM   311  C C   . HIS A 1 45  ? -13.015 -6.292  -4.108  1.00 36.46 ? 138 HIS A C   1 
ATOM   312  O O   . HIS A 1 45  ? -12.097 -6.898  -3.513  1.00 32.88 ? 138 HIS A O   1 
ATOM   313  C CB  . HIS A 1 45  ? -14.775 -5.283  -2.525  1.00 47.58 ? 138 HIS A CB  1 
ATOM   314  C CG  . HIS A 1 45  ? -15.842 -6.209  -3.025  1.00 60.80 ? 138 HIS A CG  1 
ATOM   315  N ND1 . HIS A 1 45  ? -16.988 -5.754  -3.659  1.00 67.39 ? 138 HIS A ND1 1 
ATOM   316  C CD2 . HIS A 1 45  ? -15.969 -7.558  -2.943  1.00 59.26 ? 138 HIS A CD2 1 
ATOM   317  C CE1 . HIS A 1 45  ? -17.768 -6.785  -3.947  1.00 57.84 ? 138 HIS A CE1 1 
ATOM   318  N NE2 . HIS A 1 45  ? -17.175 -7.890  -3.522  1.00 66.44 ? 138 HIS A NE2 1 
ATOM   319  N N   . ASP A 1 46  ? -13.521 -6.739  -5.277  1.00 34.91 ? 139 ASP A N   1 
ATOM   320  C CA  . ASP A 1 46  ? -12.982 -7.944  -5.874  1.00 35.44 ? 139 ASP A CA  1 
ATOM   321  C C   . ASP A 1 46  ? -11.583 -7.727  -6.483  1.00 32.00 ? 139 ASP A C   1 
ATOM   322  O O   . ASP A 1 46  ? -10.757 -8.618  -6.376  1.00 33.30 ? 139 ASP A O   1 
ATOM   323  C CB  . ASP A 1 46  ? -13.916 -8.504  -6.954  1.00 36.85 ? 139 ASP A CB  1 
ATOM   324  C CG  . ASP A 1 46  ? -15.188 -9.099  -6.375  1.00 46.37 ? 139 ASP A CG  1 
ATOM   325  O OD1 . ASP A 1 46  ? -15.145 -9.733  -5.307  1.00 42.64 ? 139 ASP A OD1 1 
ATOM   326  O OD2 . ASP A 1 46  ? -16.241 -8.954  -7.025  1.00 47.15 ? 139 ASP A OD2 1 
ATOM   327  N N   . CYS A 1 47  ? -11.354 -6.583  -7.124  1.00 34.38 ? 140 CYS A N   1 
ATOM   328  C CA  . CYS A 1 47  ? -10.076 -6.223  -7.629  1.00 32.88 ? 140 CYS A CA  1 
ATOM   329  C C   . CYS A 1 47  ? -9.061  -6.128  -6.447  1.00 25.41 ? 140 CYS A C   1 
ATOM   330  O O   . CYS A 1 47  ? -7.963  -6.667  -6.546  1.00 27.70 ? 140 CYS A O   1 
ATOM   331  C CB  . CYS A 1 47  ? -10.131 -4.883  -8.305  1.00 30.71 ? 140 CYS A CB  1 
ATOM   332  S SG  . CYS A 1 47  ? -8.519  -4.277  -8.853  1.00 34.76 ? 140 CYS A SG  1 
ATOM   333  N N   . ALA A 1 48  ? -9.469  -5.486  -5.354  1.00 29.59 ? 141 ALA A N   1 
ATOM   334  C CA  . ALA A 1 48  ? -8.496  -5.343  -4.207  1.00 27.66 ? 141 ALA A CA  1 
ATOM   335  C C   . ALA A 1 48  ? -8.084  -6.706  -3.722  1.00 28.47 ? 141 ALA A C   1 
ATOM   336  O O   . ALA A 1 48  ? -6.925  -7.008  -3.544  1.00 26.32 ? 141 ALA A O   1 
ATOM   337  C CB  . ALA A 1 48  ? -9.125  -4.572  -3.072  1.00 26.95 ? 141 ALA A CB  1 
ATOM   338  N N   . ALA A 1 49  ? -9.065  -7.588  -3.478  1.00 26.65 ? 142 ALA A N   1 
ATOM   339  C CA  . ALA A 1 49  ? -8.742  -8.941  -3.059  1.00 28.63 ? 142 ALA A CA  1 
ATOM   340  C C   . ALA A 1 49  ? -7.878  -9.748  -4.045  1.00 27.60 ? 142 ALA A C   1 
ATOM   341  O O   . ALA A 1 49  ? -6.951  -10.454 -3.624  1.00 27.13 ? 142 ALA A O   1 
ATOM   342  C CB  . ALA A 1 49  ? -10.025 -9.704  -2.806  1.00 31.59 ? 142 ALA A CB  1 
ATOM   343  N N   . ARG A 1 50  ? -8.183  -9.641  -5.327  1.00 27.63 ? 143 ARG A N   1 
ATOM   344  C CA  . ARG A 1 50  ? -7.419  -10.343 -6.326  1.00 31.16 ? 143 ARG A CA  1 
ATOM   345  C C   . ARG A 1 50  ? -5.983  -9.887  -6.370  1.00 30.98 ? 143 ARG A C   1 
ATOM   346  O O   . ARG A 1 50  ? -5.054  -10.685 -6.388  1.00 26.92 ? 143 ARG A O   1 
ATOM   347  C CB  . ARG A 1 50  ? -8.033  -10.101 -7.705  1.00 32.42 ? 143 ARG A CB  1 
ATOM   348  C CG  . ARG A 1 50  ? -7.382  -10.863 -8.842  1.00 34.93 ? 143 ARG A CG  1 
ATOM   349  C CD  . ARG A 1 50  ? -8.093  -10.572 -10.176 1.00 34.75 ? 143 ARG A CD  1 
ATOM   350  N NE  . ARG A 1 50  ? -8.316  -9.143  -10.480 1.00 36.94 ? 143 ARG A NE  1 
ATOM   351  C CZ  . ARG A 1 50  ? -7.440  -8.264  -11.028 1.00 34.63 ? 143 ARG A CZ  1 
ATOM   352  N NH1 . ARG A 1 50  ? -6.196  -8.595  -11.331 1.00 39.09 ? 143 ARG A NH1 1 
ATOM   353  N NH2 . ARG A 1 50  ? -7.810  -7.027  -11.219 1.00 35.46 ? 143 ARG A NH2 1 
ATOM   354  N N   . GLU A 1 51  ? -5.802  -8.573  -6.435  1.00 30.94 ? 144 GLU A N   1 
ATOM   355  C CA  . GLU A 1 51  ? -4.424  -8.035  -6.516  1.00 29.80 ? 144 GLU A CA  1 
ATOM   356  C C   . GLU A 1 51  ? -3.657  -8.379  -5.262  1.00 27.67 ? 144 GLU A C   1 
ATOM   357  O O   . GLU A 1 51  ? -2.474  -8.718  -5.314  1.00 28.61 ? 144 GLU A O   1 
ATOM   358  C CB  . GLU A 1 51  ? -4.469  -6.572  -6.679  1.00 31.60 ? 144 GLU A CB  1 
ATOM   359  C CG  . GLU A 1 51  ? -5.021  -6.101  -7.976  1.00 32.25 ? 144 GLU A CG  1 
ATOM   360  C CD  . GLU A 1 51  ? -4.098  -6.364  -9.172  1.00 42.31 ? 144 GLU A CD  1 
ATOM   361  O OE1 . GLU A 1 51  ? -2.915  -6.728  -9.001  1.00 40.78 ? 144 GLU A OE1 1 
ATOM   362  O OE2 . GLU A 1 51  ? -4.548  -6.146  -10.295 1.00 47.51 ? 144 GLU A OE2 1 
ATOM   363  N N   . VAL A 1 52  ? -4.308  -8.266  -4.087  1.00 26.21 ? 145 VAL A N   1 
ATOM   364  C CA  . VAL A 1 52  ? -3.578  -8.555  -2.876  1.00 25.62 ? 145 VAL A CA  1 
ATOM   365  C C   . VAL A 1 52  ? -3.214  -10.039 -2.797  1.00 27.27 ? 145 VAL A C   1 
ATOM   366  O O   . VAL A 1 52  ? -2.096  -10.400 -2.342  1.00 27.66 ? 145 VAL A O   1 
ATOM   367  C CB  . VAL A 1 52  ? -4.327  -8.034  -1.658  1.00 26.71 ? 145 VAL A CB  1 
ATOM   368  C CG1 . VAL A 1 52  ? -3.644  -8.474  -0.412  1.00 30.21 ? 145 VAL A CG1 1 
ATOM   369  C CG2 . VAL A 1 52  ? -4.392  -6.511  -1.683  1.00 27.86 ? 145 VAL A CG2 1 
ATOM   370  N N   . PHE A 1 53  ? -4.164  -10.898 -3.206  1.00 28.68 ? 146 PHE A N   1 
ATOM   371  C CA  . PHE A 1 53  ? -3.861  -12.321 -3.173  1.00 25.54 ? 146 PHE A CA  1 
ATOM   372  C C   . PHE A 1 53  ? -2.728  -12.645 -4.201  1.00 28.02 ? 146 PHE A C   1 
ATOM   373  O O   . PHE A 1 53  ? -1.854  -13.375 -3.883  1.00 30.36 ? 146 PHE A O   1 
ATOM   374  C CB  . PHE A 1 53  ? -5.104  -13.159 -3.486  1.00 29.46 ? 146 PHE A CB  1 
ATOM   375  C CG  . PHE A 1 53  ? -4.868  -14.603 -3.294  1.00 32.63 ? 146 PHE A CG  1 
ATOM   376  C CD1 . PHE A 1 53  ? -4.795  -15.142 -2.060  1.00 35.41 ? 146 PHE A CD1 1 
ATOM   377  C CD2 . PHE A 1 53  ? -4.656  -15.419 -4.403  1.00 42.41 ? 146 PHE A CD2 1 
ATOM   378  C CE1 . PHE A 1 53  ? -4.532  -16.489 -1.861  1.00 44.02 ? 146 PHE A CE1 1 
ATOM   379  C CE2 . PHE A 1 53  ? -4.390  -16.774 -4.232  1.00 45.84 ? 146 PHE A CE2 1 
ATOM   380  C CZ  . PHE A 1 53  ? -4.325  -17.308 -2.948  1.00 45.78 ? 146 PHE A CZ  1 
ATOM   381  N N   . GLU A 1 54  ? -2.775  -12.066 -5.385  1.00 28.03 ? 147 GLU A N   1 
ATOM   382  C CA  . GLU A 1 54  ? -1.682  -12.253 -6.402  1.00 35.12 ? 147 GLU A CA  1 
ATOM   383  C C   . GLU A 1 54  ? -0.341  -11.818 -5.918  1.00 36.43 ? 147 GLU A C   1 
ATOM   384  O O   . GLU A 1 54  ? 0.644   -12.488 -6.146  1.00 34.01 ? 147 GLU A O   1 
ATOM   385  C CB  . GLU A 1 54  ? -1.965  -11.448 -7.667  1.00 41.64 ? 147 GLU A CB  1 
ATOM   386  C CG  . GLU A 1 54  ? -3.022  -12.023 -8.582  1.00 54.45 ? 147 GLU A CG  1 
ATOM   387  C CD  . GLU A 1 54  ? -3.358  -11.101 -9.788  1.00 60.76 ? 147 GLU A CD  1 
ATOM   388  O OE1 . GLU A 1 54  ? -2.694  -10.012 -9.957  1.00 56.00 ? 147 GLU A OE1 1 
ATOM   389  O OE2 . GLU A 1 54  ? -4.301  -11.470 -10.575 1.00 53.66 ? 147 GLU A OE2 1 
ATOM   390  N N   . GLU A 1 55  ? -0.306  -10.673 -5.220  1.00 31.04 ? 148 GLU A N   1 
ATOM   391  C CA  . GLU A 1 55  ? 0.958   -10.130 -4.749  1.00 29.87 ? 148 GLU A CA  1 
ATOM   392  C C   . GLU A 1 55  ? 1.476   -10.629 -3.411  1.00 30.90 ? 148 GLU A C   1 
ATOM   393  O O   . GLU A 1 55  ? 2.631   -10.427 -3.136  1.00 31.20 ? 148 GLU A O   1 
ATOM   394  C CB  . GLU A 1 55  ? 0.865   -8.603  -4.748  1.00 29.94 ? 148 GLU A CB  1 
ATOM   395  C CG  . GLU A 1 55  ? 0.665   -8.120  -6.164  1.00 33.10 ? 148 GLU A CG  1 
ATOM   396  C CD  . GLU A 1 55  ? 0.421   -6.639  -6.272  1.00 37.89 ? 148 GLU A CD  1 
ATOM   397  O OE1 . GLU A 1 55  ? 0.768   -5.906  -5.326  1.00 33.72 ? 148 GLU A OE1 1 
ATOM   398  O OE2 . GLU A 1 55  ? -0.214  -6.255  -7.273  1.00 44.74 ? 148 GLU A OE2 1 
ATOM   399  N N   . THR A 1 56  ? 0.613   -11.175 -2.551  1.00 29.28 ? 149 THR A N   1 
ATOM   400  C CA  . THR A 1 56  ? 1.004   -11.573 -1.179  1.00 27.82 ? 149 THR A CA  1 
ATOM   401  C C   . THR A 1 56  ? 0.614   -12.973 -0.791  1.00 28.60 ? 149 THR A C   1 
ATOM   402  O O   . THR A 1 56  ? 1.071   -13.446 0.223   1.00 31.11 ? 149 THR A O   1 
ATOM   403  C CB  . THR A 1 56  ? 0.350   -10.665 -0.094  1.00 29.82 ? 149 THR A CB  1 
ATOM   404  O OG1 . THR A 1 56  ? -1.055  -10.903 0.004   1.00 28.86 ? 149 THR A OG1 1 
ATOM   405  C CG2 . THR A 1 56  ? 0.523   -9.166  -0.489  1.00 26.98 ? 149 THR A CG2 1 
ATOM   406  N N   . GLY A 1 57  ? -0.307  -13.562 -1.513  1.00 31.35 ? 150 GLY A N   1 
ATOM   407  C CA  . GLY A 1 57  ? -0.799  -14.900 -1.157  1.00 35.66 ? 150 GLY A CA  1 
ATOM   408  C C   . GLY A 1 57  ? -1.778  -14.868 0.034   1.00 36.64 ? 150 GLY A C   1 
ATOM   409  O O   . GLY A 1 57  ? -2.141  -15.899 0.550   1.00 36.43 ? 150 GLY A O   1 
ATOM   410  N N   . PHE A 1 58  ? -2.233  -13.689 0.442   1.00 30.92 ? 151 PHE A N   1 
ATOM   411  C CA  . PHE A 1 58  ? -3.107  -13.577 1.564   1.00 30.83 ? 151 PHE A CA  1 
ATOM   412  C C   . PHE A 1 58  ? -4.430  -13.126 1.071   1.00 29.74 ? 151 PHE A C   1 
ATOM   413  O O   . PHE A 1 58  ? -4.569  -12.164 0.236   1.00 29.37 ? 151 PHE A O   1 
ATOM   414  C CB  . PHE A 1 58  ? -2.524  -12.679 2.639   1.00 32.22 ? 151 PHE A CB  1 
ATOM   415  C CG  . PHE A 1 58  ? -3.436  -12.522 3.833   1.00 31.95 ? 151 PHE A CG  1 
ATOM   416  C CD1 . PHE A 1 58  ? -3.434  -13.467 4.829   1.00 34.08 ? 151 PHE A CD1 1 
ATOM   417  C CD2 . PHE A 1 58  ? -4.295  -11.419 3.930   1.00 33.41 ? 151 PHE A CD2 1 
ATOM   418  C CE1 . PHE A 1 58  ? -4.289  -13.336 5.914   1.00 35.79 ? 151 PHE A CE1 1 
ATOM   419  C CE2 . PHE A 1 58  ? -5.105  -11.247 5.056   1.00 34.20 ? 151 PHE A CE2 1 
ATOM   420  C CZ  . PHE A 1 58  ? -5.111  -12.251 6.010   1.00 34.81 ? 151 PHE A CZ  1 
ATOM   421  N N   . ASP A 1 59  ? -5.505  -13.792 1.532   1.00 28.19 ? 152 ASP A N   1 
ATOM   422  C CA  . ASP A 1 59  ? -6.834  -13.462 0.993   1.00 31.71 ? 152 ASP A CA  1 
ATOM   423  C C   . ASP A 1 59  ? -7.583  -12.546 1.924   1.00 33.92 ? 152 ASP A C   1 
ATOM   424  O O   . ASP A 1 59  ? -7.891  -12.918 3.081   1.00 31.68 ? 152 ASP A O   1 
ATOM   425  C CB  . ASP A 1 59  ? -7.623  -14.774 0.793   1.00 34.25 ? 152 ASP A CB  1 
ATOM   426  C CG  . ASP A 1 59  ? -9.000  -14.572 0.199   1.00 39.54 ? 152 ASP A CG  1 
ATOM   427  O OD1 . ASP A 1 59  ? -9.488  -13.448 -0.114  1.00 35.26 ? 152 ASP A OD1 1 
ATOM   428  O OD2 . ASP A 1 59  ? -9.662  -15.625 0.077   1.00 46.75 ? 152 ASP A OD2 1 
ATOM   429  N N   . ILE A 1 60  ? -7.896  -11.349 1.456   1.00 27.31 ? 153 ILE A N   1 
ATOM   430  C CA  . ILE A 1 60  ? -8.552  -10.353 2.358   1.00 30.60 ? 153 ILE A CA  1 
ATOM   431  C C   . ILE A 1 60  ? -10.055 -10.346 2.263   1.00 29.01 ? 153 ILE A C   1 
ATOM   432  O O   . ILE A 1 60  ? -10.688 -9.535  2.852   1.00 30.83 ? 153 ILE A O   1 
ATOM   433  C CB  . ILE A 1 60  ? -8.061  -8.924  2.090   1.00 29.44 ? 153 ILE A CB  1 
ATOM   434  C CG1 . ILE A 1 60  ? -8.396  -8.452  0.708   1.00 31.13 ? 153 ILE A CG1 1 
ATOM   435  C CG2 . ILE A 1 60  ? -6.587  -8.797  2.396   1.00 30.20 ? 153 ILE A CG2 1 
ATOM   436  C CD1 . ILE A 1 60  ? -8.011  -6.975  0.524   1.00 31.82 ? 153 ILE A CD1 1 
ATOM   437  N N   . LYS A 1 61  ? -10.634 -11.233 1.489   1.00 31.33 ? 154 LYS A N   1 
ATOM   438  C CA  . LYS A 1 61  ? -11.995 -11.071 1.092   1.00 34.51 ? 154 LYS A CA  1 
ATOM   439  C C   . LYS A 1 61  ? -12.928 -11.059 2.331   1.00 32.59 ? 154 LYS A C   1 
ATOM   440  O O   . LYS A 1 61  ? -13.779 -10.210 2.396   1.00 33.64 ? 154 LYS A O   1 
ATOM   441  C CB  . LYS A 1 61  ? -12.394 -12.179 0.066   1.00 39.71 ? 154 LYS A CB  1 
ATOM   442  C CG  . LYS A 1 61  ? -13.836 -12.642 0.073   1.00 53.31 ? 154 LYS A CG  1 
ATOM   443  C CD  . LYS A 1 61  ? -14.147 -13.717 -1.003  1.00 57.48 ? 154 LYS A CD  1 
ATOM   444  C CE  . LYS A 1 61  ? -13.249 -14.972 -0.941  1.00 63.31 ? 154 LYS A CE  1 
ATOM   445  N NZ  . LYS A 1 61  ? -13.438 -15.855 0.258   1.00 71.89 ? 154 LYS A NZ  1 
ATOM   446  N N   . ASP A 1 62  ? -12.659 -11.942 3.280   1.00 33.26 ? 155 ASP A N   1 
ATOM   447  C CA  . ASP A 1 62  ? -13.510 -12.053 4.505   1.00 33.77 ? 155 ASP A CA  1 
ATOM   448  C C   . ASP A 1 62  ? -13.276 -10.883 5.444   1.00 37.25 ? 155 ASP A C   1 
ATOM   449  O O   . ASP A 1 62  ? -14.045 -10.725 6.400   1.00 37.03 ? 155 ASP A O   1 
ATOM   450  C CB  . ASP A 1 62  ? -13.163 -13.323 5.277   1.00 40.11 ? 155 ASP A CB  1 
ATOM   451  C CG  . ASP A 1 62  ? -13.645 -14.618 4.601   1.00 45.32 ? 155 ASP A CG  1 
ATOM   452  O OD1 . ASP A 1 62  ? -14.465 -14.583 3.670   1.00 48.85 ? 155 ASP A OD1 1 
ATOM   453  O OD2 . ASP A 1 62  ? -13.210 -15.686 5.065   1.00 48.95 ? 155 ASP A OD2 1 
ATOM   454  N N   . TYR A 1 63  ? -12.239 -10.050 5.206   1.00 32.63 ? 156 TYR A N   1 
ATOM   455  C CA  . TYR A 1 63  ? -11.873 -8.924  6.132   1.00 33.46 ? 156 TYR A CA  1 
ATOM   456  C C   . TYR A 1 63  ? -12.168 -7.545  5.622   1.00 32.53 ? 156 TYR A C   1 
ATOM   457  O O   . TYR A 1 63  ? -12.305 -6.552  6.371   1.00 35.23 ? 156 TYR A O   1 
ATOM   458  C CB  . TYR A 1 63  ? -10.413 -9.027  6.471   1.00 33.36 ? 156 TYR A CB  1 
ATOM   459  C CG  . TYR A 1 63  ? -10.089 -10.301 6.931   1.00 32.88 ? 156 TYR A CG  1 
ATOM   460  C CD1 . TYR A 1 63  ? -10.864 -10.872 7.989   1.00 35.78 ? 156 TYR A CD1 1 
ATOM   461  C CD2 . TYR A 1 63  ? -9.185  -11.072 6.310   1.00 33.74 ? 156 TYR A CD2 1 
ATOM   462  C CE1 . TYR A 1 63  ? -10.652 -12.132 8.411   1.00 38.64 ? 156 TYR A CE1 1 
ATOM   463  C CE2 . TYR A 1 63  ? -8.940  -12.372 6.731   1.00 36.24 ? 156 TYR A CE2 1 
ATOM   464  C CZ  . TYR A 1 63  ? -9.664  -12.866 7.817   1.00 43.67 ? 156 TYR A CZ  1 
ATOM   465  O OH  . TYR A 1 63  ? -9.519  -14.126 8.244   1.00 47.54 ? 156 TYR A OH  1 
ATOM   466  N N   . ILE A 1 64  ? -12.343 -7.408  4.319   1.00 31.56 ? 157 ILE A N   1 
ATOM   467  C CA  . ILE A 1 64  ? -12.665 -6.079  3.804   1.00 32.15 ? 157 ILE A CA  1 
ATOM   468  C C   . ILE A 1 64  ? -13.910 -5.450  4.350   1.00 39.24 ? 157 ILE A C   1 
ATOM   469  O O   . ILE A 1 64  ? -14.976 -6.106  4.390   1.00 40.04 ? 157 ILE A O   1 
ATOM   470  C CB  . ILE A 1 64  ? -12.865 -6.084  2.248   1.00 36.26 ? 157 ILE A CB  1 
ATOM   471  C CG1 . ILE A 1 64  ? -11.532 -6.231  1.553   1.00 42.97 ? 157 ILE A CG1 1 
ATOM   472  C CG2 . ILE A 1 64  ? -13.424 -4.762  1.706   1.00 36.48 ? 157 ILE A CG2 1 
ATOM   473  C CD1 . ILE A 1 64  ? -11.647 -6.526  0.048   1.00 45.61 ? 157 ILE A CD1 1 
ATOM   474  N N   A CYS A 1 65  ? -13.786 -4.206  4.808   0.25 33.12 ? 158 CYS A N   1 
ATOM   475  N N   B CYS A 1 65  ? -13.804 -4.182  4.732   0.25 38.19 ? 158 CYS A N   1 
ATOM   476  C CA  A CYS A 1 65  ? -14.920 -3.395  5.193   0.25 33.24 ? 158 CYS A CA  1 
ATOM   477  C CA  B CYS A 1 65  ? -14.913 -3.410  5.251   0.25 41.56 ? 158 CYS A CA  1 
ATOM   478  C C   A CYS A 1 65  ? -15.101 -2.345  4.135   0.25 36.78 ? 158 CYS A C   1 
ATOM   479  C C   B CYS A 1 65  ? -15.145 -2.271  4.264   0.25 41.90 ? 158 CYS A C   1 
ATOM   480  O O   A CYS A 1 65  ? -14.159 -1.632  3.767   0.25 34.35 ? 158 CYS A O   1 
ATOM   481  O O   B CYS A 1 65  ? -14.271 -1.410  4.092   0.25 42.34 ? 158 CYS A O   1 
ATOM   482  C CB  A CYS A 1 65  ? -14.723 -2.749  6.544   0.25 31.65 ? 158 CYS A CB  1 
ATOM   483  C CB  B CYS A 1 65  ? -14.575 -2.912  6.654   0.25 45.13 ? 158 CYS A CB  1 
ATOM   484  S SG  A CYS A 1 65  ? -14.537 -3.927  7.878   0.25 27.87 ? 158 CYS A SG  1 
ATOM   485  S SG  B CYS A 1 65  ? -15.855 -1.948  7.486   0.25 54.46 ? 158 CYS A SG  1 
ATOM   486  N N   . LYS A 1 66  ? -16.317 -2.280  3.615   1.00 38.74 ? 159 LYS A N   1 
ATOM   487  C CA  . LYS A 1 66  ? -16.656 -1.378  2.517   1.00 40.25 ? 159 LYS A CA  1 
ATOM   488  C C   . LYS A 1 66  ? -16.378 0.057   2.693   1.00 35.82 ? 159 LYS A C   1 
ATOM   489  O O   . LYS A 1 66  ? -15.987 0.737   1.701   1.00 40.85 ? 159 LYS A O   1 
ATOM   490  C CB  . LYS A 1 66  ? -18.161 -1.512  2.172   1.00 42.65 ? 159 LYS A CB  1 
ATOM   491  C CG  . LYS A 1 66  ? -19.090 -0.886  3.202   1.00 51.65 ? 159 LYS A CG  1 
ATOM   492  N N   . ASP A 1 67  ? -16.511 0.577   3.890   1.00 37.17 ? 160 ASP A N   1 
ATOM   493  C CA  . ASP A 1 67  ? -16.260 2.038   4.052   1.00 43.23 ? 160 ASP A CA  1 
ATOM   494  C C   . ASP A 1 67  ? -14.900 2.381   4.593   1.00 41.02 ? 160 ASP A C   1 
ATOM   495  O O   . ASP A 1 67  ? -14.628 3.548   4.849   1.00 41.81 ? 160 ASP A O   1 
ATOM   496  C CB  . ASP A 1 67  ? -17.313 2.626   4.984   1.00 52.66 ? 160 ASP A CB  1 
ATOM   497  C CG  . ASP A 1 67  ? -18.708 2.481   4.397   1.00 62.24 ? 160 ASP A CG  1 
ATOM   498  O OD1 . ASP A 1 67  ? -18.864 2.811   3.203   1.00 63.90 ? 160 ASP A OD1 1 
ATOM   499  O OD2 . ASP A 1 67  ? -19.600 1.970   5.102   1.00 68.37 ? 160 ASP A OD2 1 
ATOM   500  N N   . ASP A 1 68  ? -14.042 1.374   4.771   1.00 37.75 ? 161 ASP A N   1 
ATOM   501  C CA  . ASP A 1 68  ? -12.742 1.596   5.400   1.00 34.67 ? 161 ASP A CA  1 
ATOM   502  C C   . ASP A 1 68  ? -11.655 1.504   4.337   1.00 30.63 ? 161 ASP A C   1 
ATOM   503  O O   . ASP A 1 68  ? -11.107 0.426   4.068   1.00 27.86 ? 161 ASP A O   1 
ATOM   504  C CB  . ASP A 1 68  ? -12.448 0.501   6.443   1.00 31.42 ? 161 ASP A CB  1 
ATOM   505  C CG  . ASP A 1 68  ? -13.364 0.552   7.668   1.00 40.36 ? 161 ASP A CG  1 
ATOM   506  O OD1 . ASP A 1 68  ? -14.177 1.452   7.775   1.00 35.75 ? 161 ASP A OD1 1 
ATOM   507  O OD2 . ASP A 1 68  ? -13.224 -0.309  8.547   1.00 35.42 ? 161 ASP A OD2 1 
ATOM   508  N N   . TYR A 1 69  ? -11.320 2.642   3.769   1.00 31.68 ? 162 TYR A N   1 
ATOM   509  C CA  . TYR A 1 69  ? -10.294 2.705   2.732   1.00 29.25 ? 162 TYR A CA  1 
ATOM   510  C C   . TYR A 1 69  ? -9.733  4.108   2.689   1.00 34.04 ? 162 TYR A C   1 
ATOM   511  O O   . TYR A 1 69  ? -10.316 5.025   3.268   1.00 35.73 ? 162 TYR A O   1 
ATOM   512  C CB  . TYR A 1 69  ? -10.841 2.258   1.369   1.00 29.66 ? 162 TYR A CB  1 
ATOM   513  C CG  . TYR A 1 69  ? -12.029 3.123   0.862   1.00 34.59 ? 162 TYR A CG  1 
ATOM   514  C CD1 . TYR A 1 69  ? -11.823 4.383   0.258   1.00 36.18 ? 162 TYR A CD1 1 
ATOM   515  C CD2 . TYR A 1 69  ? -13.328 2.679   1.056   1.00 41.60 ? 162 TYR A CD2 1 
ATOM   516  C CE1 . TYR A 1 69  ? -12.892 5.172   -0.158  1.00 41.68 ? 162 TYR A CE1 1 
ATOM   517  C CE2 . TYR A 1 69  ? -14.412 3.468   0.632   1.00 45.07 ? 162 TYR A CE2 1 
ATOM   518  C CZ  . TYR A 1 69  ? -14.180 4.684   0.025   1.00 48.41 ? 162 TYR A CZ  1 
ATOM   519  O OH  . TYR A 1 69  ? -15.244 5.432   -0.363  1.00 57.30 ? 162 TYR A OH  1 
ATOM   520  N N   . ILE A 1 70  ? -8.573  4.249   2.072   1.00 32.72 ? 163 ILE A N   1 
ATOM   521  C CA  . ILE A 1 70  ? -8.010  5.547   1.675   1.00 33.55 ? 163 ILE A CA  1 
ATOM   522  C C   . ILE A 1 70  ? -7.898  5.567   0.189   1.00 31.56 ? 163 ILE A C   1 
ATOM   523  O O   . ILE A 1 70  ? -7.347  4.647   -0.436  1.00 28.83 ? 163 ILE A O   1 
ATOM   524  C CB  . ILE A 1 70  ? -6.642  5.750   2.341   1.00 39.16 ? 163 ILE A CB  1 
ATOM   525  C CG1 . ILE A 1 70  ? -6.913  6.001   3.834   1.00 40.56 ? 163 ILE A CG1 1 
ATOM   526  C CG2 . ILE A 1 70  ? -5.916  6.972   1.768   1.00 46.44 ? 163 ILE A CG2 1 
ATOM   527  C CD1 . ILE A 1 70  ? -5.665  5.734   4.647   1.00 46.06 ? 163 ILE A CD1 1 
ATOM   528  N N   . GLU A 1 71  ? -8.395  6.673   -0.397  1.00 29.85 ? 164 GLU A N   1 
ATOM   529  C CA  . GLU A 1 71  ? -8.384  6.816   -1.817  1.00 33.37 ? 164 GLU A CA  1 
ATOM   530  C C   . GLU A 1 71  ? -7.670  8.123   -2.196  1.00 36.24 ? 164 GLU A C   1 
ATOM   531  O O   . GLU A 1 71  ? -7.918  9.125   -1.561  1.00 39.94 ? 164 GLU A O   1 
ATOM   532  C CB  . GLU A 1 71  ? -9.813  6.842   -2.255  1.00 36.55 ? 164 GLU A CB  1 
ATOM   533  C CG  . GLU A 1 71  ? -10.056 6.935   -3.719  1.00 45.18 ? 164 GLU A CG  1 
ATOM   534  C CD  . GLU A 1 71  ? -11.563 6.797   -3.980  1.00 54.82 ? 164 GLU A CD  1 
ATOM   535  O OE1 . GLU A 1 71  ? -12.301 7.789   -3.732  1.00 61.08 ? 164 GLU A OE1 1 
ATOM   536  O OE2 . GLU A 1 71  ? -11.976 5.692   -4.373  1.00 52.65 ? 164 GLU A OE2 1 
ATOM   537  N N   . LEU A 1 72  ? -6.749  8.042   -3.133  1.00 31.68 ? 165 LEU A N   1 
ATOM   538  C CA  . LEU A 1 72  ? -6.020  9.181   -3.639  1.00 34.93 ? 165 LEU A CA  1 
ATOM   539  C C   . LEU A 1 72  ? -6.024  9.194   -5.150  1.00 34.78 ? 165 LEU A C   1 
ATOM   540  O O   . LEU A 1 72  ? -5.943  8.188   -5.850  1.00 34.43 ? 165 LEU A O   1 
ATOM   541  C CB  . LEU A 1 72  ? -4.547  9.155   -3.225  1.00 35.12 ? 165 LEU A CB  1 
ATOM   542  C CG  . LEU A 1 72  ? -4.287  9.081   -1.762  1.00 39.33 ? 165 LEU A CG  1 
ATOM   543  C CD1 . LEU A 1 72  ? -2.790  8.952   -1.521  1.00 38.31 ? 165 LEU A CD1 1 
ATOM   544  C CD2 . LEU A 1 72  ? -4.859  10.343  -1.070  1.00 46.01 ? 165 LEU A CD2 1 
ATOM   545  N N   . ARG A 1 73  ? -6.033  10.416  -5.672  1.00 37.97 ? 166 ARG A N   1 
ATOM   546  C CA  . ARG A 1 73  ? -6.002  10.594  -7.093  1.00 39.43 ? 166 ARG A CA  1 
ATOM   547  C C   . ARG A 1 73  ? -4.656  11.228  -7.334  1.00 37.90 ? 166 ARG A C   1 
ATOM   548  O O   . ARG A 1 73  ? -4.365  12.333  -6.865  1.00 42.35 ? 166 ARG A O   1 
ATOM   549  C CB  . ARG A 1 73  ? -7.156  11.480  -7.603  1.00 41.00 ? 166 ARG A CB  1 
ATOM   550  C CG  . ARG A 1 73  ? -7.166  11.570  -9.127  1.00 43.94 ? 166 ARG A CG  1 
ATOM   551  C CD  . ARG A 1 73  ? -8.135  12.649  -9.638  1.00 57.29 ? 166 ARG A CD  1 
ATOM   552  N NE  . ARG A 1 73  ? -7.761  14.015  -9.182  1.00 53.98 ? 166 ARG A NE  1 
ATOM   553  C CZ  . ARG A 1 73  ? -8.621  14.951  -8.740  1.00 59.70 ? 166 ARG A CZ  1 
ATOM   554  N NH1 . ARG A 1 73  ? -9.938  14.736  -8.696  1.00 55.92 ? 166 ARG A NH1 1 
ATOM   555  N NH2 . ARG A 1 73  ? -8.167  16.145  -8.339  1.00 58.00 ? 166 ARG A NH2 1 
ATOM   556  N N   . ILE A 1 74  ? -3.815  10.498  -8.001  1.00 32.09 ? 167 ILE A N   1 
ATOM   557  C CA  . ILE A 1 74  ? -2.505  10.954  -8.345  1.00 39.59 ? 167 ILE A CA  1 
ATOM   558  C C   . ILE A 1 74  ? -2.383  11.010  -9.850  1.00 41.29 ? 167 ILE A C   1 
ATOM   559  O O   . ILE A 1 74  ? -2.505  9.959   -10.514 1.00 39.02 ? 167 ILE A O   1 
ATOM   560  C CB  . ILE A 1 74  ? -1.513  9.933   -7.759  1.00 44.90 ? 167 ILE A CB  1 
ATOM   561  C CG1 . ILE A 1 74  ? -1.588  10.082  -6.208  1.00 45.91 ? 167 ILE A CG1 1 
ATOM   562  C CG2 . ILE A 1 74  ? -0.100  10.168  -8.338  1.00 49.42 ? 167 ILE A CG2 1 
ATOM   563  C CD1 . ILE A 1 74  ? -0.778  9.076   -5.452  1.00 45.84 ? 167 ILE A CD1 1 
ATOM   564  N N   . ASN A 1 75  ? -2.111  12.203  -10.400 1.00 38.98 ? 168 ASN A N   1 
ATOM   565  C CA  . ASN A 1 75  ? -1.985  12.377  -11.852 1.00 41.94 ? 168 ASN A CA  1 
ATOM   566  C C   . ASN A 1 75  ? -3.084  11.754  -12.589 1.00 41.32 ? 168 ASN A C   1 
ATOM   567  O O   . ASN A 1 75  ? -2.873  11.019  -13.553 1.00 49.44 ? 168 ASN A O   1 
ATOM   568  C CB  . ASN A 1 75  ? -0.677  11.775  -12.342 1.00 42.83 ? 168 ASN A CB  1 
ATOM   569  C CG  . ASN A 1 75  ? 0.489   12.507  -11.785 1.00 44.68 ? 168 ASN A CG  1 
ATOM   570  O OD1 . ASN A 1 75  ? 0.406   13.736  -11.596 1.00 48.55 ? 168 ASN A OD1 1 
ATOM   571  N ND2 . ASN A 1 75  ? 1.566   11.785  -11.461 1.00 46.48 ? 168 ASN A ND2 1 
ATOM   572  N N   . ASP A 1 76  ? -4.255  12.035  -12.096 1.00 37.04 ? 169 ASP A N   1 
ATOM   573  C CA  . ASP A 1 76  ? -5.501  11.707  -12.729 1.00 56.09 ? 169 ASP A CA  1 
ATOM   574  C C   . ASP A 1 76  ? -5.732  10.180  -12.879 1.00 55.73 ? 169 ASP A C   1 
ATOM   575  O O   . ASP A 1 76  ? -6.333  9.690   -13.845 1.00 60.63 ? 169 ASP A O   1 
ATOM   576  C CB  . ASP A 1 76  ? -5.679  12.552  -14.008 1.00 62.65 ? 169 ASP A CB  1 
ATOM   577  C CG  . ASP A 1 76  ? -6.976  13.349  -13.966 1.00 70.72 ? 169 ASP A CG  1 
ATOM   578  O OD1 . ASP A 1 76  ? -7.082  14.532  -13.371 1.00 55.23 ? 169 ASP A OD1 1 
ATOM   579  O OD2 . ASP A 1 76  ? -7.912  12.691  -14.484 1.00 67.51 ? 169 ASP A OD2 1 
ATOM   580  N N   . GLN A 1 77  ? -5.259  9.468   -11.862 1.00 49.61 ? 170 GLN A N   1 
ATOM   581  C CA  . GLN A 1 77  ? -5.476  8.012   -11.667 1.00 50.22 ? 170 GLN A CA  1 
ATOM   582  C C   . GLN A 1 77  ? -5.882  7.797   -10.205 1.00 48.92 ? 170 GLN A C   1 
ATOM   583  O O   . GLN A 1 77  ? -5.247  8.324   -9.272  1.00 40.78 ? 170 GLN A O   1 
ATOM   584  C CB  . GLN A 1 77  ? -4.218  7.265   -11.984 1.00 56.25 ? 170 GLN A CB  1 
ATOM   585  C CG  . GLN A 1 77  ? -4.090  5.874   -11.333 1.00 74.94 ? 170 GLN A CG  1 
ATOM   586  C CD  . GLN A 1 77  ? -3.930  4.746   -12.322 1.00 77.63 ? 170 GLN A CD  1 
ATOM   587  O OE1 . GLN A 1 77  ? -3.722  4.944   -13.525 1.00 87.21 ? 170 GLN A OE1 1 
ATOM   588  N NE2 . GLN A 1 77  ? -4.050  3.542   -11.818 1.00 92.11 ? 170 GLN A NE2 1 
ATOM   589  N N   . LEU A 1 78  ? -6.940  7.033   -10.004 1.00 38.25 ? 171 LEU A N   1 
ATOM   590  C CA  . LEU A 1 78  ? -7.522  6.897   -8.717  1.00 43.76 ? 171 LEU A CA  1 
ATOM   591  C C   . LEU A 1 78  ? -6.970  5.623   -8.093  1.00 36.67 ? 171 LEU A C   1 
ATOM   592  O O   . LEU A 1 78  ? -6.935  4.639   -8.783  1.00 38.22 ? 171 LEU A O   1 
ATOM   593  C CB  . LEU A 1 78  ? -9.010  6.781   -8.878  1.00 50.11 ? 171 LEU A CB  1 
ATOM   594  C CG  . LEU A 1 78  ? -9.727  6.917   -7.553  1.00 59.27 ? 171 LEU A CG  1 
ATOM   595  C CD1 . LEU A 1 78  ? -10.061 8.397   -7.351  1.00 70.92 ? 171 LEU A CD1 1 
ATOM   596  C CD2 . LEU A 1 78  ? -10.956 6.004   -7.529  1.00 65.72 ? 171 LEU A CD2 1 
ATOM   597  N N   . ALA A 1 79  ? -6.461  5.685   -6.847  1.00 34.12 ? 172 ALA A N   1 
ATOM   598  C CA  . ALA A 1 79  ? -5.954  4.480   -6.166  1.00 31.63 ? 172 ALA A CA  1 
ATOM   599  C C   . ALA A 1 79  ? -6.679  4.381   -4.843  1.00 35.34 ? 172 ALA A C   1 
ATOM   600  O O   . ALA A 1 79  ? -6.669  5.311   -3.996  1.00 35.26 ? 172 ALA A O   1 
ATOM   601  C CB  . ALA A 1 79  ? -4.391  4.485   -6.004  1.00 33.67 ? 172 ALA A CB  1 
ATOM   602  N N   . ARG A 1 80  ? -7.346  3.238   -4.635  1.00 30.62 ? 173 ARG A N   1 
ATOM   603  C CA  . ARG A 1 80  ? -8.068  3.012   -3.434  1.00 27.71 ? 173 ARG A CA  1 
ATOM   604  C C   . ARG A 1 80  ? -7.571  1.765   -2.691  1.00 26.97 ? 173 ARG A C   1 
ATOM   605  O O   . ARG A 1 80  ? -7.470  0.691   -3.275  1.00 29.26 ? 173 ARG A O   1 
ATOM   606  C CB  . ARG A 1 80  ? -9.573  2.846   -3.705  1.00 32.23 ? 173 ARG A CB  1 
ATOM   607  C CG  . ARG A 1 80  ? -10.311 2.517   -2.407  1.00 33.64 ? 173 ARG A CG  1 
ATOM   608  C CD  . ARG A 1 80  ? -11.699 2.022   -2.715  1.00 36.61 ? 173 ARG A CD  1 
ATOM   609  N NE  . ARG A 1 80  ? -12.457 3.136   -3.313  1.00 42.11 ? 173 ARG A NE  1 
ATOM   610  C CZ  . ARG A 1 80  ? -13.744 3.074   -3.653  1.00 46.32 ? 173 ARG A CZ  1 
ATOM   611  N NH1 . ARG A 1 80  ? -14.447 1.975   -3.430  1.00 45.34 ? 173 ARG A NH1 1 
ATOM   612  N NH2 . ARG A 1 80  ? -14.311 4.123   -4.200  1.00 48.49 ? 173 ARG A NH2 1 
ATOM   613  N N   . LEU A 1 81  ? -7.156  1.958   -1.424  1.00 27.04 ? 174 LEU A N   1 
ATOM   614  C CA  . LEU A 1 81  ? -6.594  0.878   -0.611  1.00 24.85 ? 174 LEU A CA  1 
ATOM   615  C C   . LEU A 1 81  ? -7.516  0.691   0.574   1.00 25.39 ? 174 LEU A C   1 
ATOM   616  O O   . LEU A 1 81  ? -7.659  1.577   1.405   1.00 25.85 ? 174 LEU A O   1 
ATOM   617  C CB  . LEU A 1 81  ? -5.177  1.210   -0.046  1.00 24.52 ? 174 LEU A CB  1 
ATOM   618  C CG  . LEU A 1 81  ? -4.158  1.556   -1.142  1.00 24.51 ? 174 LEU A CG  1 
ATOM   619  C CD1 . LEU A 1 81  ? -2.856  2.012   -0.518  1.00 25.51 ? 174 LEU A CD1 1 
ATOM   620  C CD2 . LEU A 1 81  ? -3.936  0.350   -2.125  1.00 25.64 ? 174 LEU A CD2 1 
ATOM   621  N N   . TYR A 1 82  ? -8.059  -0.521  0.689   1.00 26.05 ? 175 TYR A N   1 
ATOM   622  C CA  . TYR A 1 82  ? -8.833  -0.902  1.781   1.00 26.37 ? 175 TYR A CA  1 
ATOM   623  C C   . TYR A 1 82  ? -7.998  -1.139  2.972   1.00 29.56 ? 175 TYR A C   1 
ATOM   624  O O   . TYR A 1 82  ? -6.941  -1.748  2.831   1.00 25.51 ? 175 TYR A O   1 
ATOM   625  C CB  . TYR A 1 82  ? -9.633  -2.179  1.402   1.00 27.26 ? 175 TYR A CB  1 
ATOM   626  C CG  . TYR A 1 82  ? -10.700 -1.878  0.441   1.00 28.74 ? 175 TYR A CG  1 
ATOM   627  C CD1 . TYR A 1 82  ? -11.940 -1.392  0.869   1.00 32.86 ? 175 TYR A CD1 1 
ATOM   628  C CD2 . TYR A 1 82  ? -10.485 -1.951  -0.918  1.00 30.22 ? 175 TYR A CD2 1 
ATOM   629  C CE1 . TYR A 1 82  ? -12.955 -1.099  -0.045  1.00 35.52 ? 175 TYR A CE1 1 
ATOM   630  C CE2 . TYR A 1 82  ? -11.458 -1.591  -1.805  1.00 33.91 ? 175 TYR A CE2 1 
ATOM   631  C CZ  . TYR A 1 82  ? -12.693 -1.171  -1.357  1.00 36.61 ? 175 TYR A CZ  1 
ATOM   632  O OH  . TYR A 1 82  ? -13.637 -0.869  -2.285  1.00 39.24 ? 175 TYR A OH  1 
ATOM   633  N N   . ILE A 1 83  ? -8.428  -0.693  4.169   1.00 23.88 ? 176 ILE A N   1 
ATOM   634  C CA  . ILE A 1 83  ? -7.656  -0.836  5.350   1.00 26.70 ? 176 ILE A CA  1 
ATOM   635  C C   . ILE A 1 83  ? -8.038  -2.131  6.051   1.00 24.71 ? 176 ILE A C   1 
ATOM   636  O O   . ILE A 1 83  ? -9.207  -2.364  6.308   1.00 28.16 ? 176 ILE A O   1 
ATOM   637  C CB  . ILE A 1 83  ? -7.829  0.408   6.244   1.00 25.88 ? 176 ILE A CB  1 
ATOM   638  C CG1 . ILE A 1 83  ? -7.293  1.626   5.438   1.00 33.13 ? 176 ILE A CG1 1 
ATOM   639  C CG2 . ILE A 1 83  ? -7.070  0.287   7.535   1.00 26.38 ? 176 ILE A CG2 1 
ATOM   640  C CD1 . ILE A 1 83  ? -7.809  2.918   6.016   1.00 45.05 ? 176 ILE A CD1 1 
ATOM   641  N N   . ILE A 1 84  ? -7.042  -2.995  6.300   1.00 24.41 ? 177 ILE A N   1 
ATOM   642  C CA  . ILE A 1 84  ? -7.227  -4.346  6.830   1.00 25.96 ? 177 ILE A CA  1 
ATOM   643  C C   . ILE A 1 84  ? -6.375  -4.525  8.073   1.00 23.88 ? 177 ILE A C   1 
ATOM   644  O O   . ILE A 1 84  ? -5.271  -5.020  7.967   1.00 24.90 ? 177 ILE A O   1 
ATOM   645  C CB  . ILE A 1 84  ? -6.865  -5.402  5.779   1.00 26.86 ? 177 ILE A CB  1 
ATOM   646  C CG1 . ILE A 1 84  ? -7.524  -5.120  4.433   1.00 28.72 ? 177 ILE A CG1 1 
ATOM   647  C CG2 . ILE A 1 84  ? -7.218  -6.790  6.306   1.00 27.88 ? 177 ILE A CG2 1 
ATOM   648  C CD1 . ILE A 1 84  ? -9.016  -5.312  4.333   1.00 32.17 ? 177 ILE A CD1 1 
ATOM   649  N N   . PRO A 1 85  ? -6.882  -4.176  9.269   1.00 25.65 ? 178 PRO A N   1 
ATOM   650  C CA  . PRO A 1 85  ? -6.056  -4.300  10.507  1.00 24.71 ? 178 PRO A CA  1 
ATOM   651  C C   . PRO A 1 85  ? -6.092  -5.638  11.062  1.00 24.45 ? 178 PRO A C   1 
ATOM   652  O O   . PRO A 1 85  ? -6.917  -6.490  10.665  1.00 28.01 ? 178 PRO A O   1 
ATOM   653  C CB  . PRO A 1 85  ? -6.775  -3.391  11.527  1.00 29.16 ? 178 PRO A CB  1 
ATOM   654  C CG  . PRO A 1 85  ? -7.751  -2.676  10.747  1.00 30.27 ? 178 PRO A CG  1 
ATOM   655  C CD  . PRO A 1 85  ? -8.108  -3.405  9.509   1.00 28.05 ? 178 PRO A CD  1 
ATOM   656  N N   . GLY A 1 86  ? -5.190  -5.900  11.950  1.00 27.00 ? 179 GLY A N   1 
ATOM   657  C CA  . GLY A 1 86  ? -5.226  -7.081  12.802  1.00 29.63 ? 179 GLY A CA  1 
ATOM   658  C C   . GLY A 1 86  ? -4.736  -8.356  12.196  1.00 30.23 ? 179 GLY A C   1 
ATOM   659  O O   . GLY A 1 86  ? -5.173  -9.419  12.580  1.00 31.76 ? 179 GLY A O   1 
ATOM   660  N N   . ILE A 1 87  ? -3.929  -8.280  11.157  1.00 27.80 ? 180 ILE A N   1 
ATOM   661  C CA  . ILE A 1 87  ? -3.410  -9.488  10.503  1.00 29.33 ? 180 ILE A CA  1 
ATOM   662  C C   . ILE A 1 87  ? -2.107  -9.892  11.252  1.00 31.87 ? 180 ILE A C   1 
ATOM   663  O O   . ILE A 1 87  ? -1.202  -9.126  11.327  1.00 30.28 ? 180 ILE A O   1 
ATOM   664  C CB  . ILE A 1 87  ? -3.215  -9.264  8.996   1.00 26.42 ? 180 ILE A CB  1 
ATOM   665  C CG1 . ILE A 1 87  ? -4.515  -8.816  8.351   1.00 28.35 ? 180 ILE A CG1 1 
ATOM   666  C CG2 . ILE A 1 87  ? -2.649  -10.506 8.355   1.00 30.27 ? 180 ILE A CG2 1 
ATOM   667  C CD1 . ILE A 1 87  ? -5.761  -9.639  8.691   1.00 29.41 ? 180 ILE A CD1 1 
ATOM   668  N N   . PRO A 1 88  ? -2.029  -11.121 11.800  1.00 33.71 ? 181 PRO A N   1 
ATOM   669  C CA  . PRO A 1 88  ? -0.841  -11.484 12.604  1.00 33.29 ? 181 PRO A CA  1 
ATOM   670  C C   . PRO A 1 88  ? 0.450   -11.362 11.818  1.00 35.04 ? 181 PRO A C   1 
ATOM   671  O O   . PRO A 1 88  ? 0.533   -11.737 10.610  1.00 31.44 ? 181 PRO A O   1 
ATOM   672  C CB  . PRO A 1 88  ? -1.126  -12.979 13.035  1.00 36.76 ? 181 PRO A CB  1 
ATOM   673  C CG  . PRO A 1 88  ? -2.604  -13.158 12.859  1.00 41.10 ? 181 PRO A CG  1 
ATOM   674  C CD  . PRO A 1 88  ? -3.050  -12.201 11.763  1.00 37.96 ? 181 PRO A CD  1 
ATOM   675  N N   . LYS A 1 89  ? 1.452   -10.818 12.507  1.00 33.97 ? 182 LYS A N   1 
ATOM   676  C CA  . LYS A 1 89  ? 2.764   -10.646 11.985  1.00 39.15 ? 182 LYS A CA  1 
ATOM   677  C C   . LYS A 1 89  ? 3.409   -11.942 11.574  1.00 39.63 ? 182 LYS A C   1 
ATOM   678  O O   . LYS A 1 89  ? 4.336   -11.911 10.779  1.00 43.41 ? 182 LYS A O   1 
ATOM   679  C CB  . LYS A 1 89  ? 3.681   -9.888  12.977  1.00 48.71 ? 182 LYS A CB  1 
ATOM   680  C CG  . LYS A 1 89  ? 3.992   -8.454  12.539  1.00 55.58 ? 182 LYS A CG  1 
ATOM   681  C CD  . LYS A 1 89  ? 5.090   -7.775  13.353  1.00 59.40 ? 182 LYS A CD  1 
ATOM   682  C CE  . LYS A 1 89  ? 4.855   -7.823  14.861  1.00 60.09 ? 182 LYS A CE  1 
ATOM   683  N NZ  . LYS A 1 89  ? 3.592   -7.189  15.399  1.00 50.18 ? 182 LYS A NZ  1 
ATOM   684  N N   . ASP A 1 90  ? 2.962   -13.088 12.098  1.00 37.28 ? 183 ASP A N   1 
ATOM   685  C CA  . ASP A 1 90  ? 3.542   -14.363 11.660  1.00 42.13 ? 183 ASP A CA  1 
ATOM   686  C C   . ASP A 1 90  ? 2.832   -15.029 10.489  1.00 41.01 ? 183 ASP A C   1 
ATOM   687  O O   . ASP A 1 90  ? 3.185   -16.155 10.101  1.00 41.89 ? 183 ASP A O   1 
ATOM   688  C CB  . ASP A 1 90  ? 3.685   -15.311 12.856  1.00 44.00 ? 183 ASP A CB  1 
ATOM   689  C CG  . ASP A 1 90  ? 2.356   -15.704 13.460  1.00 50.70 ? 183 ASP A CG  1 
ATOM   690  O OD1 . ASP A 1 90  ? 1.285   -15.296 12.970  1.00 55.07 ? 183 ASP A OD1 1 
ATOM   691  O OD2 . ASP A 1 90  ? 2.373   -16.441 14.445  1.00 62.67 ? 183 ASP A OD2 1 
ATOM   692  N N   . THR A 1 91  ? 1.867   -14.331 9.881   1.00 39.23 ? 184 THR A N   1 
ATOM   693  C CA  . THR A 1 91  ? 1.313   -14.766 8.582   1.00 34.48 ? 184 THR A CA  1 
ATOM   694  C C   . THR A 1 91  ? 2.377   -15.028 7.506   1.00 40.06 ? 184 THR A C   1 
ATOM   695  O O   . THR A 1 91  ? 3.293   -14.225 7.288   1.00 46.09 ? 184 THR A O   1 
ATOM   696  C CB  . THR A 1 91  ? 0.266   -13.773 8.076   1.00 31.90 ? 184 THR A CB  1 
ATOM   697  O OG1 . THR A 1 91  ? -0.681  -13.464 9.146   1.00 34.74 ? 184 THR A OG1 1 
ATOM   698  C CG2 . THR A 1 91  ? -0.440  -14.256 6.828   1.00 33.99 ? 184 THR A CG2 1 
ATOM   699  N N   . LYS A 1 92  ? 2.275   -16.155 6.835   1.00 42.83 ? 185 LYS A N   1 
ATOM   700  C CA  . LYS A 1 92  ? 3.137   -16.521 5.716   1.00 45.92 ? 185 LYS A CA  1 
ATOM   701  C C   . LYS A 1 92  ? 2.601   -15.957 4.447   1.00 43.16 ? 185 LYS A C   1 
ATOM   702  O O   . LYS A 1 92  ? 1.537   -16.326 4.019   1.00 46.62 ? 185 LYS A O   1 
ATOM   703  C CB  . LYS A 1 92  ? 3.227   -18.092 5.589   1.00 51.13 ? 185 LYS A CB  1 
ATOM   704  C CG  . LYS A 1 92  ? 3.986   -18.745 6.746   1.00 52.60 ? 185 LYS A CG  1 
ATOM   705  C CD  . LYS A 1 92  ? 5.080   -17.868 7.372   1.00 61.52 ? 185 LYS A CD  1 
ATOM   706  N N   . PHE A 1 93  ? 3.316   -14.992 3.883   1.00 40.71 ? 186 PHE A N   1 
ATOM   707  C CA  . PHE A 1 93  ? 2.903   -14.310 2.695   1.00 36.05 ? 186 PHE A CA  1 
ATOM   708  C C   . PHE A 1 93  ? 3.827   -14.859 1.638   1.00 39.45 ? 186 PHE A C   1 
ATOM   709  O O   . PHE A 1 93  ? 5.010   -15.007 1.890   1.00 47.77 ? 186 PHE A O   1 
ATOM   710  C CB  . PHE A 1 93  ? 3.171   -12.799 2.815   1.00 34.39 ? 186 PHE A CB  1 
ATOM   711  C CG  . PHE A 1 93  ? 2.321   -12.130 3.861   1.00 32.61 ? 186 PHE A CG  1 
ATOM   712  C CD1 . PHE A 1 93  ? 0.986   -11.953 3.598   1.00 33.20 ? 186 PHE A CD1 1 
ATOM   713  C CD2 . PHE A 1 93  ? 2.829   -11.717 5.083   1.00 29.89 ? 186 PHE A CD2 1 
ATOM   714  C CE1 . PHE A 1 93  ? 0.141   -11.374 4.500   1.00 32.08 ? 186 PHE A CE1 1 
ATOM   715  C CE2 . PHE A 1 93  ? 1.984   -11.128 6.011   1.00 27.63 ? 186 PHE A CE2 1 
ATOM   716  C CZ  . PHE A 1 93  ? 0.640   -10.953 5.732   1.00 30.68 ? 186 PHE A CZ  1 
ATOM   717  N N   . ASN A 1 94  ? 3.289   -15.113 0.467   1.00 43.38 ? 187 ASN A N   1 
ATOM   718  C CA  . ASN A 1 94  ? 4.042   -15.614 -0.687  1.00 49.81 ? 187 ASN A CA  1 
ATOM   719  C C   . ASN A 1 94  ? 3.336   -15.194 -1.978  1.00 41.48 ? 187 ASN A C   1 
ATOM   720  O O   . ASN A 1 94  ? 2.197   -15.565 -2.169  1.00 42.08 ? 187 ASN A O   1 
ATOM   721  C CB  . ASN A 1 94  ? 3.965   -17.140 -0.606  1.00 54.82 ? 187 ASN A CB  1 
ATOM   722  C CG  . ASN A 1 94  ? 4.905   -17.712 0.422   1.00 66.10 ? 187 ASN A CG  1 
ATOM   723  O OD1 . ASN A 1 94  ? 4.489   -18.385 1.385   1.00 69.46 ? 187 ASN A OD1 1 
ATOM   724  N ND2 . ASN A 1 94  ? 6.193   -17.440 0.237   1.00 70.91 ? 187 ASN A ND2 1 
ATOM   725  N N   . PRO A 1 95  ? 4.021   -14.456 -2.876  0.41 45.85 ? 188 PRO A N   1 
ATOM   726  C CA  . PRO A 1 95  ? 3.336   -14.005 -4.087  0.41 46.74 ? 188 PRO A CA  1 
ATOM   727  C C   . PRO A 1 95  ? 3.030   -15.138 -5.061  0.41 51.66 ? 188 PRO A C   1 
ATOM   728  O O   . PRO A 1 95  ? 3.787   -16.114 -5.154  0.41 52.58 ? 188 PRO A O   1 
ATOM   729  C CB  . PRO A 1 95  ? 4.337   -13.028 -4.709  0.41 46.21 ? 188 PRO A CB  1 
ATOM   730  C CG  . PRO A 1 95  ? 5.649   -13.560 -4.277  0.41 47.76 ? 188 PRO A CG  1 
ATOM   731  C CD  . PRO A 1 95  ? 5.442   -14.059 -2.880  0.41 47.68 ? 188 PRO A CD  1 
ATOM   732  N N   . LYS A 1 96  ? 1.914   -15.003 -5.765  0.41 55.81 ? 189 LYS A N   1 
ATOM   733  C CA  . LYS A 1 96  ? 1.560   -15.910 -6.851  0.41 60.17 ? 189 LYS A CA  1 
ATOM   734  C C   . LYS A 1 96  ? 2.407   -15.489 -8.053  0.41 61.05 ? 189 LYS A C   1 
ATOM   735  O O   . LYS A 1 96  ? 3.047   -16.320 -8.709  0.41 60.86 ? 189 LYS A O   1 
ATOM   736  C CB  . LYS A 1 96  ? 0.065   -15.826 -7.180  0.41 65.12 ? 189 LYS A CB  1 
ATOM   737  C CG  . LYS A 1 96  ? -0.890  -16.017 -5.996  0.41 67.85 ? 189 LYS A CG  1 
ATOM   738  C CD  . LYS A 1 96  ? -0.651  -17.309 -5.209  0.41 70.80 ? 189 LYS A CD  1 
ATOM   739  C CE  . LYS A 1 96  ? 0.285   -17.124 -4.021  0.41 70.85 ? 189 LYS A CE  1 
ATOM   740  N NZ  . LYS A 1 96  ? 0.144   -18.195 -3.000  0.41 72.43 ? 189 LYS A NZ  1 
ATOM   741  N N   . THR A 1 97  ? 2.418   -14.179 -8.291  0.41 60.66 ? 190 THR A N   1 
ATOM   742  C CA  . THR A 1 97  ? 3.230   -13.540 -9.324  0.41 56.16 ? 190 THR A CA  1 
ATOM   743  C C   . THR A 1 97  ? 4.687   -13.328 -8.854  0.41 54.84 ? 190 THR A C   1 
ATOM   744  O O   . THR A 1 97  ? 5.126   -12.177 -8.704  0.41 46.08 ? 190 THR A O   1 
ATOM   745  C CB  . THR A 1 97  ? 2.604   -12.166 -9.722  0.41 55.89 ? 190 THR A CB  1 
ATOM   746  O OG1 . THR A 1 97  ? 2.522   -11.317 -8.561  0.41 48.79 ? 190 THR A OG1 1 
ATOM   747  C CG2 . THR A 1 97  ? 1.191   -12.343 -10.323 0.41 54.81 ? 190 THR A CG2 1 
ATOM   748  N N   . ARG A 1 98  ? 5.448   -14.422 -8.663  0.41 51.21 ? 191 ARG A N   1 
ATOM   749  C CA  . ARG A 1 98  ? 6.856   -14.308 -8.196  0.41 48.16 ? 191 ARG A CA  1 
ATOM   750  C C   . ARG A 1 98  ? 7.781   -13.797 -9.315  0.41 46.76 ? 191 ARG A C   1 
ATOM   751  O O   . ARG A 1 98  ? 8.960   -13.528 -9.068  0.41 47.62 ? 191 ARG A O   1 
ATOM   752  C CB  . ARG A 1 98  ? 7.386   -15.626 -7.578  0.41 45.39 ? 191 ARG A CB  1 
ATOM   753  C CG  . ARG A 1 98  ? 8.089   -15.477 -6.214  0.41 48.18 ? 191 ARG A CG  1 
ATOM   754  C CD  . ARG A 1 98  ? 9.612   -15.344 -6.267  0.41 47.73 ? 191 ARG A CD  1 
ATOM   755  N NE  . ARG A 1 98  ? 10.148  -14.409 -5.246  0.41 50.06 ? 191 ARG A NE  1 
ATOM   756  C CZ  . ARG A 1 98  ? 11.390  -14.440 -4.735  0.41 50.87 ? 191 ARG A CZ  1 
ATOM   757  N NH1 . ARG A 1 98  ? 12.283  -15.358 -5.126  0.41 48.01 ? 191 ARG A NH1 1 
ATOM   758  N NH2 . ARG A 1 98  ? 11.753  -13.539 -3.810  0.41 49.22 ? 191 ARG A NH2 1 
ATOM   759  N N   . ARG A 1 99  ? 7.248   -13.658 -10.529 0.41 43.10 ? 192 ARG A N   1 
ATOM   760  C CA  . ARG A 1 99  ? 7.911   -12.895 -11.591 0.41 42.66 ? 192 ARG A CA  1 
ATOM   761  C C   . ARG A 1 99  ? 7.715   -11.378 -11.487 0.41 38.79 ? 192 ARG A C   1 
ATOM   762  O O   . ARG A 1 99  ? 8.385   -10.667 -12.220 0.41 33.41 ? 192 ARG A O   1 
ATOM   763  C CB  . ARG A 1 99  ? 7.449   -13.376 -12.987 0.41 46.26 ? 192 ARG A CB  1 
ATOM   764  C CG  . ARG A 1 99  ? 7.905   -14.787 -13.354 0.41 50.52 ? 192 ARG A CG  1 
ATOM   765  C CD  . ARG A 1 99  ? 7.322   -15.272 -14.686 0.41 53.70 ? 192 ARG A CD  1 
ATOM   766  N NE  . ARG A 1 99  ? 8.341   -15.403 -15.726 0.41 59.11 ? 192 ARG A NE  1 
ATOM   767  C CZ  . ARG A 1 99  ? 9.168   -16.443 -15.881 0.41 63.75 ? 192 ARG A CZ  1 
ATOM   768  N NH1 . ARG A 1 99  ? 9.118   -17.499 -15.064 0.41 68.14 ? 192 ARG A NH1 1 
ATOM   769  N NH2 . ARG A 1 99  ? 10.061  -16.429 -16.868 0.41 61.32 ? 192 ARG A NH2 1 
ATOM   770  N N   . GLU A 1 100 ? 6.805   -10.883 -10.616 0.41 35.42 ? 193 GLU A N   1 
ATOM   771  C CA  . GLU A 1 100 ? 6.608   -9.423  -10.403 0.41 32.66 ? 193 GLU A CA  1 
ATOM   772  C C   . GLU A 1 100 ? 6.932   -8.937  -8.975  0.41 30.04 ? 193 GLU A C   1 
ATOM   773  O O   . GLU A 1 100 ? 7.148   -7.742  -8.803  0.41 32.10 ? 193 GLU A O   1 
ATOM   774  C CB  . GLU A 1 100 ? 5.169   -8.953  -10.778 0.41 36.97 ? 193 GLU A CB  1 
ATOM   775  C CG  . GLU A 1 100 ? 4.742   -9.275  -12.218 0.41 40.54 ? 193 GLU A CG  1 
ATOM   776  C CD  . GLU A 1 100 ? 3.485   -8.548  -12.715 0.41 44.26 ? 193 GLU A CD  1 
ATOM   777  O OE1 . GLU A 1 100 ? 2.980   -7.621  -12.041 0.41 46.75 ? 193 GLU A OE1 1 
ATOM   778  O OE2 . GLU A 1 100 ? 2.990   -8.908  -13.816 0.41 47.49 ? 193 GLU A OE2 1 
ATOM   779  N N   . ILE A 1 101 ? 6.978   -9.828  -7.981  1.00 25.88 ? 194 ILE A N   1 
ATOM   780  C CA  . ILE A 1 101 ? 7.260   -9.423  -6.567  1.00 27.63 ? 194 ILE A CA  1 
ATOM   781  C C   . ILE A 1 101 ? 8.575   -9.997  -6.066  1.00 29.02 ? 194 ILE A C   1 
ATOM   782  O O   . ILE A 1 101 ? 8.742   -11.243 -5.939  1.00 29.13 ? 194 ILE A O   1 
ATOM   783  C CB  . ILE A 1 101 ? 6.160   -9.833  -5.579  1.00 29.17 ? 194 ILE A CB  1 
ATOM   784  C CG1 . ILE A 1 101 ? 4.786   -9.263  -6.023  1.00 29.49 ? 194 ILE A CG1 1 
ATOM   785  C CG2 . ILE A 1 101 ? 6.490   -9.359  -4.164  1.00 28.08 ? 194 ILE A CG2 1 
ATOM   786  C CD1 . ILE A 1 101 ? 4.658   -7.763  -6.045  1.00 27.64 ? 194 ILE A CD1 1 
ATOM   787  N N   . ARG A 1 102 ? 9.467   -9.076  -5.726  1.00 27.29 ? 195 ARG A N   1 
ATOM   788  C CA  . ARG A 1 102 ? 10.782  -9.420  -5.119  1.00 28.24 ? 195 ARG A CA  1 
ATOM   789  C C   . ARG A 1 102 ? 10.733  -9.829  -3.689  1.00 29.76 ? 195 ARG A C   1 
ATOM   790  O O   . ARG A 1 102 ? 11.321  -10.847 -3.265  1.00 31.19 ? 195 ARG A O   1 
ATOM   791  C CB  . ARG A 1 102 ? 11.823  -8.268  -5.335  1.00 27.69 ? 195 ARG A CB  1 
ATOM   792  C CG  . ARG A 1 102 ? 13.278  -8.752  -5.003  1.00 27.73 ? 195 ARG A CG  1 
ATOM   793  C CD  . ARG A 1 102 ? 14.225  -7.634  -4.797  1.00 26.55 ? 195 ARG A CD  1 
ATOM   794  N NE  . ARG A 1 102 ? 14.436  -6.838  -5.960  1.00 27.11 ? 195 ARG A NE  1 
ATOM   795  C CZ  . ARG A 1 102 ? 15.274  -7.185  -6.963  1.00 29.23 ? 195 ARG A CZ  1 
ATOM   796  N NH1 . ARG A 1 102 ? 15.962  -8.334  -6.865  1.00 27.99 ? 195 ARG A NH1 1 
ATOM   797  N NH2 . ARG A 1 102 ? 15.409  -6.412  -8.016  1.00 30.91 ? 195 ARG A NH2 1 
ATOM   798  N N   . ASN A 1 103 ? 9.955   -9.122  -2.875  1.00 26.20 ? 196 ASN A N   1 
ATOM   799  C CA  . ASN A 1 103 ? 9.972   -9.364  -1.457  1.00 28.50 ? 196 ASN A CA  1 
ATOM   800  C C   . ASN A 1 103 ? 8.721   -8.668  -0.865  1.00 28.21 ? 196 ASN A C   1 
ATOM   801  O O   . ASN A 1 103 ? 8.051   -7.868  -1.513  1.00 25.16 ? 196 ASN A O   1 
ATOM   802  C CB  . ASN A 1 103 ? 11.191  -8.657  -0.853  1.00 29.50 ? 196 ASN A CB  1 
ATOM   803  C CG  . ASN A 1 103 ? 11.647  -9.283  0.401   1.00 35.16 ? 196 ASN A CG  1 
ATOM   804  O OD1 . ASN A 1 103 ? 10.943  -10.119 0.982   1.00 36.59 ? 196 ASN A OD1 1 
ATOM   805  N ND2 . ASN A 1 103 ? 12.801  -8.786  0.919   1.00 41.22 ? 196 ASN A ND2 1 
ATOM   806  N N   . ILE A 1 104 ? 8.411   -9.077  0.336   1.00 26.30 ? 197 ILE A N   1 
ATOM   807  C CA  . ILE A 1 104 ? 7.199   -8.695  1.045   1.00 28.69 ? 197 ILE A CA  1 
ATOM   808  C C   . ILE A 1 104 ? 7.657   -8.528  2.474   1.00 30.11 ? 197 ILE A C   1 
ATOM   809  O O   . ILE A 1 104 ? 8.229   -9.460  3.030   1.00 28.87 ? 197 ILE A O   1 
ATOM   810  C CB  . ILE A 1 104 ? 6.131   -9.790  1.043   1.00 26.99 ? 197 ILE A CB  1 
ATOM   811  C CG1 . ILE A 1 104 ? 5.620   -10.132 -0.322  1.00 29.86 ? 197 ILE A CG1 1 
ATOM   812  C CG2 . ILE A 1 104 ? 4.945   -9.356  1.910   1.00 26.57 ? 197 ILE A CG2 1 
ATOM   813  C CD1 . ILE A 1 104 ? 4.774   -11.363 -0.462  1.00 34.08 ? 197 ILE A CD1 1 
ATOM   814  N N   . GLU A 1 105 ? 7.393   -7.386  3.087   1.00 26.65 ? 198 GLU A N   1 
ATOM   815  C CA  . GLU A 1 105 ? 7.911   -7.125  4.452   1.00 29.54 ? 198 GLU A CA  1 
ATOM   816  C C   . GLU A 1 105 ? 6.979   -6.269  5.226   1.00 26.53 ? 198 GLU A C   1 
ATOM   817  O O   . GLU A 1 105 ? 6.308   -5.352  4.670   1.00 24.81 ? 198 GLU A O   1 
ATOM   818  C CB  . GLU A 1 105 ? 9.271   -6.468  4.460   1.00 29.51 ? 198 GLU A CB  1 
ATOM   819  C CG  . GLU A 1 105 ? 10.467  -7.345  4.097   1.00 34.04 ? 198 GLU A CG  1 
ATOM   820  C CD  . GLU A 1 105 ? 11.798  -6.537  3.980   1.00 37.03 ? 198 GLU A CD  1 
ATOM   821  O OE1 . GLU A 1 105 ? 11.960  -5.464  4.600   1.00 36.74 ? 198 GLU A OE1 1 
ATOM   822  O OE2 . GLU A 1 105 ? 12.725  -7.001  3.238   1.00 50.58 ? 198 GLU A OE2 1 
ATOM   823  N N   . TRP A 1 106 ? 7.077   -6.422  6.550   1.00 25.85 ? 199 TRP A N   1 
ATOM   824  C CA  . TRP A 1 106 ? 6.397   -5.479  7.456   1.00 26.55 ? 199 TRP A CA  1 
ATOM   825  C C   . TRP A 1 106 ? 7.295   -4.282  7.721   1.00 29.07 ? 199 TRP A C   1 
ATOM   826  O O   . TRP A 1 106 ? 8.519   -4.459  7.953   1.00 30.03 ? 199 TRP A O   1 
ATOM   827  C CB  . TRP A 1 106 ? 6.099   -6.101  8.811   1.00 28.40 ? 199 TRP A CB  1 
ATOM   828  C CG  . TRP A 1 106 ? 5.090   -7.152  8.803   1.00 26.12 ? 199 TRP A CG  1 
ATOM   829  C CD1 . TRP A 1 106 ? 5.322   -8.539  8.825   1.00 34.15 ? 199 TRP A CD1 1 
ATOM   830  C CD2 . TRP A 1 106 ? 3.646   -6.996  8.787   1.00 26.83 ? 199 TRP A CD2 1 
ATOM   831  N NE1 . TRP A 1 106 ? 4.093   -9.204  8.785   1.00 34.09 ? 199 TRP A NE1 1 
ATOM   832  C CE2 . TRP A 1 106 ? 3.072   -8.297  8.739   1.00 29.06 ? 199 TRP A CE2 1 
ATOM   833  C CE3 . TRP A 1 106 ? 2.796   -5.897  8.645   1.00 25.44 ? 199 TRP A CE3 1 
ATOM   834  C CZ2 . TRP A 1 106 ? 1.678   -8.510  8.739   1.00 30.00 ? 199 TRP A CZ2 1 
ATOM   835  C CZ3 . TRP A 1 106 ? 1.439   -6.070  8.692   1.00 26.62 ? 199 TRP A CZ3 1 
ATOM   836  C CH2 . TRP A 1 106 ? 0.860   -7.401  8.696   1.00 29.02 ? 199 TRP A CH2 1 
ATOM   837  N N   . PHE A 1 107 ? 6.695   -3.092  7.715   1.00 26.24 ? 200 PHE A N   1 
ATOM   838  C CA  . PHE A 1 107 ? 7.399   -1.843  8.078   1.00 26.91 ? 200 PHE A CA  1 
ATOM   839  C C   . PHE A 1 107 ? 6.710   -1.145  9.182   1.00 33.67 ? 200 PHE A C   1 
ATOM   840  O O   . PHE A 1 107 ? 5.486   -1.076  9.205   1.00 28.87 ? 200 PHE A O   1 
ATOM   841  C CB  . PHE A 1 107 ? 7.580   -0.892  6.874   1.00 26.41 ? 200 PHE A CB  1 
ATOM   842  C CG  . PHE A 1 107 ? 8.515   -1.454  5.794   1.00 23.91 ? 200 PHE A CG  1 
ATOM   843  C CD1 . PHE A 1 107 ? 8.075   -2.383  4.826   1.00 28.05 ? 200 PHE A CD1 1 
ATOM   844  C CD2 . PHE A 1 107 ? 9.884   -1.160  5.837   1.00 26.55 ? 200 PHE A CD2 1 
ATOM   845  C CE1 . PHE A 1 107 ? 8.965   -2.908  3.894   1.00 29.76 ? 200 PHE A CE1 1 
ATOM   846  C CE2 . PHE A 1 107 ? 10.756  -1.693  4.883   1.00 28.19 ? 200 PHE A CE2 1 
ATOM   847  C CZ  . PHE A 1 107 ? 10.292  -2.576  3.924   1.00 26.82 ? 200 PHE A CZ  1 
ATOM   848  N N   . SER A 1 108 ? 7.513   -0.547  10.087  1.00 28.00 ? 201 SER A N   1 
ATOM   849  C CA  . SER A 1 108 ? 6.984   0.280   11.153  1.00 30.15 ? 201 SER A CA  1 
ATOM   850  C C   . SER A 1 108 ? 6.379   1.502   10.563  1.00 28.34 ? 201 SER A C   1 
ATOM   851  O O   . SER A 1 108 ? 7.069   2.277   9.877   1.00 28.74 ? 201 SER A O   1 
ATOM   852  C CB  . SER A 1 108 ? 8.084   0.707   12.203  1.00 29.26 ? 201 SER A CB  1 
ATOM   853  O OG  . SER A 1 108 ? 7.560   1.835   12.879  1.00 33.71 ? 201 SER A OG  1 
ATOM   854  N N   . ILE A 1 109 ? 5.129   1.785   10.889  1.00 26.93 ? 202 ILE A N   1 
ATOM   855  C CA  . ILE A 1 109 ? 4.462   2.952   10.340  1.00 27.28 ? 202 ILE A CA  1 
ATOM   856  C C   . ILE A 1 109 ? 5.097   4.246   10.810  1.00 33.76 ? 202 ILE A C   1 
ATOM   857  O O   . ILE A 1 109 ? 5.221   5.237   10.085  1.00 31.29 ? 202 ILE A O   1 
ATOM   858  C CB  . ILE A 1 109 ? 2.983   3.019   10.702  1.00 34.67 ? 202 ILE A CB  1 
ATOM   859  C CG1 . ILE A 1 109 ? 2.182   1.956   10.020  1.00 41.49 ? 202 ILE A CG1 1 
ATOM   860  C CG2 . ILE A 1 109 ? 2.395   4.327   10.187  1.00 37.75 ? 202 ILE A CG2 1 
ATOM   861  C CD1 . ILE A 1 109 ? 0.793   1.798   10.658  1.00 44.36 ? 202 ILE A CD1 1 
ATOM   862  N N   . GLU A 1 110 ? 5.600   4.253   12.047  1.00 30.47 ? 203 GLU A N   1 
ATOM   863  C CA  . GLU A 1 110 ? 6.084   5.500   12.544  1.00 33.80 ? 203 GLU A CA  1 
ATOM   864  C C   . GLU A 1 110 ? 7.442   5.846   11.938  1.00 31.33 ? 203 GLU A C   1 
ATOM   865  O O   . GLU A 1 110 ? 7.838   7.002   11.953  1.00 34.18 ? 203 GLU A O   1 
ATOM   866  C CB  . GLU A 1 110 ? 6.069   5.460   14.105  1.00 36.70 ? 203 GLU A CB  1 
ATOM   867  C CG  . GLU A 1 110 ? 7.116   4.635   14.777  1.00 43.89 ? 203 GLU A CG  1 
ATOM   868  C CD  . GLU A 1 110 ? 6.994   4.775   16.338  1.00 47.55 ? 203 GLU A CD  1 
ATOM   869  O OE1 . GLU A 1 110 ? 5.903   5.142   16.847  1.00 65.09 ? 203 GLU A OE1 1 
ATOM   870  O OE2 . GLU A 1 110 ? 7.997   4.615   17.024  1.00 57.20 ? 203 GLU A OE2 1 
ATOM   871  N N   . LYS A 1 111 ? 8.133   4.830   11.385  1.00 27.53 ? 204 LYS A N   1 
ATOM   872  C CA  . LYS A 1 111 ? 9.490   5.024   10.772  1.00 29.35 ? 204 LYS A CA  1 
ATOM   873  C C   . LYS A 1 111 ? 9.432   5.357   9.264   1.00 28.09 ? 204 LYS A C   1 
ATOM   874  O O   . LYS A 1 111 ? 10.417  5.782   8.695   1.00 28.57 ? 204 LYS A O   1 
ATOM   875  C CB  . LYS A 1 111 ? 10.322  3.819   10.946  1.00 34.36 ? 204 LYS A CB  1 
ATOM   876  C CG  . LYS A 1 111 ? 10.727  3.643   12.427  1.00 42.18 ? 204 LYS A CG  1 
ATOM   877  C CD  . LYS A 1 111 ? 11.751  2.543   12.578  1.00 45.94 ? 204 LYS A CD  1 
ATOM   878  C CE  . LYS A 1 111 ? 12.223  2.569   14.041  1.00 58.60 ? 204 LYS A CE  1 
ATOM   879  N NZ  . LYS A 1 111 ? 12.953  1.319   14.323  1.00 70.55 ? 204 LYS A NZ  1 
ATOM   880  N N   . LEU A 1 112 ? 8.267   5.106   8.651   1.00 27.44 ? 205 LEU A N   1 
ATOM   881  C CA  . LEU A 1 112 ? 8.112   5.338   7.215   1.00 27.39 ? 205 LEU A CA  1 
ATOM   882  C C   . LEU A 1 112 ? 8.050   6.815   7.012   1.00 29.07 ? 205 LEU A C   1 
ATOM   883  O O   . LEU A 1 112 ? 7.450   7.557   7.788   1.00 30.98 ? 205 LEU A O   1 
ATOM   884  C CB  . LEU A 1 112 ? 6.842   4.695   6.675   1.00 25.45 ? 205 LEU A CB  1 
ATOM   885  C CG  . LEU A 1 112 ? 6.900   3.150   6.557   1.00 25.63 ? 205 LEU A CG  1 
ATOM   886  C CD1 . LEU A 1 112 ? 5.493   2.589   6.237   1.00 27.06 ? 205 LEU A CD1 1 
ATOM   887  C CD2 . LEU A 1 112 ? 7.905   2.763   5.467   1.00 29.83 ? 205 LEU A CD2 1 
ATOM   888  N N   . PRO A 1 113 ? 8.620   7.266   5.904   1.00 30.53 ? 206 PRO A N   1 
ATOM   889  C CA  . PRO A 1 113 ? 8.470   8.677   5.562   1.00 34.18 ? 206 PRO A CA  1 
ATOM   890  C C   . PRO A 1 113 ? 7.057   9.032   5.133   1.00 36.32 ? 206 PRO A C   1 
ATOM   891  O O   . PRO A 1 113 ? 6.369   8.181   4.499   1.00 31.92 ? 206 PRO A O   1 
ATOM   892  C CB  . PRO A 1 113 ? 9.456   8.832   4.369   1.00 30.83 ? 206 PRO A CB  1 
ATOM   893  C CG  . PRO A 1 113 ? 9.478   7.483   3.749   1.00 33.02 ? 206 PRO A CG  1 
ATOM   894  C CD  . PRO A 1 113 ? 9.295   6.476   4.861   1.00 31.29 ? 206 PRO A CD  1 
ATOM   895  N N   . CYS A 1 114 ? 6.634   10.267  5.383   1.00 33.84 ? 207 CYS A N   1 
ATOM   896  C CA  . CYS A 1 114 ? 5.391   10.724  4.752   1.00 37.45 ? 207 CYS A CA  1 
ATOM   897  C C   . CYS A 1 114 ? 5.646   11.832  3.697   1.00 37.75 ? 207 CYS A C   1 
ATOM   898  O O   . CYS A 1 114 ? 4.695   12.397  3.184   1.00 40.93 ? 207 CYS A O   1 
ATOM   899  C CB  . CYS A 1 114 ? 4.391   11.186  5.770   1.00 42.20 ? 207 CYS A CB  1 
ATOM   900  S SG  . CYS A 1 114 ? 4.982   12.583  6.753   1.00 51.57 ? 207 CYS A SG  1 
ATOM   901  N N   . HIS A 1 115 ? 6.914   12.035  3.329   1.00 37.86 ? 208 HIS A N   1 
ATOM   902  C CA  . HIS A 1 115 ? 7.277   12.942  2.177   1.00 40.07 ? 208 HIS A CA  1 
ATOM   903  C C   . HIS A 1 115 ? 8.670   12.548  1.774   1.00 41.47 ? 208 HIS A C   1 
ATOM   904  O O   . HIS A 1 115 ? 9.372   11.903  2.558   1.00 37.38 ? 208 HIS A O   1 
ATOM   905  C CB  . HIS A 1 115 ? 7.169   14.418  2.647   1.00 43.99 ? 208 HIS A CB  1 
ATOM   906  C CG  . HIS A 1 115 ? 8.089   14.741  3.794   1.00 40.95 ? 208 HIS A CG  1 
ATOM   907  N ND1 . HIS A 1 115 ? 9.449   14.906  3.623   1.00 48.18 ? 208 HIS A ND1 1 
ATOM   908  C CD2 . HIS A 1 115 ? 7.871   14.820  5.133   1.00 46.33 ? 208 HIS A CD2 1 
ATOM   909  C CE1 . HIS A 1 115 ? 10.027  15.116  4.799   1.00 42.14 ? 208 HIS A CE1 1 
ATOM   910  N NE2 . HIS A 1 115 ? 9.089   15.073  5.728   1.00 45.95 ? 208 HIS A NE2 1 
ATOM   911  N N   A ARG A 1 116 ? 9.114   12.852  0.548   0.24 38.44 ? 209 ARG A N   1 
ATOM   912  N N   B ARG A 1 116 ? 9.086   12.942  0.577   0.17 41.29 ? 209 ARG A N   1 
ATOM   913  C CA  A ARG A 1 116 ? 10.549  12.674  0.225   0.24 38.96 ? 209 ARG A CA  1 
ATOM   914  C CA  B ARG A 1 116 ? 10.486  12.807  0.231   0.17 42.81 ? 209 ARG A CA  1 
ATOM   915  C C   A ARG A 1 116 ? 11.273  13.961  0.632   0.24 39.65 ? 209 ARG A C   1 
ATOM   916  C C   B ARG A 1 116 ? 11.264  14.013  0.725   0.17 42.71 ? 209 ARG A C   1 
ATOM   917  O O   A ARG A 1 116 ? 10.646  14.972  0.828   0.24 40.43 ? 209 ARG A O   1 
ATOM   918  O O   B ARG A 1 116 ? 10.675  15.020  1.078   0.17 43.45 ? 209 ARG A O   1 
ATOM   919  C CB  A ARG A 1 116 ? 10.777  12.355  -1.250  0.24 38.86 ? 209 ARG A CB  1 
ATOM   920  C CB  B ARG A 1 116 ? 10.661  12.636  -1.264  0.17 44.18 ? 209 ARG A CB  1 
ATOM   921  C CG  A ARG A 1 116 ? 9.987   11.168  -1.783  0.24 35.84 ? 209 ARG A CG  1 
ATOM   922  C CG  B ARG A 1 116 ? 12.087  12.327  -1.658  0.17 42.73 ? 209 ARG A CG  1 
ATOM   923  C CD  A ARG A 1 116 ? 9.635   11.362  -3.232  0.24 38.96 ? 209 ARG A CD  1 
ATOM   924  C CD  B ARG A 1 116 ? 12.564  11.052  -0.994  0.17 42.26 ? 209 ARG A CD  1 
ATOM   925  N NE  A ARG A 1 116 ? 10.735  11.077  -4.128  0.24 39.71 ? 209 ARG A NE  1 
ATOM   926  N NE  B ARG A 1 116 ? 13.961  10.936  -0.542  0.17 40.15 ? 209 ARG A NE  1 
ATOM   927  C CZ  A ARG A 1 116 ? 10.835  11.489  -5.396  0.24 37.41 ? 209 ARG A CZ  1 
ATOM   928  C CZ  B ARG A 1 116 ? 14.394  10.769  0.721   0.17 44.39 ? 209 ARG A CZ  1 
ATOM   929  N NH1 A ARG A 1 116 ? 9.917   12.272  -5.988  0.24 37.03 ? 209 ARG A NH1 1 
ATOM   930  N NH1 B ARG A 1 116 ? 15.705  10.618  0.947   0.17 45.53 ? 209 ARG A NH1 1 
ATOM   931  N NH2 A ARG A 1 116 ? 11.896  11.134  -6.082  0.24 38.18 ? 209 ARG A NH2 1 
ATOM   932  N NH2 B ARG A 1 116 ? 13.565  10.765  1.769   0.17 43.48 ? 209 ARG A NH2 1 
ATOM   933  N N   . ASN A 1 117 ? 12.587  13.887  0.805   1.00 49.34 ? 210 ASN A N   1 
ATOM   934  C CA  . ASN A 1 117 ? 13.436  15.021  1.201   1.00 45.08 ? 210 ASN A CA  1 
ATOM   935  C C   . ASN A 1 117 ? 13.785  15.787  -0.036  1.00 49.62 ? 210 ASN A C   1 
ATOM   936  O O   . ASN A 1 117 ? 13.962  15.199  -1.131  1.00 42.24 ? 210 ASN A O   1 
ATOM   937  C CB  . ASN A 1 117 ? 14.697  14.497  1.825   1.00 53.16 ? 210 ASN A CB  1 
ATOM   938  C CG  . ASN A 1 117 ? 14.410  13.691  3.066   1.00 55.48 ? 210 ASN A CG  1 
ATOM   939  O OD1 . ASN A 1 117 ? 13.415  13.954  3.758   1.00 49.06 ? 210 ASN A OD1 1 
ATOM   940  N ND2 . ASN A 1 117 ? 15.256  12.698  3.334   1.00 60.17 ? 210 ASN A ND2 1 
ATOM   941  N N   . ASP A 1 118 ? 13.894  17.103  0.123   1.00 53.02 ? 211 ASP A N   1 
ATOM   942  C CA  . ASP A 1 118 ? 14.301  17.934  -1.014  1.00 54.64 ? 211 ASP A CA  1 
ATOM   943  C C   . ASP A 1 118 ? 15.830  17.774  -1.172  1.00 55.49 ? 211 ASP A C   1 
ATOM   944  O O   . ASP A 1 118 ? 16.403  16.773  -0.644  1.00 46.70 ? 211 ASP A O   1 
ATOM   945  C CB  . ASP A 1 118 ? 13.714  19.372  -0.924  1.00 53.92 ? 211 ASP A CB  1 
ATOM   946  C CG  . ASP A 1 118 ? 14.212  20.171  0.242   1.00 59.16 ? 211 ASP A CG  1 
ATOM   947  O OD1 . ASP A 1 118 ? 15.175  19.758  0.951   1.00 53.43 ? 211 ASP A OD1 1 
ATOM   948  O OD2 . ASP A 1 118 ? 13.614  21.270  0.419   1.00 63.29 ? 211 ASP A OD2 1 
ATOM   949  N N   . MET A 1 119 ? 16.468  18.666  -1.956  1.00 53.17 ? 212 MET A N   1 
ATOM   950  C CA  . MET A 1 119 ? 17.944  18.712  -2.092  1.00 61.33 ? 212 MET A CA  1 
ATOM   951  C C   . MET A 1 119 ? 18.481  20.161  -1.871  1.00 71.48 ? 212 MET A C   1 
ATOM   952  O O   . MET A 1 119 ? 19.443  20.612  -2.537  1.00 72.36 ? 212 MET A O   1 
ATOM   953  C CB  . MET A 1 119 ? 18.307  18.129  -3.450  1.00 59.25 ? 212 MET A CB  1 
ATOM   954  C CG  . MET A 1 119 ? 18.061  16.616  -3.470  1.00 61.26 ? 212 MET A CG  1 
ATOM   955  S SD  . MET A 1 119 ? 18.015  15.827  -5.072  1.00 57.54 ? 212 MET A SD  1 
ATOM   956  C CE  . MET A 1 119 ? 16.834  16.873  -5.916  1.00 67.97 ? 212 MET A CE  1 
ATOM   957  N N   . THR A 1 120 ? 17.855  20.866  -0.915  1.00 72.76 ? 213 THR A N   1 
ATOM   958  C CA  . THR A 1 120 ? 18.276  22.204  -0.462  1.00 83.07 ? 213 THR A CA  1 
ATOM   959  C C   . THR A 1 120 ? 19.741  22.321  -0.008  1.00 86.50 ? 213 THR A C   1 
ATOM   960  O O   . THR A 1 120 ? 20.338  23.372  -0.242  1.00 91.45 ? 213 THR A O   1 
ATOM   961  C CB  . THR A 1 120 ? 17.368  22.769  0.663   1.00 85.44 ? 213 THR A CB  1 
ATOM   962  O OG1 . THR A 1 120 ? 17.271  21.822  1.741   1.00 97.54 ? 213 THR A OG1 1 
ATOM   963  C CG2 . THR A 1 120 ? 15.970  23.098  0.150   1.00 77.98 ? 213 THR A CG2 1 
ATOM   964  N N   . PRO A 1 121 ? 20.320  21.267  0.630   1.00 92.62 ? 214 PRO A N   1 
ATOM   965  C CA  . PRO A 1 121 ? 21.775  21.311  0.839   1.00 88.67 ? 214 PRO A CA  1 
ATOM   966  C C   . PRO A 1 121 ? 22.598  21.493  -0.460  1.00 88.23 ? 214 PRO A C   1 
ATOM   967  O O   . PRO A 1 121 ? 23.627  22.188  -0.438  1.00 75.21 ? 214 PRO A O   1 
ATOM   968  C CB  . PRO A 1 121 ? 22.082  19.954  1.520   1.00 92.94 ? 214 PRO A CB  1 
ATOM   969  C CG  . PRO A 1 121 ? 20.859  19.114  1.347   1.00 93.56 ? 214 PRO A CG  1 
ATOM   970  C CD  . PRO A 1 121 ? 19.735  20.108  1.345   1.00 98.71 ? 214 PRO A CD  1 
ATOM   971  N N   . LYS A 1 122 ? 22.136  20.908  -1.572  1.00 79.02 ? 215 LYS A N   1 
ATOM   972  C CA  . LYS A 1 122 ? 22.812  21.026  -2.873  1.00 75.76 ? 215 LYS A CA  1 
ATOM   973  C C   . LYS A 1 122 ? 22.283  22.191  -3.791  1.00 72.19 ? 215 LYS A C   1 
ATOM   974  O O   . LYS A 1 122 ? 22.658  22.260  -4.976  1.00 83.52 ? 215 LYS A O   1 
ATOM   975  C CB  . LYS A 1 122 ? 22.722  19.675  -3.591  1.00 71.80 ? 215 LYS A CB  1 
ATOM   976  C CG  . LYS A 1 122 ? 23.768  19.466  -4.662  1.00 79.48 ? 215 LYS A CG  1 
ATOM   977  N N   . SER A 1 123 ? 21.447  23.098  -3.251  1.00 60.42 ? 216 SER A N   1 
ATOM   978  C CA  . SER A 1 123 ? 20.747  24.156  -4.043  1.00 53.42 ? 216 SER A CA  1 
ATOM   979  C C   . SER A 1 123 ? 20.194  23.656  -5.393  1.00 47.22 ? 216 SER A C   1 
ATOM   980  O O   . SER A 1 123 ? 20.307  24.294  -6.416  1.00 46.14 ? 216 SER A O   1 
ATOM   981  C CB  . SER A 1 123 ? 21.703  25.326  -4.247  1.00 55.84 ? 216 SER A CB  1 
ATOM   982  O OG  . SER A 1 123 ? 22.021  25.913  -3.001  1.00 56.96 ? 216 SER A OG  1 
ATOM   983  N N   . LYS A 1 124 ? 19.622  22.452  -5.381  1.00 36.78 ? 217 LYS A N   1 
ATOM   984  C CA  . LYS A 1 124 ? 19.144  21.840  -6.546  1.00 36.04 ? 217 LYS A CA  1 
ATOM   985  C C   . LYS A 1 124 ? 17.615  21.607  -6.330  1.00 35.09 ? 217 LYS A C   1 
ATOM   986  O O   . LYS A 1 124 ? 17.210  21.259  -5.198  1.00 36.86 ? 217 LYS A O   1 
ATOM   987  C CB  . LYS A 1 124 ? 19.896  20.512  -6.681  1.00 40.00 ? 217 LYS A CB  1 
ATOM   988  C CG  . LYS A 1 124 ? 19.435  19.677  -7.837  1.00 42.77 ? 217 LYS A CG  1 
ATOM   989  C CD  . LYS A 1 124 ? 20.518  18.653  -8.231  1.00 50.18 ? 217 LYS A CD  1 
ATOM   990  N N   . LEU A 1 125 ? 16.828  21.784  -7.399  1.00 31.62 ? 218 LEU A N   1 
ATOM   991  C CA  . LEU A 1 125 ? 15.375  21.531  -7.329  1.00 33.00 ? 218 LEU A CA  1 
ATOM   992  C C   . LEU A 1 125 ? 15.072  20.052  -7.392  1.00 33.08 ? 218 LEU A C   1 
ATOM   993  O O   . LEU A 1 125 ? 15.740  19.291  -8.042  1.00 35.91 ? 218 LEU A O   1 
ATOM   994  C CB  . LEU A 1 125 ? 14.628  22.190  -8.465  1.00 29.81 ? 218 LEU A CB  1 
ATOM   995  C CG  . LEU A 1 125 ? 14.863  23.722  -8.435  1.00 31.25 ? 218 LEU A CG  1 
ATOM   996  C CD1 . LEU A 1 125 ? 13.876  24.412  -9.281  1.00 40.32 ? 218 LEU A CD1 1 
ATOM   997  C CD2 . LEU A 1 125 ? 14.860  24.377  -7.054  1.00 34.92 ? 218 LEU A CD2 1 
ATOM   998  N N   . GLY A 1 126 ? 13.971  19.723  -6.771  1.00 32.61 ? 219 GLY A N   1 
ATOM   999  C CA  . GLY A 1 126 ? 13.379  18.402  -6.896  1.00 33.04 ? 219 GLY A CA  1 
ATOM   1000 C C   . GLY A 1 126 ? 13.488  17.647  -5.573  1.00 28.27 ? 219 GLY A C   1 
ATOM   1001 O O   . GLY A 1 126 ? 13.694  18.198  -4.492  1.00 32.10 ? 219 GLY A O   1 
ATOM   1002 N N   . LEU A 1 127 ? 13.341  16.335  -5.693  1.00 35.41 ? 220 LEU A N   1 
ATOM   1003 C CA  . LEU A 1 127 ? 13.328  15.432  -4.524  1.00 34.28 ? 220 LEU A CA  1 
ATOM   1004 C C   . LEU A 1 127 ? 14.367  14.333  -4.692  1.00 30.21 ? 220 LEU A C   1 
ATOM   1005 O O   . LEU A 1 127 ? 14.555  13.843  -5.808  1.00 32.56 ? 220 LEU A O   1 
ATOM   1006 C CB  . LEU A 1 127 ? 11.922  14.784  -4.428  1.00 36.28 ? 220 LEU A CB  1 
ATOM   1007 C CG  . LEU A 1 127 ? 10.777  15.750  -4.064  1.00 39.16 ? 220 LEU A CG  1 
ATOM   1008 C CD1 . LEU A 1 127 ? 9.479   15.022  -4.253  1.00 46.40 ? 220 LEU A CD1 1 
ATOM   1009 C CD2 . LEU A 1 127 ? 10.899  16.305  -2.641  1.00 41.64 ? 220 LEU A CD2 1 
ATOM   1010 N N   . ALA A 1 128 ? 14.955  13.918  -3.583  1.00 34.36 ? 221 ALA A N   1 
ATOM   1011 C CA  . ALA A 1 128 ? 15.915  12.821  -3.547  1.00 36.20 ? 221 ALA A CA  1 
ATOM   1012 C C   . ALA A 1 128 ? 15.119  11.514  -3.756  1.00 39.18 ? 221 ALA A C   1 
ATOM   1013 O O   . ALA A 1 128 ? 13.943  11.440  -3.385  1.00 34.87 ? 221 ALA A O   1 
ATOM   1014 C CB  . ALA A 1 128 ? 16.670  12.797  -2.220  1.00 40.67 ? 221 ALA A CB  1 
ATOM   1015 N N   . PRO A 1 129 ? 15.732  10.512  -4.366  1.00 41.56 ? 222 PRO A N   1 
ATOM   1016 C CA  . PRO A 1 129 ? 15.076  9.224   -4.504  1.00 39.02 ? 222 PRO A CA  1 
ATOM   1017 C C   . PRO A 1 129 ? 14.739  8.668   -3.148  1.00 36.44 ? 222 PRO A C   1 
ATOM   1018 O O   . PRO A 1 129 ? 15.431  8.978   -2.176  1.00 32.39 ? 222 PRO A O   1 
ATOM   1019 C CB  . PRO A 1 129 ? 16.134  8.361   -5.204  1.00 47.20 ? 222 PRO A CB  1 
ATOM   1020 C CG  . PRO A 1 129 ? 17.018  9.348   -5.946  1.00 52.56 ? 222 PRO A CG  1 
ATOM   1021 C CD  . PRO A 1 129 ? 17.080  10.522  -5.001  1.00 44.64 ? 222 PRO A CD  1 
ATOM   1022 N N   . ASN A 1 130 ? 13.667  7.862   -3.085  1.00 33.35 ? 223 ASN A N   1 
ATOM   1023 C CA  . ASN A 1 130 ? 13.290  7.226   -1.813  1.00 31.99 ? 223 ASN A CA  1 
ATOM   1024 C C   . ASN A 1 130 ? 12.607  5.968   -2.194  1.00 30.71 ? 223 ASN A C   1 
ATOM   1025 O O   . ASN A 1 130 ? 11.778  5.954   -3.071  1.00 29.72 ? 223 ASN A O   1 
ATOM   1026 C CB  . ASN A 1 130 ? 12.366  8.116   -1.019  1.00 37.60 ? 223 ASN A CB  1 
ATOM   1027 C CG  . ASN A 1 130 ? 12.077  7.602   0.355   1.00 37.30 ? 223 ASN A CG  1 
ATOM   1028 O OD1 . ASN A 1 130 ? 11.381  6.649   0.484   1.00 33.22 ? 223 ASN A OD1 1 
ATOM   1029 N ND2 . ASN A 1 130 ? 12.659  8.205   1.382   1.00 38.07 ? 223 ASN A ND2 1 
ATOM   1030 N N   . LYS A 1 131 ? 13.045  4.885   -1.603  1.00 28.42 ? 224 LYS A N   1 
ATOM   1031 C CA  . LYS A 1 131 ? 12.517  3.593   -1.968  1.00 26.28 ? 224 LYS A CA  1 
ATOM   1032 C C   . LYS A 1 131 ? 11.061  3.403   -1.572  1.00 27.15 ? 224 LYS A C   1 
ATOM   1033 O O   . LYS A 1 131 ? 10.469  2.421   -2.038  1.00 28.09 ? 224 LYS A O   1 
ATOM   1034 C CB  . LYS A 1 131 ? 13.352  2.440   -1.402  1.00 28.24 ? 224 LYS A CB  1 
ATOM   1035 C CG  . LYS A 1 131 ? 13.424  2.351   0.083   1.00 31.70 ? 224 LYS A CG  1 
ATOM   1036 C CD  . LYS A 1 131 ? 14.340  1.200   0.436   1.00 33.20 ? 224 LYS A CD  1 
ATOM   1037 C CE  . LYS A 1 131 ? 14.312  0.879   1.917   1.00 35.83 ? 224 LYS A CE  1 
ATOM   1038 N NZ  . LYS A 1 131 ? 15.246  -0.303  2.190   1.00 36.76 ? 224 LYS A NZ  1 
ATOM   1039 N N   . PHE A 1 132 ? 10.498  4.301   -0.764  1.00 26.50 ? 225 PHE A N   1 
ATOM   1040 C CA  . PHE A 1 132 ? 9.096   4.175   -0.372  1.00 25.62 ? 225 PHE A CA  1 
ATOM   1041 C C   . PHE A 1 132 ? 8.173   5.138   -1.152  1.00 25.47 ? 225 PHE A C   1 
ATOM   1042 O O   . PHE A 1 132 ? 7.052   5.350   -0.732  1.00 28.21 ? 225 PHE A O   1 
ATOM   1043 C CB  . PHE A 1 132 ? 9.016   4.473   1.091   1.00 23.27 ? 225 PHE A CB  1 
ATOM   1044 C CG  . PHE A 1 132 ? 9.757   3.480   1.937   1.00 26.17 ? 225 PHE A CG  1 
ATOM   1045 C CD1 . PHE A 1 132 ? 9.246   2.221   2.132   1.00 24.08 ? 225 PHE A CD1 1 
ATOM   1046 C CD2 . PHE A 1 132 ? 10.883  3.876   2.654   1.00 29.79 ? 225 PHE A CD2 1 
ATOM   1047 C CE1 . PHE A 1 132 ? 9.936   1.301   2.887   1.00 26.86 ? 225 PHE A CE1 1 
ATOM   1048 C CE2 . PHE A 1 132 ? 11.555  2.986   3.441   1.00 28.03 ? 225 PHE A CE2 1 
ATOM   1049 C CZ  . PHE A 1 132 ? 11.071  1.713   3.583   1.00 27.40 ? 225 PHE A CZ  1 
ATOM   1050 N N   . PHE A 1 133 ? 8.675   5.674   -2.273  0.41 27.85 ? 226 PHE A N   1 
ATOM   1051 C CA  . PHE A 1 133 ? 8.020   6.720   -3.077  0.41 30.16 ? 226 PHE A CA  1 
ATOM   1052 C C   . PHE A 1 133 ? 6.527   6.483   -3.256  0.41 29.57 ? 226 PHE A C   1 
ATOM   1053 O O   . PHE A 1 133 ? 5.726   7.394   -3.059  0.41 28.62 ? 226 PHE A O   1 
ATOM   1054 C CB  . PHE A 1 133 ? 8.710   6.804   -4.459  0.41 32.46 ? 226 PHE A CB  1 
ATOM   1055 C CG  . PHE A 1 133 ? 8.125   7.837   -5.397  0.41 33.61 ? 226 PHE A CG  1 
ATOM   1056 C CD1 . PHE A 1 133 ? 7.988   9.156   -4.996  0.41 36.27 ? 226 PHE A CD1 1 
ATOM   1057 C CD2 . PHE A 1 133 ? 7.761   7.499   -6.693  0.41 34.70 ? 226 PHE A CD2 1 
ATOM   1058 C CE1 . PHE A 1 133 ? 7.457   10.132  -5.854  0.41 36.82 ? 226 PHE A CE1 1 
ATOM   1059 C CE2 . PHE A 1 133 ? 7.235   8.464   -7.567  0.41 35.44 ? 226 PHE A CE2 1 
ATOM   1060 C CZ  . PHE A 1 133 ? 7.081   9.779   -7.141  0.41 36.14 ? 226 PHE A CZ  1 
ATOM   1061 N N   . MET A 1 134 ? 6.169   5.251   -3.612  0.41 27.98 ? 227 MET A N   1 
ATOM   1062 C CA  . MET A 1 134 ? 4.768   4.892   -3.898  0.41 29.74 ? 227 MET A CA  1 
ATOM   1063 C C   . MET A 1 134 ? 3.894   4.717   -2.673  0.41 28.32 ? 227 MET A C   1 
ATOM   1064 O O   . MET A 1 134 ? 2.685   4.985   -2.720  0.41 28.32 ? 227 MET A O   1 
ATOM   1065 C CB  . MET A 1 134 ? 4.730   3.625   -4.724  0.41 30.56 ? 227 MET A CB  1 
ATOM   1066 C CG  . MET A 1 134 ? 5.289   3.825   -6.109  0.41 34.25 ? 227 MET A CG  1 
ATOM   1067 S SD  . MET A 1 134 ? 4.092   4.657   -7.144  0.41 34.98 ? 227 MET A SD  1 
ATOM   1068 C CE  . MET A 1 134 ? 4.820   6.272   -7.344  0.41 36.35 ? 227 MET A CE  1 
ATOM   1069 N N   . ALA A 1 135 ? 4.486   4.273   -1.569  1.00 27.78 ? 228 ALA A N   1 
ATOM   1070 C CA  . ALA A 1 135 ? 3.780   4.258   -0.313  1.00 25.84 ? 228 ALA A CA  1 
ATOM   1071 C C   . ALA A 1 135 ? 3.535   5.620   0.298   1.00 25.72 ? 228 ALA A C   1 
ATOM   1072 O O   . ALA A 1 135 ? 2.526   5.858   0.956   1.00 25.61 ? 228 ALA A O   1 
ATOM   1073 C CB  . ALA A 1 135 ? 4.480   3.373   0.698   1.00 23.83 ? 228 ALA A CB  1 
ATOM   1074 N N   . ILE A 1 136 ? 4.519   6.542   0.116   1.00 25.33 ? 229 ILE A N   1 
ATOM   1075 C CA  . ILE A 1 136 ? 4.524   7.803   0.791   1.00 25.53 ? 229 ILE A CA  1 
ATOM   1076 C C   . ILE A 1 136 ? 3.217   8.619   0.812   1.00 25.23 ? 229 ILE A C   1 
ATOM   1077 O O   . ILE A 1 136 ? 2.780   9.079   1.862   1.00 26.71 ? 229 ILE A O   1 
ATOM   1078 C CB  . ILE A 1 136 ? 5.701   8.632   0.264   1.00 25.20 ? 229 ILE A CB  1 
ATOM   1079 C CG1 . ILE A 1 136 ? 6.954   8.138   1.036   1.00 29.45 ? 229 ILE A CG1 1 
ATOM   1080 C CG2 . ILE A 1 136 ? 5.499   10.139  0.445   1.00 30.54 ? 229 ILE A CG2 1 
ATOM   1081 C CD1 . ILE A 1 136 ? 8.275   8.608   0.407   1.00 30.57 ? 229 ILE A CD1 1 
ATOM   1082 N N   . PRO A 1 137 ? 2.533   8.702   -0.330  1.00 30.30 ? 230 PRO A N   1 
ATOM   1083 C CA  . PRO A 1 137 ? 1.307   9.567   -0.379  1.00 29.90 ? 230 PRO A CA  1 
ATOM   1084 C C   . PRO A 1 137 ? 0.216   9.075   0.545   1.00 27.18 ? 230 PRO A C   1 
ATOM   1085 O O   . PRO A 1 137 ? -0.633  9.853   0.951   1.00 29.58 ? 230 PRO A O   1 
ATOM   1086 C CB  . PRO A 1 137 ? 0.851   9.419   -1.844  1.00 32.40 ? 230 PRO A CB  1 
ATOM   1087 C CG  . PRO A 1 137 ? 2.069   9.049   -2.604  1.00 36.02 ? 230 PRO A CG  1 
ATOM   1088 C CD  . PRO A 1 137 ? 2.912   8.212   -1.642  1.00 30.35 ? 230 PRO A CD  1 
ATOM   1089 N N   . PHE A 1 138 ? 0.224   7.758   0.917   1.00 25.69 ? 231 PHE A N   1 
ATOM   1090 C CA  . PHE A 1 138 ? -0.771  7.178   1.783   1.00 25.22 ? 231 PHE A CA  1 
ATOM   1091 C C   . PHE A 1 138 ? -0.470  7.301   3.245   1.00 26.36 ? 231 PHE A C   1 
ATOM   1092 O O   . PHE A 1 138 ? -1.337  7.053   4.043   1.00 26.90 ? 231 PHE A O   1 
ATOM   1093 C CB  . PHE A 1 138 ? -1.001  5.670   1.441   1.00 24.61 ? 231 PHE A CB  1 
ATOM   1094 C CG  . PHE A 1 138 ? -1.545  5.485   0.066   1.00 26.05 ? 231 PHE A CG  1 
ATOM   1095 C CD1 . PHE A 1 138 ? -2.954  5.552   -0.117  1.00 31.41 ? 231 PHE A CD1 1 
ATOM   1096 C CD2 . PHE A 1 138 ? -0.720  5.311   -1.032  1.00 28.67 ? 231 PHE A CD2 1 
ATOM   1097 C CE1 . PHE A 1 138 ? -3.456  5.428   -1.365  1.00 31.92 ? 231 PHE A CE1 1 
ATOM   1098 C CE2 . PHE A 1 138 ? -1.281  5.123   -2.283  1.00 32.73 ? 231 PHE A CE2 1 
ATOM   1099 C CZ  . PHE A 1 138 ? -2.647  5.208   -2.415  1.00 29.16 ? 231 PHE A CZ  1 
ATOM   1100 N N   . ILE A 1 139 ? 0.751   7.590   3.613   1.00 26.82 ? 232 ILE A N   1 
ATOM   1101 C CA  . ILE A 1 139 ? 1.181   7.537   5.025   1.00 25.52 ? 232 ILE A CA  1 
ATOM   1102 C C   . ILE A 1 139 ? 0.534   8.522   5.990   1.00 31.20 ? 232 ILE A C   1 
ATOM   1103 O O   . ILE A 1 139 ? -0.014  8.149   7.002   1.00 28.21 ? 232 ILE A O   1 
ATOM   1104 C CB  . ILE A 1 139 ? 2.713   7.550   5.169   1.00 28.01 ? 232 ILE A CB  1 
ATOM   1105 C CG1 . ILE A 1 139 ? 3.377   6.395   4.401   1.00 30.12 ? 232 ILE A CG1 1 
ATOM   1106 C CG2 . ILE A 1 139 ? 3.118   7.520   6.643   1.00 34.46 ? 232 ILE A CG2 1 
ATOM   1107 C CD1 . ILE A 1 139 ? 2.882   4.986   4.735   1.00 29.62 ? 232 ILE A CD1 1 
ATOM   1108 N N   . ARG A 1 140 ? 0.517   9.794   5.642   1.00 30.71 ? 233 ARG A N   1 
ATOM   1109 C CA  . ARG A 1 140 ? -0.196  10.736  6.470   1.00 33.19 ? 233 ARG A CA  1 
ATOM   1110 C C   . ARG A 1 140 ? -1.702  10.487  6.510   1.00 31.41 ? 233 ARG A C   1 
ATOM   1111 O O   . ARG A 1 140 ? -2.245  10.441  7.550   1.00 31.73 ? 233 ARG A O   1 
ATOM   1112 C CB  . ARG A 1 140 ? 0.147   12.177  6.058   1.00 36.84 ? 233 ARG A CB  1 
ATOM   1113 C CG  . ARG A 1 140 ? -0.557  13.227  6.916   1.00 44.09 ? 233 ARG A CG  1 
ATOM   1114 C CD  . ARG A 1 140 ? -0.252  13.023  8.395   1.00 58.34 ? 233 ARG A CD  1 
ATOM   1115 N NE  . ARG A 1 140 ? 1.182   12.860  8.723   1.00 63.30 ? 233 ARG A NE  1 
ATOM   1116 C CZ  . ARG A 1 140 ? 1.658   12.630  9.953   1.00 75.73 ? 233 ARG A CZ  1 
ATOM   1117 N NH1 . ARG A 1 140 ? 0.842   12.509  11.016  1.00 82.21 ? 233 ARG A NH1 1 
ATOM   1118 N NH2 . ARG A 1 140 ? 2.970   12.521  10.133  1.00 82.22 ? 233 ARG A NH2 1 
ATOM   1119 N N   . PRO A 1 141 ? -2.396  10.333  5.351   1.00 29.89 ? 234 PRO A N   1 
ATOM   1120 C CA  . PRO A 1 141 ? -3.763  9.973   5.445   1.00 31.96 ? 234 PRO A CA  1 
ATOM   1121 C C   . PRO A 1 141 ? -4.005  8.725   6.316   1.00 31.58 ? 234 PRO A C   1 
ATOM   1122 O O   . PRO A 1 141 ? -5.020  8.640   7.031   1.00 31.41 ? 234 PRO A O   1 
ATOM   1123 C CB  . PRO A 1 141 ? -4.176  9.720   3.989   1.00 31.07 ? 234 PRO A CB  1 
ATOM   1124 C CG  . PRO A 1 141 ? -3.217  10.515  3.193   1.00 33.18 ? 234 PRO A CG  1 
ATOM   1125 C CD  . PRO A 1 141 ? -1.953  10.556  3.971   1.00 30.62 ? 234 PRO A CD  1 
ATOM   1126 N N   . LEU A 1 142 ? -3.137  7.722   6.221   1.00 31.13 ? 235 LEU A N   1 
ATOM   1127 C CA  . LEU A 1 142 ? -3.297  6.522   7.087   1.00 28.78 ? 235 LEU A CA  1 
ATOM   1128 C C   . LEU A 1 142 ? -3.170  6.796   8.594   1.00 30.61 ? 235 LEU A C   1 
ATOM   1129 O O   . LEU A 1 142 ? -3.983  6.309   9.405   1.00 29.29 ? 235 LEU A O   1 
ATOM   1130 C CB  . LEU A 1 142 ? -2.335  5.381   6.692   1.00 27.08 ? 235 LEU A CB  1 
ATOM   1131 C CG  . LEU A 1 142 ? -2.264  4.132   7.586   1.00 28.45 ? 235 LEU A CG  1 
ATOM   1132 C CD1 . LEU A 1 142 ? -3.558  3.393   7.608   1.00 29.22 ? 235 LEU A CD1 1 
ATOM   1133 C CD2 . LEU A 1 142 ? -1.103  3.187   7.199   1.00 29.58 ? 235 LEU A CD2 1 
ATOM   1134 N N   . ARG A 1 143 ? -2.153  7.532   8.948   1.00 31.85 ? 236 ARG A N   1 
ATOM   1135 C CA  . ARG A 1 143 ? -1.950  7.934   10.351  1.00 33.31 ? 236 ARG A CA  1 
ATOM   1136 C C   . ARG A 1 143 ? -3.171  8.714   10.820  1.00 32.41 ? 236 ARG A C   1 
ATOM   1137 O O   . ARG A 1 143 ? -3.695  8.443   11.881  1.00 34.22 ? 236 ARG A O   1 
ATOM   1138 C CB  . ARG A 1 143 ? -0.710  8.769   10.501  1.00 31.21 ? 236 ARG A CB  1 
ATOM   1139 C CG  . ARG A 1 143 ? 0.591   8.018   10.335  1.00 34.33 ? 236 ARG A CG  1 
ATOM   1140 C CD  . ARG A 1 143 ? 1.780   8.943   10.470  1.00 39.64 ? 236 ARG A CD  1 
ATOM   1141 N NE  . ARG A 1 143 ? 3.041   8.213   10.316  1.00 38.23 ? 236 ARG A NE  1 
ATOM   1142 C CZ  . ARG A 1 143 ? 4.182   8.702   9.776   1.00 39.51 ? 236 ARG A CZ  1 
ATOM   1143 N NH1 . ARG A 1 143 ? 4.248   9.954   9.364   1.00 35.90 ? 236 ARG A NH1 1 
ATOM   1144 N NH2 . ARG A 1 143 ? 5.265   7.938   9.639   1.00 37.62 ? 236 ARG A NH2 1 
ATOM   1145 N N   . ASP A 1 144 ? -3.697  9.616   9.985   1.00 37.46 ? 237 ASP A N   1 
ATOM   1146 C CA  . ASP A 1 144 ? -4.910  10.366  10.369  1.00 38.66 ? 237 ASP A CA  1 
ATOM   1147 C C   . ASP A 1 144 ? -6.158  9.495   10.482  1.00 41.30 ? 237 ASP A C   1 
ATOM   1148 O O   . ASP A 1 144 ? -6.991  9.699   11.348  1.00 38.94 ? 237 ASP A O   1 
ATOM   1149 C CB  . ASP A 1 144 ? -5.153  11.526  9.385   1.00 38.93 ? 237 ASP A CB  1 
ATOM   1150 C CG  . ASP A 1 144 ? -4.075  12.645  9.485   1.00 46.83 ? 237 ASP A CG  1 
ATOM   1151 O OD1 . ASP A 1 144 ? -3.166  12.620  10.373  1.00 45.33 ? 237 ASP A OD1 1 
ATOM   1152 O OD2 . ASP A 1 144 ? -4.094  13.512  8.594   1.00 52.68 ? 237 ASP A OD2 1 
ATOM   1153 N N   . TRP A 1 145 ? -6.300  8.529   9.580   1.00 33.69 ? 238 TRP A N   1 
ATOM   1154 C CA  . TRP A 1 145 ? -7.386  7.595   9.617   1.00 35.01 ? 238 TRP A CA  1 
ATOM   1155 C C   . TRP A 1 145 ? -7.323  6.709   10.854  1.00 35.77 ? 238 TRP A C   1 
ATOM   1156 O O   . TRP A 1 145 ? -8.351  6.493   11.522  1.00 39.18 ? 238 TRP A O   1 
ATOM   1157 C CB  . TRP A 1 145 ? -7.420  6.804   8.303   1.00 34.45 ? 238 TRP A CB  1 
ATOM   1158 C CG  . TRP A 1 145 ? -8.646  5.909   8.139   1.00 36.48 ? 238 TRP A CG  1 
ATOM   1159 C CD1 . TRP A 1 145 ? -9.743  6.150   7.322   1.00 40.18 ? 238 TRP A CD1 1 
ATOM   1160 C CD2 . TRP A 1 145 ? -8.875  4.630   8.738   1.00 36.93 ? 238 TRP A CD2 1 
ATOM   1161 N NE1 . TRP A 1 145 ? -10.616 5.117   7.384   1.00 39.97 ? 238 TRP A NE1 1 
ATOM   1162 C CE2 . TRP A 1 145 ? -10.138 4.179   8.267   1.00 42.75 ? 238 TRP A CE2 1 
ATOM   1163 C CE3 . TRP A 1 145 ? -8.163  3.826   9.615   1.00 34.27 ? 238 TRP A CE3 1 
ATOM   1164 C CZ2 . TRP A 1 145 ? -10.668 2.963   8.643   1.00 39.22 ? 238 TRP A CZ2 1 
ATOM   1165 C CZ3 . TRP A 1 145 ? -8.686  2.604   9.975   1.00 35.08 ? 238 TRP A CZ3 1 
ATOM   1166 C CH2 . TRP A 1 145 ? -9.935  2.189   9.496   1.00 39.30 ? 238 TRP A CH2 1 
ATOM   1167 N N   . LEU A 1 146 ? -6.119  6.261   11.241  1.00 33.57 ? 239 LEU A N   1 
ATOM   1168 C CA  . LEU A 1 146 ? -5.976  5.391   12.421  1.00 34.60 ? 239 LEU A CA  1 
ATOM   1169 C C   . LEU A 1 146 ? -6.263  6.134   13.759  1.00 39.24 ? 239 LEU A C   1 
ATOM   1170 O O   . LEU A 1 146 ? -6.841  5.561   14.672  1.00 38.49 ? 239 LEU A O   1 
ATOM   1171 C CB  . LEU A 1 146 ? -4.599  4.778   12.518  1.00 33.49 ? 239 LEU A CB  1 
ATOM   1172 C CG  . LEU A 1 146 ? -4.320  3.745   11.413  1.00 32.46 ? 239 LEU A CG  1 
ATOM   1173 C CD1 . LEU A 1 146 ? -2.844  3.400   11.342  1.00 29.87 ? 239 LEU A CD1 1 
ATOM   1174 C CD2 . LEU A 1 146 ? -5.107  2.491   11.648  1.00 32.63 ? 239 LEU A CD2 1 
ATOM   1175 N N   . SER A 1 147 ? -5.849  7.387   13.810  1.00 41.55 ? 240 SER A N   1 
ATOM   1176 C CA  . SER A 1 147 ? -6.205  8.304   14.923  1.00 44.95 ? 240 SER A CA  1 
ATOM   1177 C C   . SER A 1 147 ? -7.700  8.510   15.067  1.00 45.24 ? 240 SER A C   1 
ATOM   1178 O O   . SER A 1 147 ? -8.206  8.368   16.156  1.00 49.00 ? 240 SER A O   1 
ATOM   1179 C CB  . SER A 1 147 ? -5.531  9.649   14.736  1.00 45.46 ? 240 SER A CB  1 
ATOM   1180 O OG  . SER A 1 147 ? -4.165  9.427   14.919  1.00 52.44 ? 240 SER A OG  1 
ATOM   1181 N N   . ARG A 1 148 ? -8.421  8.792   13.987  1.00 45.02 ? 241 ARG A N   1 
ATOM   1182 C CA  . ARG A 1 148 ? -9.864  8.920   14.081  1.00 50.27 ? 241 ARG A CA  1 
ATOM   1183 C C   . ARG A 1 148 ? -10.590 7.595   14.485  1.00 63.86 ? 241 ARG A C   1 
ATOM   1184 O O   . ARG A 1 148 ? -11.438 7.609   15.386  1.00 68.32 ? 241 ARG A O   1 
ATOM   1185 C CB  . ARG A 1 148 ? -10.471 9.503   12.787  1.00 55.05 ? 241 ARG A CB  1 
ATOM   1186 C CG  . ARG A 1 148 ? -9.980  10.901  12.413  1.00 58.63 ? 241 ARG A CG  1 
ATOM   1187 N N   . ARG A 1 149 ? -10.240 6.492   13.823  0.50 62.83 ? 242 ARG A N   1 
ATOM   1188 C CA  . ARG A 1 149 ? -10.897 5.196   14.020  0.50 65.07 ? 242 ARG A CA  1 
ATOM   1189 C C   . ARG A 1 149 ? -10.589 4.524   15.351  0.50 67.68 ? 242 ARG A C   1 
ATOM   1190 O O   . ARG A 1 149 ? -11.486 3.959   15.977  0.50 71.97 ? 242 ARG A O   1 
ATOM   1191 C CB  . ARG A 1 149 ? -10.499 4.234   12.906  0.50 68.53 ? 242 ARG A CB  1 
ATOM   1192 C CG  . ARG A 1 149 ? -10.919 2.797   13.173  0.50 69.24 ? 242 ARG A CG  1 
ATOM   1193 C CD  . ARG A 1 149 ? -12.424 2.691   13.311  0.50 70.64 ? 242 ARG A CD  1 
ATOM   1194 N NE  . ARG A 1 149 ? -13.115 3.355   12.211  0.50 71.65 ? 242 ARG A NE  1 
ATOM   1195 C CZ  . ARG A 1 149 ? -13.604 2.719   11.155  0.50 68.08 ? 242 ARG A CZ  1 
ATOM   1196 N NH1 . ARG A 1 149 ? -14.218 3.397   10.195  0.50 68.99 ? 242 ARG A NH1 1 
ATOM   1197 N NH2 . ARG A 1 149 ? -13.472 1.402   11.068  0.50 65.96 ? 242 ARG A NH2 1 
ATOM   1198 N N   . PHE A 1 150 ? -9.327  4.574   15.770  1.00 68.68 ? 243 PHE A N   1 
ATOM   1199 C CA  . PHE A 1 150 ? -8.868  3.909   17.004  1.00 62.64 ? 243 PHE A CA  1 
ATOM   1200 C C   . PHE A 1 150 ? -8.496  4.866   18.129  1.00 74.89 ? 243 PHE A C   1 
ATOM   1201 O O   . PHE A 1 150 ? -8.960  4.691   19.259  1.00 86.42 ? 243 PHE A O   1 
ATOM   1202 C CB  . PHE A 1 150 ? -7.687  2.998   16.686  1.00 57.62 ? 243 PHE A CB  1 
ATOM   1203 C CG  . PHE A 1 150 ? -8.034  1.869   15.755  1.00 67.34 ? 243 PHE A CG  1 
ATOM   1204 C CD1 . PHE A 1 150 ? -8.561  0.689   16.245  1.00 69.63 ? 243 PHE A CD1 1 
ATOM   1205 C CD2 . PHE A 1 150 ? -7.856  1.977   14.400  1.00 55.58 ? 243 PHE A CD2 1 
ATOM   1206 C CE1 . PHE A 1 150 ? -8.889  -0.368  15.404  1.00 72.30 ? 243 PHE A CE1 1 
ATOM   1207 C CE2 . PHE A 1 150 ? -8.200  0.933   13.551  1.00 62.81 ? 243 PHE A CE2 1 
ATOM   1208 C CZ  . PHE A 1 150 ? -8.713  -0.243  14.046  1.00 63.94 ? 243 PHE A CZ  1 
ATOM   1209 N N   . GLY A 1 151 ? -7.628  5.843   17.849  1.00 85.79 ? 244 GLY A N   1 
ATOM   1210 C CA  . GLY A 1 151 ? -7.111  6.774   18.874  1.00 72.76 ? 244 GLY A CA  1 
ATOM   1211 C C   . GLY A 1 151 ? -6.201  6.077   19.866  1.00 78.84 ? 244 GLY A C   1 
ATOM   1212 O O   . GLY A 1 151 ? -5.368  6.699   20.523  1.00 84.73 ? 244 GLY A O   1 
HETATM 1213 C C1  . EDO B 2 .   ? -8.944  -13.415 -4.604  1.00 68.29 ? 301 EDO A C1  1 
HETATM 1214 O O1  . EDO B 2 .   ? -8.125  -14.522 -5.011  1.00 74.76 ? 301 EDO A O1  1 
HETATM 1215 C C2  . EDO B 2 .   ? -9.134  -13.513 -3.096  1.00 70.99 ? 301 EDO A C2  1 
HETATM 1216 O O2  . EDO B 2 .   ? -10.538 -13.536 -2.760  1.00 62.58 ? 301 EDO A O2  1 
HETATM 1217 C C1  . EDO C 2 .   ? 15.637  4.290   -4.300  1.00 57.61 ? 302 EDO A C1  1 
HETATM 1218 O O1  . EDO C 2 .   ? 14.442  4.899   -4.907  1.00 58.57 ? 302 EDO A O1  1 
HETATM 1219 C C2  . EDO C 2 .   ? 16.442  5.306   -3.502  1.00 59.49 ? 302 EDO A C2  1 
HETATM 1220 O O2  . EDO C 2 .   ? 16.489  5.098   -2.061  1.00 65.74 ? 302 EDO A O2  1 
HETATM 1221 S S   . DMS D 3 .   ? 8.385   -5.273  11.924  1.00 74.14 ? 303 DMS A S   1 
HETATM 1222 O O   . DMS D 3 .   ? 8.592   -4.083  11.077  1.00 54.86 ? 303 DMS A O   1 
HETATM 1223 C C1  . DMS D 3 .   ? 9.647   -6.394  11.607  1.00 66.18 ? 303 DMS A C1  1 
HETATM 1224 C C2  . DMS D 3 .   ? 8.597   -4.821  13.559  1.00 70.46 ? 303 DMS A C2  1 
HETATM 1225 C C   . ACT E 4 .   ? 16.481  -1.826  -10.030 1.00 57.29 ? 304 ACT A C   1 
HETATM 1226 O O   . ACT E 4 .   ? 15.770  -1.384  -10.973 1.00 70.25 ? 304 ACT A O   1 
HETATM 1227 O OXT . ACT E 4 .   ? 15.930  -2.477  -9.165  1.00 54.97 ? 304 ACT A OXT 1 
HETATM 1228 C CH3 . ACT E 4 .   ? 17.995  -1.644  -9.908  1.00 60.04 ? 304 ACT A CH3 1 
HETATM 1229 C C   . ACT F 4 .   ? 11.860  7.484   -6.683  1.00 50.55 ? 305 ACT A C   1 
HETATM 1230 O O   . ACT F 4 .   ? 11.912  8.052   -5.588  1.00 44.88 ? 305 ACT A O   1 
HETATM 1231 O OXT . ACT F 4 .   ? 12.453  6.370   -6.840  1.00 71.13 ? 305 ACT A OXT 1 
HETATM 1232 C CH3 . ACT F 4 .   ? 11.201  8.184   -7.837  1.00 53.80 ? 305 ACT A CH3 1 
HETATM 1233 N N1  . LH7 G 5 .   ? 7.235   1.500   -7.914  0.41 79.15 ? 306 LH7 A N1  1 
HETATM 1234 N N3  . LH7 G 5 .   ? 4.272   -0.449  -5.814  0.41 66.92 ? 306 LH7 A N3  1 
HETATM 1235 C C4  . LH7 G 5 .   ? 6.464   0.685   -7.224  0.41 77.91 ? 306 LH7 A C4  1 
HETATM 1236 C C5  . LH7 G 5 .   ? 7.033   3.009   -9.825  0.41 81.20 ? 306 LH7 A C5  1 
HETATM 1237 C C6  . LH7 G 5 .   ? 6.198   4.211   -10.290 0.41 80.87 ? 306 LH7 A C6  1 
HETATM 1238 C C7  . LH7 G 5 .   ? 7.123   5.027   -11.154 0.41 82.05 ? 306 LH7 A C7  1 
HETATM 1239 C C8  . LH7 G 5 .   ? 8.247   3.701   -9.186  0.41 82.15 ? 306 LH7 A C8  1 
HETATM 1240 C C10 . LH7 G 5 .   ? 4.681   -1.780  -5.378  0.41 64.40 ? 306 LH7 A C10 1 
HETATM 1241 C C13 . LH7 G 5 .   ? 2.321   -4.128  -7.195  0.41 59.01 ? 306 LH7 A C13 1 
HETATM 1242 C C15 . LH7 G 5 .   ? 4.568   -4.781  -7.712  0.41 56.05 ? 306 LH7 A C15 1 
HETATM 1243 C C1  . LH7 G 5 .   ? 3.993   1.919   -9.651  0.41 76.54 ? 306 LH7 A C1  1 
HETATM 1244 C C11 . LH7 G 5 .   ? 4.167   -2.900  -6.248  0.41 59.89 ? 306 LH7 A C11 1 
HETATM 1245 C C12 . LH7 G 5 .   ? 2.805   -3.111  -6.387  0.41 58.47 ? 306 LH7 A C12 1 
HETATM 1246 C C14 . LH7 G 5 .   ? 3.218   -4.943  -7.825  0.41 56.61 ? 306 LH7 A C14 1 
HETATM 1247 C C16 . LH7 G 5 .   ? 5.036   -3.750  -6.911  0.41 57.81 ? 306 LH7 A C16 1 
HETATM 1248 C C2  . LH7 G 5 .   ? 5.126   1.538   -8.763  0.41 77.23 ? 306 LH7 A C2  1 
HETATM 1249 C C3  . LH7 G 5 .   ? 5.150   0.654   -7.687  0.41 76.29 ? 306 LH7 A C3  1 
HETATM 1250 C C9  . LH7 G 5 .   ? 4.070   -0.133  -7.099  0.41 70.32 ? 306 LH7 A C9  1 
HETATM 1251 F F1  . LH7 G 5 .   ? 2.743   -5.953  -8.608  0.41 50.92 ? 306 LH7 A F1  1 
HETATM 1252 N N2  . LH7 G 5 .   ? 6.427   2.049   -8.880  0.41 78.31 ? 306 LH7 A N2  1 
HETATM 1253 O O1  . LH7 G 5 .   ? 8.767   6.262   -9.526  0.41 86.20 ? 306 LH7 A O1  1 
HETATM 1254 O O2  . LH7 G 5 .   ? 9.726   4.676   -11.131 0.41 82.84 ? 306 LH7 A O2  1 
HETATM 1255 O O3  . LH7 G 5 .   ? 3.091   -0.508  -7.755  0.41 65.57 ? 306 LH7 A O3  1 
HETATM 1256 S S1  . LH7 G 5 .   ? 8.638   5.040   -10.268 0.41 86.83 ? 306 LH7 A S1  1 
HETATM 1257 O O   . HOH H 6 .   ? -12.931 5.256   5.301   1.00 44.37 ? 401 HOH A O   1 
HETATM 1258 O O   . HOH H 6 .   ? -16.312 -8.321  -9.408  1.00 48.04 ? 402 HOH A O   1 
HETATM 1259 O O   . HOH H 6 .   ? 11.211  -12.764 -7.349  1.00 52.36 ? 403 HOH A O   1 
HETATM 1260 O O   . HOH H 6 .   ? -0.881  -8.561  -9.032  1.00 48.01 ? 404 HOH A O   1 
HETATM 1261 O O   . HOH H 6 .   ? 15.512  5.259   0.272   1.00 38.28 ? 405 HOH A O   1 
HETATM 1262 O O   . HOH H 6 .   ? -0.201  3.124   14.511  1.00 41.40 ? 406 HOH A O   1 
HETATM 1263 O O   . HOH H 6 .   ? 1.807   15.890  -11.602 1.00 43.23 ? 407 HOH A O   1 
HETATM 1264 O O   . HOH H 6 .   ? 4.763   -12.307 8.166   1.00 51.53 ? 408 HOH A O   1 
HETATM 1265 O O   . HOH H 6 .   ? -15.577 -8.589  4.073   1.00 49.08 ? 409 HOH A O   1 
HETATM 1266 O O   . HOH H 6 .   ? -13.374 0.906   -10.806 1.00 47.44 ? 410 HOH A O   1 
HETATM 1267 O O   . HOH H 6 .   ? 14.596  -4.268  -10.483 1.00 38.71 ? 411 HOH A O   1 
HETATM 1268 O O   . HOH H 6 .   ? -10.475 7.564   3.768   1.00 46.51 ? 412 HOH A O   1 
HETATM 1269 O O   . HOH H 6 .   ? 17.944  9.365   -1.604  1.00 49.84 ? 413 HOH A O   1 
HETATM 1270 O O   . HOH H 6 .   ? 14.167  -7.098  -0.744  1.00 41.37 ? 414 HOH A O   1 
HETATM 1271 O O   . HOH H 6 .   ? -1.193  12.272  0.108   1.00 38.14 ? 415 HOH A O   1 
HETATM 1272 O O   . HOH H 6 .   ? 13.342  -4.421  -6.899  1.00 30.95 ? 416 HOH A O   1 
HETATM 1273 O O   . HOH H 6 .   ? 1.987   0.292   -4.744  1.00 32.86 ? 417 HOH A O   1 
HETATM 1274 O O   . HOH H 6 .   ? -12.497 -10.378 -9.975  1.00 51.95 ? 418 HOH A O   1 
HETATM 1275 O O   . HOH H 6 .   ? -16.176 -0.042  -0.824  1.00 46.54 ? 419 HOH A O   1 
HETATM 1276 O O   . HOH H 6 .   ? -18.970 -4.720  -11.426 1.00 65.65 ? 420 HOH A O   1 
HETATM 1277 O O   . HOH H 6 .   ? 21.387  26.313  -7.772  1.00 34.65 ? 421 HOH A O   1 
HETATM 1278 O O   . HOH H 6 .   ? 7.047   -1.312  14.611  1.00 48.58 ? 422 HOH A O   1 
HETATM 1279 O O   . HOH H 6 .   ? 15.071  20.314  -3.636  1.00 39.42 ? 423 HOH A O   1 
HETATM 1280 O O   . HOH H 6 .   ? -14.305 -18.018 4.342   1.00 47.96 ? 424 HOH A O   1 
HETATM 1281 O O   . HOH H 6 .   ? 11.716  11.894  3.950   1.00 46.12 ? 425 HOH A O   1 
HETATM 1282 O O   . HOH H 6 .   ? -3.950  13.194  5.938   1.00 64.79 ? 426 HOH A O   1 
HETATM 1283 O O   . HOH H 6 .   ? -6.619  -10.760 -0.970  1.00 33.93 ? 427 HOH A O   1 
HETATM 1284 O O   . HOH H 6 .   ? 1.608   6.162   -4.891  1.00 46.88 ? 428 HOH A O   1 
HETATM 1285 O O   . HOH H 6 .   ? -7.227  10.072  6.396   1.00 39.15 ? 429 HOH A O   1 
HETATM 1286 O O   . HOH H 6 .   ? 6.337   -1.310  20.705  1.00 41.15 ? 430 HOH A O   1 
HETATM 1287 O O   . HOH H 6 .   ? 1.754   11.123  3.310   1.00 29.86 ? 431 HOH A O   1 
HETATM 1288 O O   . HOH H 6 .   ? -11.240 -11.245 -5.929  1.00 39.47 ? 432 HOH A O   1 
HETATM 1289 O O   . HOH H 6 .   ? 11.140  -4.433  6.981   1.00 33.78 ? 433 HOH A O   1 
HETATM 1290 O O   . HOH H 6 .   ? -7.309  -15.122 4.571   1.00 38.09 ? 434 HOH A O   1 
HETATM 1291 O O   . HOH H 6 .   ? -0.653  -3.787  2.810   1.00 24.33 ? 435 HOH A O   1 
HETATM 1292 O O   . HOH H 6 .   ? -8.469  6.359   -12.330 1.00 48.28 ? 436 HOH A O   1 
HETATM 1293 O O   . HOH H 6 .   ? 11.771  12.589  -8.389  1.00 52.16 ? 437 HOH A O   1 
HETATM 1294 O O   . HOH H 6 .   ? -2.570  11.510  12.802  1.00 64.19 ? 438 HOH A O   1 
HETATM 1295 O O   . HOH H 6 .   ? -10.422 -1.799  -16.647 1.00 55.74 ? 439 HOH A O   1 
HETATM 1296 O O   . HOH H 6 .   ? 5.177   -4.495  19.566  1.00 54.75 ? 440 HOH A O   1 
HETATM 1297 O O   . HOH H 6 .   ? -11.383 -2.599  4.613   1.00 27.74 ? 441 HOH A O   1 
HETATM 1298 O O   . HOH H 6 .   ? 11.533  -16.026 -19.179 1.00 44.01 ? 442 HOH A O   1 
HETATM 1299 O O   . HOH H 6 .   ? 14.866  -2.467  0.496   1.00 35.07 ? 443 HOH A O   1 
HETATM 1300 O O   . HOH H 6 .   ? -10.905 -4.742  7.942   1.00 27.17 ? 444 HOH A O   1 
HETATM 1301 O O   . HOH H 6 .   ? 6.183   -4.108  16.259  1.00 58.48 ? 445 HOH A O   1 
HETATM 1302 O O   . HOH H 6 .   ? -5.091  14.187  -9.942  1.00 44.00 ? 446 HOH A O   1 
HETATM 1303 O O   . HOH H 6 .   ? -16.442 -13.354 2.140   1.00 63.31 ? 447 HOH A O   1 
HETATM 1304 O O   . HOH H 6 .   ? 8.161   2.938   -3.923  1.00 29.04 ? 448 HOH A O   1 
HETATM 1305 O O   . HOH H 6 .   ? 1.921   -8.755  -9.505  1.00 49.31 ? 449 HOH A O   1 
HETATM 1306 O O   . HOH H 6 .   ? 4.630   2.494   14.106  1.00 34.41 ? 450 HOH A O   1 
HETATM 1307 O O   . HOH H 6 .   ? -5.201  -16.085 3.133   1.00 35.14 ? 451 HOH A O   1 
HETATM 1308 O O   . HOH H 6 .   ? -11.011 -2.064  8.448   1.00 34.72 ? 452 HOH A O   1 
HETATM 1309 O O   . HOH H 6 .   ? -11.131 -10.369 -12.835 1.00 55.46 ? 453 HOH A O   1 
HETATM 1310 O O   . HOH H 6 .   ? 3.639   13.474  0.764   1.00 57.36 ? 454 HOH A O   1 
HETATM 1311 O O   . HOH H 6 .   ? -10.576 -13.888 3.454   1.00 35.34 ? 455 HOH A O   1 
HETATM 1312 O O   . HOH H 6 .   ? -1.946  7.340   13.866  1.00 39.34 ? 456 HOH A O   1 
HETATM 1313 O O   . HOH H 6 .   ? -0.951  1.093   18.404  1.00 45.86 ? 457 HOH A O   1 
HETATM 1314 O O   . HOH H 6 .   ? -16.823 -2.960  -4.343  1.00 45.91 ? 458 HOH A O   1 
HETATM 1315 O O   . HOH H 6 .   ? -3.213  -14.849 9.203   1.00 47.02 ? 459 HOH A O   1 
HETATM 1316 O O   . HOH H 6 .   ? 8.759   -8.492  7.664   1.00 34.12 ? 460 HOH A O   1 
HETATM 1317 O O   . HOH H 6 .   ? -7.178  12.318  12.566  1.00 58.72 ? 461 HOH A O   1 
HETATM 1318 O O   . HOH H 6 .   ? -10.133 8.416   1.141   1.00 44.27 ? 462 HOH A O   1 
HETATM 1319 O O   . HOH H 6 .   ? 13.591  17.703  2.950   1.00 62.93 ? 463 HOH A O   1 
HETATM 1320 O O   . HOH H 6 .   ? -9.852  10.530  -14.685 1.00 65.75 ? 464 HOH A O   1 
HETATM 1321 O O   . HOH H 6 .   ? 1.817   -18.731 10.466  1.00 61.03 ? 465 HOH A O   1 
HETATM 1322 O O   . HOH H 6 .   ? 15.007  -5.299  2.472   1.00 53.41 ? 466 HOH A O   1 
HETATM 1323 O O   . HOH H 6 .   ? -14.917 -9.236  -0.146  1.00 55.62 ? 467 HOH A O   1 
HETATM 1324 O O   . HOH H 6 .   ? 1.549   2.094   -2.662  1.00 27.93 ? 468 HOH A O   1 
HETATM 1325 O O   . HOH H 6 .   ? -18.355 -4.194  4.603   1.00 45.32 ? 469 HOH A O   1 
HETATM 1326 O O   . HOH H 6 .   ? -1.859  -3.699  -12.320 1.00 46.29 ? 470 HOH A O   1 
HETATM 1327 O O   . HOH H 6 .   ? -6.288  12.782  -3.854  1.00 41.99 ? 471 HOH A O   1 
HETATM 1328 O O   . HOH H 6 .   ? 10.500  -0.633  9.890   1.00 26.83 ? 472 HOH A O   1 
HETATM 1329 O O   . HOH H 6 .   ? -10.170 -6.748  -18.043 1.00 58.64 ? 473 HOH A O   1 
HETATM 1330 O O   . HOH H 6 .   ? -13.459 -9.038  -1.852  1.00 47.78 ? 474 HOH A O   1 
HETATM 1331 O O   . HOH H 6 .   ? 0.019   -18.239 7.472   1.00 54.00 ? 475 HOH A O   1 
HETATM 1332 O O   . HOH H 6 .   ? -13.199 -11.512 -3.549  1.00 56.75 ? 476 HOH A O   1 
HETATM 1333 O O   . HOH H 6 .   ? 13.983  -0.539  -3.150  1.00 56.39 ? 477 HOH A O   1 
HETATM 1334 O O   . HOH H 6 .   ? 12.988  6.853   4.360   1.00 32.88 ? 478 HOH A O   1 
HETATM 1335 O O   . HOH H 6 .   ? -7.294  10.127  1.573   1.00 55.06 ? 479 HOH A O   1 
HETATM 1336 O O   . HOH H 6 .   ? -15.124 6.985   3.320   1.00 57.72 ? 480 HOH A O   1 
HETATM 1337 O O   . HOH H 6 .   ? 11.906  2.509   7.373   1.00 45.76 ? 481 HOH A O   1 
HETATM 1338 O O   . HOH H 6 .   ? -6.601  12.609  5.685   1.00 51.51 ? 482 HOH A O   1 
HETATM 1339 O O   . HOH H 6 .   ? -2.797  -16.889 4.534   1.00 47.86 ? 483 HOH A O   1 
HETATM 1340 O O   . HOH H 6 .   ? -8.250  9.621   4.434   1.00 52.99 ? 484 HOH A O   1 
HETATM 1341 O O   . HOH H 6 .   ? -6.148  -18.349 1.376   1.00 47.09 ? 485 HOH A O   1 
# 
